data_8EKL
#
_entry.id   8EKL
#
_cell.length_a   1.00
_cell.length_b   1.00
_cell.length_c   1.00
_cell.angle_alpha   90.00
_cell.angle_beta   90.00
_cell.angle_gamma   90.00
#
_symmetry.space_group_name_H-M   'P 1'
#
loop_
_entity.id
_entity.type
_entity.pdbx_description
1 polymer 'ADP-ribosyltransferase binding component'
2 non-polymer 'CALCIUM ION'
#
_entity_poly.entity_id   1
_entity_poly.type   'polypeptide(L)'
_entity_poly.pdbx_seq_one_letter_code
;LMSDWEDEDLDTDNDNIPDSYERNGYTIKDLIAVKWEDSFAEQGYKKYVSNYLESNTAGDPYTDYEKASGSFDKAIKTEA
RDPLVAAYPIVGVGMEKLIISTNEHASTDQGKTVSRATTNSKTESNTAGVSVNVGYQNGFTANVTTNYSHTTDNSTAVQD
SNGESWNTGLSINKGESAYINANVRYYNTGTAPMYKVTPTTNLVLDGDTLSTIKAQENQIGNNLSPGDTYPKKGLSPLAL
NTMDQFSSRLIPINYDQLKKLDAGKQIKLETTQVSGNFGTKNSSGQIVTEGNSWSDYISQIDSISASIILDTENESYERR
VTAKNLQDPEDKTPELTIGEAIEKAFGATKKDGLLYFNDIPIDESCVELIFDDNTANKIKDSLKTLSDKKIYNVKLERGM
NILIKTPTYFTNFDDYNNYPSTWSNVNTTNQDGLQGSANKLNGETKIKIPMSELKPYKRYVFSGYSKDPLTSNSIIVKIK
AKEEKTDYLVPEQGYTKFSYEFETTEKDSSNIEITLIGSGTTYLDNLSITELNSTPEILDEPEVKIPTDQEIMDAHKIYF
ADLNFNPSTGNTYINGMYFAPTQTNKEALDYIQKYRVEATLQYSGFKDIGTKDKEMRNYLGDPNQPKTNYVNLRSYFTGG
ENIMTYKKLRIYAITPDDRELLVLSVD
;
_entity_poly.pdbx_strand_id   A,B,C,D,E,F,G
#
loop_
_chem_comp.id
_chem_comp.type
_chem_comp.name
_chem_comp.formula
CA non-polymer 'CALCIUM ION' 'Ca 2'
#
# COMPACT_ATOMS: atom_id res chain seq x y z
N GLU A 8 41.53 -23.97 -21.35
CA GLU A 8 42.52 -22.89 -21.35
C GLU A 8 41.98 -21.65 -20.64
N ASP A 9 41.40 -20.72 -21.40
CA ASP A 9 40.77 -19.53 -20.85
C ASP A 9 39.30 -19.43 -21.24
N LEU A 10 38.76 -20.44 -21.93
CA LEU A 10 37.36 -20.42 -22.33
C LEU A 10 36.46 -20.59 -21.12
N ASP A 11 35.43 -19.75 -21.03
CA ASP A 11 34.46 -19.79 -19.95
C ASP A 11 33.06 -19.79 -20.55
N THR A 12 32.24 -20.76 -20.13
CA THR A 12 30.93 -20.98 -20.74
C THR A 12 29.78 -20.57 -19.84
N ASP A 13 29.75 -21.06 -18.59
CA ASP A 13 28.67 -20.72 -17.67
C ASP A 13 28.72 -19.26 -17.22
N ASN A 14 29.80 -18.54 -17.56
CA ASN A 14 29.94 -17.10 -17.31
C ASN A 14 30.06 -16.77 -15.83
N ASP A 15 30.70 -17.63 -15.05
CA ASP A 15 31.28 -17.23 -13.78
C ASP A 15 32.73 -16.83 -14.05
N ASN A 16 33.53 -16.67 -12.99
CA ASN A 16 34.92 -16.26 -13.15
C ASN A 16 35.88 -17.43 -13.10
N ILE A 17 35.42 -18.65 -13.39
CA ILE A 17 36.23 -19.85 -13.37
C ILE A 17 36.16 -20.48 -14.76
N PRO A 18 37.29 -20.78 -15.39
CA PRO A 18 37.26 -21.37 -16.74
C PRO A 18 36.73 -22.79 -16.72
N ASP A 19 36.55 -23.33 -17.93
CA ASP A 19 36.00 -24.68 -18.07
C ASP A 19 36.97 -25.73 -17.53
N SER A 20 38.25 -25.66 -17.95
CA SER A 20 39.21 -26.68 -17.56
C SER A 20 39.47 -26.66 -16.07
N TYR A 21 39.48 -25.47 -15.46
CA TYR A 21 39.69 -25.39 -14.02
C TYR A 21 38.56 -26.09 -13.27
N GLU A 22 37.31 -25.85 -13.69
CA GLU A 22 36.17 -26.51 -13.04
C GLU A 22 36.19 -28.01 -13.28
N ARG A 23 36.59 -28.44 -14.48
CA ARG A 23 36.56 -29.86 -14.82
C ARG A 23 37.64 -30.64 -14.08
N ASN A 24 38.85 -30.09 -14.01
CA ASN A 24 39.97 -30.81 -13.42
C ASN A 24 40.14 -30.51 -11.92
N GLY A 25 40.14 -29.25 -11.55
CA GLY A 25 40.30 -28.86 -10.16
C GLY A 25 40.91 -27.49 -10.01
N TYR A 26 40.42 -26.71 -9.05
CA TYR A 26 40.90 -25.35 -8.87
C TYR A 26 40.80 -24.96 -7.40
N THR A 27 41.55 -23.91 -7.06
CA THR A 27 41.47 -23.31 -5.73
C THR A 27 41.53 -21.80 -5.89
N ILE A 28 40.98 -21.10 -4.91
CA ILE A 28 40.86 -19.64 -4.95
C ILE A 28 41.93 -19.04 -4.05
N LYS A 29 42.74 -18.15 -4.61
CA LYS A 29 43.71 -17.39 -3.83
C LYS A 29 43.84 -16.00 -4.43
N ASP A 30 43.83 -14.99 -3.56
CA ASP A 30 43.84 -13.58 -3.98
C ASP A 30 42.65 -13.27 -4.89
N LEU A 31 41.51 -13.87 -4.57
CA LEU A 31 40.24 -13.62 -5.25
C LEU A 31 40.25 -14.04 -6.72
N ILE A 32 41.19 -14.89 -7.13
CA ILE A 32 41.23 -15.40 -8.50
C ILE A 32 41.36 -16.92 -8.45
N ALA A 33 40.92 -17.57 -9.52
CA ALA A 33 40.95 -19.02 -9.62
C ALA A 33 42.23 -19.46 -10.31
N VAL A 34 42.91 -20.46 -9.71
CA VAL A 34 44.15 -20.99 -10.25
C VAL A 34 44.07 -22.50 -10.27
N LYS A 35 44.93 -23.12 -11.08
CA LYS A 35 44.97 -24.57 -11.16
C LYS A 35 45.40 -25.17 -9.83
N TRP A 36 44.81 -26.31 -9.48
CA TRP A 36 45.10 -26.96 -8.22
C TRP A 36 46.37 -27.79 -8.34
N GLU A 37 47.34 -27.54 -7.47
CA GLU A 37 48.55 -28.34 -7.36
C GLU A 37 48.56 -29.02 -6.00
N ASP A 38 48.99 -30.28 -5.98
CA ASP A 38 48.90 -31.07 -4.75
C ASP A 38 49.77 -30.52 -3.63
N SER A 39 50.74 -29.67 -3.95
CA SER A 39 51.57 -29.04 -2.93
C SER A 39 50.84 -27.95 -2.16
N PHE A 40 49.65 -27.55 -2.62
CA PHE A 40 48.87 -26.52 -1.95
C PHE A 40 48.14 -27.02 -0.72
N ALA A 41 48.00 -28.34 -0.55
CA ALA A 41 47.17 -28.87 0.52
C ALA A 41 47.75 -28.54 1.89
N GLU A 42 49.07 -28.64 2.05
CA GLU A 42 49.69 -28.41 3.35
C GLU A 42 49.61 -26.96 3.80
N GLN A 43 49.29 -26.02 2.89
CA GLN A 43 49.08 -24.64 3.27
C GLN A 43 47.67 -24.39 3.80
N GLY A 44 46.79 -25.38 3.74
CA GLY A 44 45.42 -25.22 4.17
C GLY A 44 44.42 -24.99 3.07
N TYR A 45 44.83 -25.05 1.80
CA TYR A 45 43.92 -24.86 0.69
C TYR A 45 43.09 -26.11 0.44
N LYS A 46 42.03 -25.96 -0.34
CA LYS A 46 41.11 -27.04 -0.65
C LYS A 46 40.94 -27.17 -2.16
N LYS A 47 40.58 -28.37 -2.59
CA LYS A 47 40.37 -28.66 -4.00
C LYS A 47 38.88 -28.61 -4.31
N TYR A 48 38.51 -27.81 -5.31
CA TYR A 48 37.13 -27.62 -5.70
C TYR A 48 36.92 -28.06 -7.14
N VAL A 49 35.83 -28.77 -7.38
CA VAL A 49 35.38 -29.14 -8.71
C VAL A 49 33.92 -28.73 -8.84
N SER A 50 33.54 -28.26 -10.03
CA SER A 50 32.21 -27.70 -10.22
C SER A 50 31.64 -28.22 -11.54
N ASN A 51 30.52 -27.64 -11.94
CA ASN A 51 29.89 -27.93 -13.22
C ASN A 51 30.17 -26.77 -14.16
N TYR A 52 30.85 -27.06 -15.28
CA TYR A 52 31.27 -26.02 -16.20
C TYR A 52 30.19 -25.61 -17.19
N LEU A 53 28.99 -26.17 -17.07
CA LEU A 53 27.86 -25.76 -17.90
C LEU A 53 26.75 -25.11 -17.08
N GLU A 54 26.99 -24.83 -15.81
CA GLU A 54 25.98 -24.25 -14.93
C GLU A 54 26.64 -23.21 -14.03
N SER A 55 25.95 -22.09 -13.83
CA SER A 55 26.46 -21.03 -12.97
C SER A 55 26.18 -21.26 -11.49
N ASN A 56 25.27 -22.20 -11.17
CA ASN A 56 24.95 -22.53 -9.79
C ASN A 56 24.88 -24.06 -9.72
N THR A 57 26.01 -24.68 -9.36
CA THR A 57 26.08 -26.14 -9.37
C THR A 57 25.13 -26.75 -8.35
N ALA A 58 25.07 -26.19 -7.14
CA ALA A 58 24.24 -26.74 -6.08
C ALA A 58 22.80 -26.24 -6.12
N GLY A 59 22.50 -25.21 -6.91
CA GLY A 59 21.18 -24.65 -6.98
C GLY A 59 20.89 -23.54 -5.99
N ASP A 60 21.81 -23.26 -5.08
CA ASP A 60 21.60 -22.18 -4.12
C ASP A 60 21.77 -20.83 -4.81
N PRO A 61 21.31 -19.75 -4.19
CA PRO A 61 21.37 -18.43 -4.85
C PRO A 61 22.78 -17.92 -5.13
N TYR A 62 23.82 -18.59 -4.63
CA TYR A 62 25.19 -18.12 -4.80
C TYR A 62 25.89 -18.93 -5.88
N THR A 63 26.62 -18.24 -6.75
CA THR A 63 27.29 -18.90 -7.87
C THR A 63 28.52 -19.65 -7.39
N ASP A 64 29.18 -20.34 -8.33
CA ASP A 64 30.36 -21.12 -7.98
C ASP A 64 31.50 -20.24 -7.51
N TYR A 65 31.71 -19.09 -8.16
CA TYR A 65 32.80 -18.21 -7.75
C TYR A 65 32.56 -17.62 -6.38
N GLU A 66 31.33 -17.14 -6.11
CA GLU A 66 31.03 -16.58 -4.81
C GLU A 66 31.17 -17.61 -3.71
N LYS A 67 30.70 -18.84 -3.96
CA LYS A 67 30.83 -19.89 -2.96
C LYS A 67 32.29 -20.25 -2.72
N ALA A 68 33.03 -20.51 -3.79
CA ALA A 68 34.42 -20.97 -3.65
C ALA A 68 35.30 -19.91 -3.00
N SER A 69 35.13 -18.65 -3.40
CA SER A 69 35.97 -17.57 -2.88
C SER A 69 35.51 -17.04 -1.53
N GLY A 70 34.41 -17.56 -0.99
CA GLY A 70 33.91 -17.06 0.29
C GLY A 70 33.48 -15.61 0.22
N SER A 71 32.84 -15.21 -0.87
CA SER A 71 32.42 -13.83 -1.10
C SER A 71 30.94 -13.63 -0.86
N PHE A 72 30.38 -14.30 0.16
CA PHE A 72 28.97 -14.19 0.49
C PHE A 72 28.83 -13.77 1.95
N ASP A 73 27.61 -13.86 2.46
CA ASP A 73 27.33 -13.63 3.87
C ASP A 73 28.32 -14.39 4.74
N LYS A 74 29.05 -13.65 5.58
CA LYS A 74 30.12 -14.25 6.38
C LYS A 74 29.60 -15.15 7.48
N ALA A 75 28.28 -15.16 7.74
CA ALA A 75 27.72 -16.04 8.74
C ALA A 75 27.47 -17.45 8.21
N ILE A 76 27.59 -17.66 6.90
CA ILE A 76 27.42 -18.99 6.33
C ILE A 76 28.58 -19.89 6.73
N LYS A 77 28.26 -21.12 7.12
CA LYS A 77 29.28 -22.05 7.61
C LYS A 77 30.30 -22.34 6.51
N THR A 78 31.55 -22.57 6.94
CA THR A 78 32.63 -22.76 6.00
C THR A 78 32.53 -24.08 5.24
N GLU A 79 31.72 -25.03 5.74
CA GLU A 79 31.55 -26.28 5.02
C GLU A 79 30.57 -26.16 3.86
N ALA A 80 29.93 -25.00 3.70
CA ALA A 80 29.14 -24.68 2.52
C ALA A 80 29.92 -23.90 1.49
N ARG A 81 31.23 -23.74 1.69
CA ARG A 81 32.07 -22.96 0.79
C ARG A 81 32.42 -23.70 -0.49
N ASP A 82 32.25 -25.03 -0.52
CA ASP A 82 32.54 -25.66 -1.79
C ASP A 82 31.28 -25.74 -2.66
N PRO A 83 31.44 -25.69 -3.98
CA PRO A 83 30.26 -25.62 -4.85
C PRO A 83 29.30 -26.78 -4.74
N LEU A 84 29.78 -27.98 -4.38
CA LEU A 84 28.92 -29.16 -4.38
C LEU A 84 28.05 -29.27 -3.14
N VAL A 85 28.22 -28.41 -2.15
CA VAL A 85 27.43 -28.43 -0.92
C VAL A 85 26.58 -27.16 -0.88
N ALA A 86 25.27 -27.34 -0.68
CA ALA A 86 24.34 -26.24 -0.74
C ALA A 86 24.28 -25.48 0.57
N ALA A 87 24.14 -24.15 0.47
CA ALA A 87 23.88 -23.30 1.63
C ALA A 87 22.36 -23.26 1.83
N TYR A 88 21.88 -23.93 2.88
CA TYR A 88 20.46 -24.20 2.99
C TYR A 88 20.07 -24.39 4.46
N PRO A 89 19.15 -23.58 4.98
CA PRO A 89 18.75 -23.71 6.38
C PRO A 89 17.65 -24.74 6.58
N ILE A 90 17.64 -25.31 7.78
CA ILE A 90 16.72 -26.40 8.13
C ILE A 90 15.87 -25.98 9.33
N VAL A 91 15.50 -24.70 9.39
CA VAL A 91 14.77 -24.15 10.53
C VAL A 91 13.55 -25.00 10.85
N GLY A 92 13.31 -25.20 12.15
CA GLY A 92 12.15 -25.92 12.64
C GLY A 92 11.75 -25.39 14.00
N VAL A 93 10.56 -25.77 14.44
CA VAL A 93 9.97 -25.26 15.67
C VAL A 93 9.64 -26.42 16.60
N GLY A 94 9.87 -26.19 17.90
CA GLY A 94 9.48 -27.13 18.93
C GLY A 94 8.80 -26.43 20.08
N MET A 95 7.74 -27.02 20.63
CA MET A 95 6.93 -26.40 21.65
C MET A 95 7.33 -26.91 23.03
N GLU A 96 7.28 -26.02 24.03
CA GLU A 96 7.68 -26.36 25.38
C GLU A 96 6.52 -26.40 26.37
N LYS A 97 5.47 -25.60 26.19
CA LYS A 97 4.37 -25.60 27.14
C LYS A 97 3.11 -25.09 26.46
N LEU A 98 1.96 -25.43 27.05
CA LEU A 98 0.66 -24.99 26.58
C LEU A 98 -0.18 -24.54 27.75
N ILE A 99 -0.88 -23.41 27.57
CA ILE A 99 -1.65 -22.77 28.63
C ILE A 99 -3.10 -22.68 28.17
N ILE A 100 -4.03 -23.06 29.05
CA ILE A 100 -5.45 -23.04 28.77
C ILE A 100 -6.11 -21.99 29.66
N SER A 101 -6.96 -21.16 29.06
CA SER A 101 -7.72 -20.14 29.78
C SER A 101 -9.20 -20.40 29.55
N THR A 102 -9.88 -20.93 30.57
CA THR A 102 -11.27 -21.31 30.43
C THR A 102 -12.16 -20.07 30.42
N ASN A 103 -13.07 -20.00 29.45
CA ASN A 103 -13.82 -18.78 29.16
C ASN A 103 -15.25 -18.94 29.66
N GLU A 104 -15.48 -18.57 30.92
CA GLU A 104 -16.83 -18.59 31.49
C GLU A 104 -17.04 -17.35 32.35
N HIS A 105 -18.31 -17.01 32.53
CA HIS A 105 -18.71 -15.88 33.36
C HIS A 105 -19.21 -16.38 34.71
N ALA A 106 -18.73 -15.75 35.79
CA ALA A 106 -19.12 -16.11 37.14
C ALA A 106 -19.64 -14.88 37.85
N SER A 107 -20.89 -14.94 38.30
CA SER A 107 -21.54 -13.82 38.95
C SER A 107 -22.05 -14.23 40.33
N THR A 108 -21.93 -13.32 41.29
CA THR A 108 -22.44 -13.51 42.64
C THR A 108 -23.24 -12.28 43.03
N ASP A 109 -24.54 -12.47 43.28
CA ASP A 109 -25.43 -11.38 43.63
C ASP A 109 -26.10 -11.67 44.96
N GLN A 110 -26.20 -10.65 45.81
CA GLN A 110 -26.86 -10.76 47.10
C GLN A 110 -27.79 -9.58 47.31
N GLY A 111 -28.88 -9.81 48.03
CA GLY A 111 -29.86 -8.77 48.28
C GLY A 111 -30.26 -8.74 49.74
N LYS A 112 -31.13 -7.78 50.06
CA LYS A 112 -31.63 -7.60 51.43
C LYS A 112 -32.97 -6.90 51.35
N THR A 113 -34.06 -7.66 51.50
CA THR A 113 -35.41 -7.13 51.40
C THR A 113 -35.94 -6.79 52.79
N VAL A 114 -36.80 -5.78 52.85
CA VAL A 114 -37.40 -5.35 54.12
C VAL A 114 -38.92 -5.36 54.02
N SER A 161 -41.56 -6.55 57.19
CA SER A 161 -40.97 -7.85 57.44
C SER A 161 -39.45 -7.80 57.30
N ASN A 162 -38.88 -8.86 56.74
CA ASN A 162 -37.44 -8.92 56.52
C ASN A 162 -37.19 -9.80 55.29
N GLY A 163 -35.93 -10.13 55.06
CA GLY A 163 -35.58 -10.99 53.93
C GLY A 163 -34.19 -10.77 53.40
N GLU A 164 -33.51 -11.87 53.06
CA GLU A 164 -32.18 -11.82 52.46
C GLU A 164 -32.10 -12.88 51.38
N SER A 165 -31.13 -12.73 50.48
CA SER A 165 -30.99 -13.66 49.37
C SER A 165 -29.52 -13.73 48.94
N TRP A 166 -29.16 -14.86 48.33
CA TRP A 166 -27.86 -15.06 47.73
C TRP A 166 -28.04 -15.81 46.43
N ASN A 167 -27.28 -15.44 45.39
CA ASN A 167 -27.37 -16.10 44.10
C ASN A 167 -25.99 -16.19 43.47
N THR A 168 -25.75 -17.28 42.75
CA THR A 168 -24.53 -17.47 41.97
C THR A 168 -24.90 -17.87 40.56
N GLY A 169 -23.95 -17.69 39.64
CA GLY A 169 -24.17 -18.02 38.25
C GLY A 169 -22.91 -18.57 37.61
N LEU A 170 -23.12 -19.26 36.48
CA LEU A 170 -22.01 -19.84 35.72
C LEU A 170 -22.48 -19.99 34.27
N SER A 171 -22.04 -19.08 33.41
CA SER A 171 -22.38 -19.12 31.99
C SER A 171 -21.15 -19.55 31.20
N ILE A 172 -21.33 -20.53 30.33
CA ILE A 172 -20.24 -21.08 29.52
C ILE A 172 -20.69 -21.14 28.07
N ASN A 173 -19.80 -20.74 27.16
CA ASN A 173 -20.08 -20.77 25.74
C ASN A 173 -19.58 -22.09 25.16
N LYS A 174 -20.47 -22.84 24.53
CA LYS A 174 -20.10 -24.15 23.99
C LYS A 174 -19.28 -24.05 22.73
N GLY A 175 -19.28 -22.90 22.06
CA GLY A 175 -18.52 -22.73 20.83
C GLY A 175 -17.07 -22.41 21.06
N GLU A 176 -16.81 -21.35 21.83
CA GLU A 176 -15.44 -20.95 22.20
C GLU A 176 -15.36 -21.00 23.72
N SER A 177 -15.04 -22.19 24.25
CA SER A 177 -15.05 -22.42 25.68
C SER A 177 -13.71 -22.21 26.36
N ALA A 178 -12.64 -22.03 25.58
CA ALA A 178 -11.32 -21.84 26.17
C ALA A 178 -10.39 -21.26 25.11
N TYR A 179 -9.21 -20.83 25.56
CA TYR A 179 -8.17 -20.31 24.68
C TYR A 179 -6.86 -21.01 25.01
N ILE A 180 -6.05 -21.23 23.99
CA ILE A 180 -4.79 -21.96 24.14
C ILE A 180 -3.63 -21.05 23.77
N ASN A 181 -2.59 -21.07 24.60
CA ASN A 181 -1.37 -20.32 24.38
C ASN A 181 -0.21 -21.30 24.37
N ALA A 182 0.61 -21.26 23.32
CA ALA A 182 1.69 -22.22 23.13
C ALA A 182 3.03 -21.52 23.19
N ASN A 183 3.95 -22.06 23.99
CA ASN A 183 5.31 -21.55 24.09
C ASN A 183 6.19 -22.37 23.16
N VAL A 184 6.71 -21.73 22.11
CA VAL A 184 7.51 -22.39 21.09
C VAL A 184 8.92 -21.82 21.12
N ARG A 185 9.79 -22.42 20.30
CA ARG A 185 11.20 -22.03 20.24
C ARG A 185 11.78 -22.58 18.96
N TYR A 186 12.42 -21.71 18.17
CA TYR A 186 12.95 -22.11 16.88
C TYR A 186 14.38 -22.63 17.02
N TYR A 187 14.87 -23.30 15.97
CA TYR A 187 16.25 -23.72 15.92
C TYR A 187 16.66 -23.88 14.46
N ASN A 188 17.97 -23.85 14.23
CA ASN A 188 18.54 -23.98 12.90
C ASN A 188 19.61 -25.07 12.92
N THR A 189 19.60 -25.92 11.90
CA THR A 189 20.58 -26.99 11.80
C THR A 189 21.23 -27.05 10.41
N GLY A 190 21.08 -26.00 9.62
CA GLY A 190 21.62 -25.96 8.28
C GLY A 190 22.99 -25.32 8.23
N THR A 191 23.33 -24.78 7.05
CA THR A 191 24.63 -24.15 6.83
C THR A 191 24.52 -22.66 6.54
N ALA A 192 23.33 -22.09 6.50
CA ALA A 192 23.15 -20.68 6.23
C ALA A 192 22.10 -20.12 7.18
N PRO A 193 22.18 -18.83 7.51
CA PRO A 193 21.18 -18.22 8.37
C PRO A 193 19.89 -17.93 7.63
N MET A 194 18.84 -17.69 8.40
CA MET A 194 17.54 -17.32 7.87
C MET A 194 17.11 -16.01 8.52
N TYR A 195 16.82 -15.01 7.69
CA TYR A 195 16.34 -13.72 8.17
C TYR A 195 14.83 -13.64 8.02
N LYS A 196 14.17 -13.04 9.01
CA LYS A 196 12.72 -12.88 9.02
C LYS A 196 12.03 -14.25 9.02
N VAL A 197 12.37 -15.07 10.02
CA VAL A 197 11.81 -16.41 10.12
C VAL A 197 10.32 -16.32 10.42
N THR A 198 9.51 -16.93 9.56
CA THR A 198 8.05 -16.90 9.68
C THR A 198 7.51 -18.31 9.52
N PRO A 199 7.62 -19.15 10.55
CA PRO A 199 7.17 -20.54 10.44
C PRO A 199 5.65 -20.66 10.48
N THR A 200 5.17 -21.80 10.00
CA THR A 200 3.76 -22.17 10.05
C THR A 200 3.63 -23.50 10.77
N THR A 201 2.74 -23.56 11.75
CA THR A 201 2.63 -24.70 12.64
C THR A 201 1.20 -25.23 12.68
N ASN A 202 1.06 -26.48 13.09
CA ASN A 202 -0.23 -27.12 13.29
C ASN A 202 -0.42 -27.45 14.76
N LEU A 203 -1.68 -27.56 15.17
CA LEU A 203 -2.04 -28.00 16.52
C LEU A 203 -2.99 -29.19 16.40
N VAL A 204 -2.57 -30.34 16.92
CA VAL A 204 -3.32 -31.58 16.80
C VAL A 204 -3.65 -32.08 18.21
N LEU A 205 -4.94 -32.20 18.51
CA LEU A 205 -5.35 -32.67 19.84
C LEU A 205 -5.34 -34.20 19.91
N ASP A 206 -6.21 -34.85 19.14
CA ASP A 206 -6.25 -36.30 19.09
C ASP A 206 -5.94 -36.82 17.69
N GLY A 207 -6.71 -36.43 16.70
CA GLY A 207 -6.41 -36.70 15.30
C GLY A 207 -6.88 -35.53 14.47
N ASP A 208 -7.25 -34.45 15.16
CA ASP A 208 -7.90 -33.30 14.54
C ASP A 208 -6.95 -32.11 14.61
N THR A 209 -6.72 -31.47 13.47
CA THR A 209 -5.90 -30.27 13.43
C THR A 209 -6.75 -29.09 13.89
N LEU A 210 -6.43 -28.56 15.07
CA LEU A 210 -7.23 -27.48 15.64
C LEU A 210 -7.13 -26.22 14.80
N SER A 211 -5.92 -25.87 14.38
CA SER A 211 -5.71 -24.65 13.59
C SER A 211 -4.28 -24.63 13.07
N THR A 212 -4.08 -23.95 11.94
CA THR A 212 -2.76 -23.67 11.40
C THR A 212 -2.54 -22.17 11.43
N ILE A 213 -1.46 -21.74 12.07
CA ILE A 213 -1.19 -20.33 12.28
C ILE A 213 0.17 -19.99 11.70
N LYS A 214 0.21 -18.97 10.84
CA LYS A 214 1.45 -18.42 10.35
C LYS A 214 1.94 -17.36 11.33
N ALA A 215 3.26 -17.23 11.44
CA ALA A 215 3.83 -16.32 12.43
C ALA A 215 3.47 -14.86 12.09
N GLN A 216 3.01 -14.13 13.11
CA GLN A 216 2.67 -12.73 12.96
C GLN A 216 3.92 -11.88 13.15
N GLU A 217 3.74 -10.56 13.26
CA GLU A 217 4.86 -9.68 13.52
C GLU A 217 5.43 -9.87 14.92
N ASN A 218 4.62 -10.34 15.88
CA ASN A 218 5.11 -10.56 17.23
C ASN A 218 6.02 -11.78 17.33
N GLN A 219 5.86 -12.76 16.44
CA GLN A 219 6.58 -14.02 16.50
C GLN A 219 7.45 -14.24 15.27
N ILE A 220 8.10 -13.17 14.79
CA ILE A 220 9.03 -13.25 13.67
C ILE A 220 10.44 -13.15 14.23
N GLY A 221 11.31 -14.07 13.83
CA GLY A 221 12.70 -14.04 14.25
C GLY A 221 13.56 -13.29 13.26
N ASN A 222 14.15 -12.18 13.69
CA ASN A 222 14.95 -11.36 12.79
C ASN A 222 16.19 -12.10 12.32
N ASN A 223 16.88 -12.80 13.22
CA ASN A 223 18.11 -13.48 12.90
C ASN A 223 18.08 -14.90 13.45
N LEU A 224 18.67 -15.83 12.70
CA LEU A 224 18.79 -17.21 13.17
C LEU A 224 20.02 -17.82 12.48
N SER A 225 21.14 -17.84 13.19
CA SER A 225 22.37 -18.40 12.66
C SER A 225 22.36 -19.92 12.81
N PRO A 226 23.17 -20.62 12.01
CA PRO A 226 23.26 -22.09 12.19
C PRO A 226 23.74 -22.44 13.59
N GLY A 227 23.11 -23.45 14.18
CA GLY A 227 23.41 -23.85 15.53
C GLY A 227 22.84 -22.95 16.61
N ASP A 228 22.20 -21.85 16.24
CA ASP A 228 21.63 -20.93 17.21
C ASP A 228 20.17 -21.30 17.48
N THR A 229 19.45 -20.42 18.16
CA THR A 229 18.08 -20.66 18.56
C THR A 229 17.42 -19.32 18.84
N TYR A 230 16.17 -19.17 18.43
CA TYR A 230 15.42 -17.96 18.71
C TYR A 230 14.20 -18.29 19.57
N PRO A 231 14.06 -17.73 20.78
CA PRO A 231 14.97 -16.80 21.46
C PRO A 231 16.26 -17.48 21.87
N LYS A 232 17.35 -16.74 22.02
CA LYS A 232 18.66 -17.34 22.26
C LYS A 232 18.66 -18.10 23.58
N LYS A 233 19.63 -19.01 23.70
CA LYS A 233 19.74 -19.83 24.90
C LYS A 233 19.95 -18.94 26.13
N GLY A 234 19.19 -19.22 27.19
CA GLY A 234 19.18 -18.40 28.37
C GLY A 234 17.95 -17.51 28.49
N LEU A 235 17.23 -17.30 27.39
CA LEU A 235 15.99 -16.54 27.41
C LEU A 235 14.81 -17.50 27.60
N SER A 236 13.60 -16.99 27.43
CA SER A 236 12.39 -17.79 27.60
C SER A 236 11.69 -17.98 26.27
N PRO A 237 10.93 -19.06 26.11
CA PRO A 237 10.23 -19.29 24.84
C PRO A 237 9.20 -18.20 24.57
N LEU A 238 8.95 -17.95 23.29
CA LEU A 238 7.99 -16.95 22.87
C LEU A 238 6.59 -17.55 22.84
N ALA A 239 5.59 -16.71 23.11
CA ALA A 239 4.21 -17.17 23.20
C ALA A 239 3.49 -16.94 21.88
N LEU A 240 2.92 -18.01 21.32
CA LEU A 240 2.11 -17.95 20.12
C LEU A 240 0.65 -18.07 20.56
N ASN A 241 -0.01 -16.93 20.76
CA ASN A 241 -1.36 -16.93 21.31
C ASN A 241 -2.34 -16.11 20.50
N THR A 242 -2.03 -15.75 19.25
CA THR A 242 -2.93 -15.00 18.39
C THR A 242 -3.09 -15.74 17.08
N MET A 243 -4.23 -15.55 16.44
CA MET A 243 -4.65 -16.36 15.31
C MET A 243 -4.85 -15.57 14.02
N ASP A 244 -5.34 -14.34 14.10
CA ASP A 244 -5.60 -13.57 12.90
C ASP A 244 -4.32 -12.88 12.42
N GLN A 245 -4.44 -12.16 11.30
CA GLN A 245 -3.26 -11.56 10.67
C GLN A 245 -2.67 -10.44 11.51
N PHE A 246 -3.50 -9.67 12.22
CA PHE A 246 -3.05 -8.49 12.94
C PHE A 246 -2.93 -8.72 14.45
N SER A 247 -2.96 -9.97 14.89
CA SER A 247 -2.75 -10.33 16.31
C SER A 247 -3.78 -9.66 17.21
N SER A 248 -5.06 -9.80 16.85
CA SER A 248 -6.15 -9.24 17.65
C SER A 248 -7.28 -10.25 17.82
N ARG A 249 -6.94 -11.53 17.89
CA ARG A 249 -7.96 -12.57 18.02
C ARG A 249 -7.28 -13.83 18.55
N LEU A 250 -7.81 -14.37 19.64
CA LEU A 250 -7.19 -15.51 20.30
C LEU A 250 -7.62 -16.83 19.63
N ILE A 251 -6.95 -17.90 20.02
CA ILE A 251 -7.18 -19.23 19.44
C ILE A 251 -8.24 -19.93 20.29
N PRO A 252 -9.42 -20.21 19.75
CA PRO A 252 -10.45 -20.90 20.53
C PRO A 252 -10.41 -22.41 20.33
N ILE A 253 -11.01 -23.12 21.30
CA ILE A 253 -11.20 -24.55 21.22
C ILE A 253 -12.64 -24.87 21.63
N ASN A 254 -13.07 -26.08 21.29
CA ASN A 254 -14.43 -26.52 21.53
C ASN A 254 -14.60 -27.01 22.97
N TYR A 255 -15.87 -27.13 23.37
CA TYR A 255 -16.16 -27.73 24.67
C TYR A 255 -15.80 -29.22 24.69
N ASP A 256 -16.11 -29.93 23.60
CA ASP A 256 -15.72 -31.33 23.50
C ASP A 256 -14.22 -31.50 23.31
N GLN A 257 -13.49 -30.45 22.95
CA GLN A 257 -12.04 -30.48 22.91
C GLN A 257 -11.43 -30.12 24.26
N LEU A 258 -11.99 -29.12 24.93
CA LEU A 258 -11.51 -28.76 26.25
C LEU A 258 -11.76 -29.88 27.26
N LYS A 259 -12.87 -30.60 27.11
CA LYS A 259 -13.14 -31.71 28.01
C LYS A 259 -12.08 -32.81 27.87
N LYS A 260 -11.69 -33.12 26.63
CA LYS A 260 -10.59 -34.06 26.43
C LYS A 260 -9.27 -33.50 26.96
N LEU A 261 -9.04 -32.21 26.75
CA LEU A 261 -7.78 -31.60 27.17
C LEU A 261 -7.61 -31.66 28.67
N ASP A 262 -8.70 -31.49 29.42
CA ASP A 262 -8.64 -31.57 30.87
C ASP A 262 -8.83 -32.99 31.41
N ALA A 263 -9.00 -33.98 30.53
CA ALA A 263 -9.17 -35.36 30.95
C ALA A 263 -7.88 -36.16 30.92
N GLY A 264 -6.76 -35.51 30.63
CA GLY A 264 -5.49 -36.22 30.58
C GLY A 264 -5.00 -36.49 29.16
N LYS A 265 -5.26 -35.57 28.25
CA LYS A 265 -4.83 -35.68 26.87
C LYS A 265 -3.98 -34.47 26.50
N GLN A 266 -2.90 -34.72 25.78
CA GLN A 266 -1.96 -33.68 25.40
C GLN A 266 -2.23 -33.17 23.99
N ILE A 267 -1.67 -32.01 23.69
CA ILE A 267 -1.73 -31.41 22.36
C ILE A 267 -0.35 -31.51 21.73
N LYS A 268 -0.32 -31.53 20.40
CA LYS A 268 0.92 -31.74 19.66
C LYS A 268 1.11 -30.61 18.66
N LEU A 269 2.37 -30.30 18.37
CA LEU A 269 2.73 -29.25 17.43
C LEU A 269 3.68 -29.79 16.38
N GLU A 270 3.45 -29.40 15.14
CA GLU A 270 4.33 -29.77 14.03
C GLU A 270 4.37 -28.64 13.03
N THR A 271 5.53 -28.45 12.40
CA THR A 271 5.75 -27.34 11.48
C THR A 271 5.55 -27.83 10.05
N THR A 272 4.62 -27.22 9.34
CA THR A 272 4.37 -27.57 7.96
C THR A 272 5.38 -26.93 7.00
N GLN A 273 5.76 -25.68 7.25
CA GLN A 273 6.69 -24.98 6.38
C GLN A 273 7.28 -23.79 7.14
N VAL A 274 8.39 -23.29 6.64
CA VAL A 274 9.04 -22.10 7.19
C VAL A 274 9.49 -21.22 6.03
N SER A 275 9.22 -19.92 6.13
CA SER A 275 9.60 -18.96 5.10
C SER A 275 10.54 -17.92 5.69
N GLY A 276 11.57 -17.57 4.94
CA GLY A 276 12.55 -16.61 5.38
C GLY A 276 13.22 -15.87 4.23
N ASN A 277 14.35 -15.23 4.50
CA ASN A 277 15.08 -14.48 3.49
C ASN A 277 16.56 -14.85 3.52
N PHE A 278 17.30 -14.34 2.54
CA PHE A 278 18.75 -14.49 2.49
C PHE A 278 19.36 -13.18 2.01
N GLY A 279 20.62 -12.96 2.39
CA GLY A 279 21.28 -11.68 2.17
C GLY A 279 22.18 -11.72 0.94
N THR A 280 22.04 -10.70 0.10
CA THR A 280 22.88 -10.51 -1.07
C THR A 280 23.37 -9.06 -1.09
N LYS A 281 24.25 -8.76 -2.04
CA LYS A 281 24.84 -7.43 -2.18
C LYS A 281 24.22 -6.72 -3.36
N ASN A 282 23.75 -5.49 -3.14
CA ASN A 282 23.15 -4.68 -4.18
C ASN A 282 24.24 -3.96 -4.96
N SER A 283 23.85 -2.97 -5.76
CA SER A 283 24.81 -2.23 -6.58
C SER A 283 25.88 -1.53 -5.74
N SER A 284 25.60 -1.26 -4.48
CA SER A 284 26.58 -0.70 -3.55
C SER A 284 27.11 -1.81 -2.65
N GLY A 285 27.88 -1.44 -1.65
CA GLY A 285 28.42 -2.42 -0.72
C GLY A 285 27.45 -2.86 0.36
N GLN A 286 26.19 -2.46 0.26
CA GLN A 286 25.20 -2.79 1.27
C GLN A 286 24.68 -4.21 1.08
N ILE A 287 24.01 -4.71 2.11
CA ILE A 287 23.40 -6.03 2.12
C ILE A 287 21.88 -5.85 2.10
N VAL A 288 21.22 -6.46 1.12
CA VAL A 288 19.77 -6.38 0.98
C VAL A 288 19.19 -7.76 1.18
N THR A 289 18.28 -7.89 2.15
CA THR A 289 17.64 -9.17 2.44
C THR A 289 16.12 -9.11 2.31
N GLU A 290 15.61 -8.12 1.58
CA GLU A 290 14.17 -7.98 1.34
C GLU A 290 13.87 -8.37 -0.09
N GLY A 291 12.90 -9.26 -0.28
CA GLY A 291 12.57 -9.77 -1.60
C GLY A 291 13.42 -10.93 -2.05
N ASN A 292 14.18 -11.55 -1.16
CA ASN A 292 15.04 -12.69 -1.47
C ASN A 292 14.53 -13.88 -0.67
N SER A 293 13.58 -14.62 -1.25
CA SER A 293 12.91 -15.71 -0.54
C SER A 293 13.63 -17.03 -0.74
N TRP A 294 13.66 -17.84 0.32
CA TRP A 294 14.23 -19.18 0.21
C TRP A 294 13.29 -20.16 -0.49
N SER A 295 11.99 -19.83 -0.50
CA SER A 295 11.01 -20.71 -1.13
C SER A 295 11.22 -20.85 -2.62
N ASP A 296 11.89 -19.88 -3.25
CA ASP A 296 12.19 -19.99 -4.67
C ASP A 296 13.24 -21.05 -4.95
N TYR A 297 14.07 -21.37 -3.96
CA TYR A 297 15.17 -22.31 -4.14
C TYR A 297 14.98 -23.63 -3.42
N ILE A 298 14.01 -23.72 -2.50
CA ILE A 298 13.82 -24.96 -1.75
C ILE A 298 13.55 -26.13 -2.68
N SER A 299 12.58 -25.96 -3.59
CA SER A 299 12.20 -27.04 -4.48
C SER A 299 13.29 -27.35 -5.49
N GLN A 300 13.99 -26.32 -5.97
CA GLN A 300 15.08 -26.54 -6.92
C GLN A 300 16.28 -27.22 -6.30
N ILE A 301 16.50 -27.03 -5.00
CA ILE A 301 17.62 -27.66 -4.31
C ILE A 301 17.28 -29.08 -3.87
N ASP A 302 16.06 -29.31 -3.40
CA ASP A 302 15.69 -30.65 -2.94
C ASP A 302 15.61 -31.67 -4.07
N SER A 303 15.52 -31.21 -5.32
CA SER A 303 15.29 -32.11 -6.45
C SER A 303 16.57 -32.61 -7.10
N ILE A 304 17.74 -32.06 -6.76
CA ILE A 304 18.97 -32.46 -7.41
C ILE A 304 20.02 -32.82 -6.36
N SER A 305 19.58 -33.07 -5.13
CA SER A 305 20.50 -33.29 -4.03
C SER A 305 20.04 -34.47 -3.19
N ALA A 306 20.99 -35.04 -2.45
CA ALA A 306 20.72 -36.08 -1.47
C ALA A 306 20.92 -35.52 -0.08
N SER A 307 20.11 -35.96 0.87
CA SER A 307 20.11 -35.43 2.22
C SER A 307 20.85 -36.37 3.16
N ILE A 308 21.79 -35.83 3.92
CA ILE A 308 22.56 -36.58 4.90
C ILE A 308 22.42 -35.89 6.24
N ILE A 309 22.06 -36.65 7.28
CA ILE A 309 21.82 -36.12 8.62
C ILE A 309 22.77 -36.83 9.57
N LEU A 310 23.75 -36.08 10.10
CA LEU A 310 24.64 -36.60 11.12
C LEU A 310 24.07 -36.23 12.49
N ASP A 311 23.75 -37.25 13.28
CA ASP A 311 23.10 -37.06 14.57
C ASP A 311 24.09 -37.42 15.67
N THR A 312 24.89 -36.44 16.08
CA THR A 312 25.75 -36.60 17.23
C THR A 312 24.93 -36.37 18.50
N GLU A 313 25.61 -36.33 19.64
CA GLU A 313 24.91 -36.14 20.91
C GLU A 313 24.78 -34.66 21.23
N ASN A 314 23.63 -34.28 21.78
CA ASN A 314 23.27 -32.91 22.13
C ASN A 314 23.33 -31.95 20.94
N GLU A 315 23.47 -32.47 19.73
CA GLU A 315 23.56 -31.61 18.55
C GLU A 315 23.17 -32.43 17.33
N SER A 316 22.67 -31.74 16.30
CA SER A 316 22.24 -32.39 15.07
C SER A 316 22.63 -31.54 13.87
N TYR A 317 22.92 -32.20 12.76
CA TYR A 317 23.31 -31.54 11.52
C TYR A 317 22.54 -32.15 10.36
N GLU A 318 22.14 -31.32 9.41
CA GLU A 318 21.47 -31.76 8.20
C GLU A 318 22.05 -31.02 7.00
N ARG A 319 22.41 -31.77 5.96
CA ARG A 319 23.09 -31.20 4.81
C ARG A 319 22.49 -31.74 3.52
N ARG A 320 22.68 -30.98 2.44
CA ARG A 320 22.30 -31.40 1.09
C ARG A 320 23.54 -31.38 0.20
N VAL A 321 23.80 -32.49 -0.47
CA VAL A 321 24.96 -32.64 -1.34
C VAL A 321 24.47 -32.93 -2.75
N THR A 322 25.00 -32.20 -3.72
CA THR A 322 24.53 -32.31 -5.09
C THR A 322 24.91 -33.66 -5.69
N ALA A 323 23.94 -34.34 -6.29
CA ALA A 323 24.14 -35.62 -6.94
C ALA A 323 24.28 -35.41 -8.45
N LYS A 324 24.44 -36.51 -9.17
CA LYS A 324 24.60 -36.48 -10.62
C LYS A 324 23.61 -37.45 -11.26
N ASN A 325 22.99 -37.00 -12.35
CA ASN A 325 22.09 -37.84 -13.12
C ASN A 325 22.87 -38.53 -14.23
N LEU A 326 22.77 -39.86 -14.28
CA LEU A 326 23.46 -40.63 -15.31
C LEU A 326 22.66 -40.79 -16.58
N GLN A 327 21.33 -40.66 -16.51
CA GLN A 327 20.51 -40.72 -17.72
C GLN A 327 20.80 -39.54 -18.64
N ASP A 328 20.94 -38.35 -18.08
CA ASP A 328 21.18 -37.16 -18.88
C ASP A 328 22.66 -37.08 -19.25
N PRO A 329 23.01 -37.08 -20.55
CA PRO A 329 24.42 -36.97 -20.93
C PRO A 329 24.98 -35.57 -20.85
N GLU A 330 24.13 -34.55 -20.64
CA GLU A 330 24.58 -33.17 -20.52
C GLU A 330 24.63 -32.69 -19.08
N ASP A 331 24.50 -33.58 -18.11
CA ASP A 331 24.64 -33.24 -16.70
C ASP A 331 26.08 -33.47 -16.31
N LYS A 332 26.88 -32.40 -16.29
CA LYS A 332 28.31 -32.49 -16.04
C LYS A 332 28.66 -32.29 -14.57
N THR A 333 27.73 -32.57 -13.67
CA THR A 333 28.01 -32.44 -12.24
C THR A 333 29.04 -33.49 -11.82
N PRO A 334 30.05 -33.11 -11.03
CA PRO A 334 31.07 -34.09 -10.64
C PRO A 334 30.45 -35.25 -9.86
N GLU A 335 30.99 -36.45 -10.08
CA GLU A 335 30.52 -37.65 -9.43
C GLU A 335 31.21 -37.82 -8.08
N LEU A 336 30.45 -38.26 -7.09
CA LEU A 336 30.96 -38.47 -5.75
C LEU A 336 30.44 -39.79 -5.18
N THR A 337 31.21 -40.36 -4.28
CA THR A 337 30.77 -41.50 -3.49
C THR A 337 30.21 -41.01 -2.15
N ILE A 338 29.64 -41.95 -1.39
CA ILE A 338 29.07 -41.60 -0.10
C ILE A 338 30.15 -41.12 0.86
N GLY A 339 31.34 -41.71 0.78
CA GLY A 339 32.42 -41.27 1.66
C GLY A 339 32.85 -39.85 1.39
N GLU A 340 32.99 -39.49 0.11
CA GLU A 340 33.35 -38.11 -0.22
C GLU A 340 32.22 -37.15 0.11
N ALA A 341 30.96 -37.58 -0.06
CA ALA A 341 29.84 -36.73 0.32
C ALA A 341 29.84 -36.45 1.82
N ILE A 342 30.11 -37.46 2.63
CA ILE A 342 30.17 -37.27 4.07
C ILE A 342 31.36 -36.40 4.45
N GLU A 343 32.49 -36.58 3.76
CA GLU A 343 33.66 -35.74 4.03
C GLU A 343 33.38 -34.28 3.70
N LYS A 344 32.72 -34.01 2.58
CA LYS A 344 32.50 -32.63 2.15
C LYS A 344 31.39 -31.96 2.95
N ALA A 345 30.32 -32.69 3.27
CA ALA A 345 29.16 -32.07 3.90
C ALA A 345 29.47 -31.56 5.30
N PHE A 346 30.21 -32.34 6.08
CA PHE A 346 30.46 -32.02 7.48
C PHE A 346 31.88 -31.54 7.75
N GLY A 347 32.70 -31.39 6.72
CA GLY A 347 34.05 -30.91 6.91
C GLY A 347 34.93 -31.83 7.74
N ALA A 348 34.81 -33.13 7.52
CA ALA A 348 35.65 -34.10 8.21
C ALA A 348 37.00 -34.23 7.53
N THR A 349 38.02 -34.53 8.32
CA THR A 349 39.38 -34.68 7.83
C THR A 349 39.86 -36.11 8.05
N LYS A 350 40.44 -36.70 7.00
CA LYS A 350 40.98 -38.05 7.12
C LYS A 350 42.20 -38.06 8.02
N LYS A 351 42.29 -39.07 8.89
CA LYS A 351 43.45 -39.27 9.75
C LYS A 351 44.39 -40.32 9.19
N ASP A 352 43.91 -41.55 9.04
CA ASP A 352 44.63 -42.66 8.43
C ASP A 352 43.79 -43.28 7.32
N GLY A 353 43.07 -42.43 6.58
CA GLY A 353 42.07 -42.91 5.64
C GLY A 353 40.69 -43.05 6.20
N LEU A 354 40.50 -42.81 7.50
CA LEU A 354 39.20 -42.86 8.14
C LEU A 354 38.79 -41.44 8.56
N LEU A 355 37.54 -41.09 8.30
CA LEU A 355 37.07 -39.74 8.57
C LEU A 355 36.78 -39.53 10.05
N TYR A 356 37.17 -38.37 10.56
CA TYR A 356 36.87 -37.96 11.92
C TYR A 356 36.18 -36.59 11.86
N PHE A 357 35.12 -36.42 12.65
CA PHE A 357 34.37 -35.16 12.61
C PHE A 357 35.14 -34.05 13.32
N ASN A 358 35.30 -34.18 14.64
CA ASN A 358 36.24 -33.35 15.39
C ASN A 358 37.27 -34.22 16.10
N ASP A 359 36.82 -35.17 16.92
CA ASP A 359 37.67 -36.23 17.42
C ASP A 359 36.98 -37.60 17.42
N ILE A 360 35.66 -37.66 17.29
CA ILE A 360 34.91 -38.91 17.26
C ILE A 360 35.00 -39.49 15.85
N PRO A 361 34.94 -40.81 15.69
CA PRO A 361 34.99 -41.40 14.35
C PRO A 361 33.61 -41.55 13.71
N ILE A 362 33.55 -41.27 12.42
CA ILE A 362 32.31 -41.39 11.65
C ILE A 362 32.46 -42.42 10.53
N ASP A 363 33.47 -43.29 10.62
CA ASP A 363 33.63 -44.35 9.63
C ASP A 363 32.47 -45.33 9.72
N GLU A 364 32.15 -45.96 8.58
CA GLU A 364 30.95 -46.77 8.47
C GLU A 364 30.91 -47.93 9.46
N SER A 365 32.07 -48.38 9.93
CA SER A 365 32.13 -49.45 10.92
C SER A 365 32.05 -48.93 12.35
N CYS A 366 32.09 -47.62 12.56
CA CYS A 366 32.04 -47.03 13.89
C CYS A 366 30.77 -46.24 14.15
N VAL A 367 29.85 -46.17 13.18
CA VAL A 367 28.59 -45.46 13.34
C VAL A 367 27.46 -46.33 12.78
N GLU A 368 26.24 -46.00 13.19
CA GLU A 368 25.06 -46.73 12.76
C GLU A 368 24.36 -45.93 11.66
N LEU A 369 24.33 -46.49 10.45
CA LEU A 369 23.67 -45.86 9.32
C LEU A 369 22.23 -46.33 9.24
N ILE A 370 21.31 -45.39 9.02
CA ILE A 370 19.89 -45.69 8.89
C ILE A 370 19.40 -45.10 7.58
N PHE A 371 18.80 -45.95 6.74
CA PHE A 371 18.23 -45.54 5.46
C PHE A 371 16.73 -45.82 5.47
N ASP A 372 16.06 -45.39 4.41
CA ASP A 372 14.69 -45.78 4.15
C ASP A 372 14.68 -46.95 3.17
N ASP A 373 13.48 -47.36 2.77
CA ASP A 373 13.35 -48.51 1.88
C ASP A 373 14.02 -48.25 0.53
N ASN A 374 13.82 -47.05 -0.03
CA ASN A 374 14.36 -46.74 -1.35
C ASN A 374 15.88 -46.73 -1.33
N THR A 375 16.48 -46.07 -0.34
CA THR A 375 17.93 -46.03 -0.25
C THR A 375 18.52 -47.41 0.00
N ALA A 376 17.87 -48.21 0.85
CA ALA A 376 18.35 -49.55 1.11
C ALA A 376 18.31 -50.40 -0.15
N ASN A 377 17.23 -50.29 -0.94
CA ASN A 377 17.15 -51.05 -2.18
C ASN A 377 18.19 -50.58 -3.20
N LYS A 378 18.42 -49.27 -3.29
CA LYS A 378 19.42 -48.76 -4.24
C LYS A 378 20.85 -49.01 -3.76
N ILE A 379 21.04 -49.34 -2.49
CA ILE A 379 22.38 -49.64 -1.99
C ILE A 379 22.69 -51.13 -2.06
N LYS A 380 21.70 -51.98 -1.79
CA LYS A 380 21.92 -53.42 -1.78
C LYS A 380 22.35 -53.93 -3.16
N ASP A 381 21.70 -53.45 -4.22
CA ASP A 381 22.04 -53.92 -5.56
C ASP A 381 23.38 -53.37 -6.03
N SER A 382 23.77 -52.17 -5.57
CA SER A 382 25.05 -51.62 -5.96
C SER A 382 26.20 -52.22 -5.17
N LEU A 383 25.92 -52.75 -3.97
CA LEU A 383 26.99 -53.31 -3.15
C LEU A 383 27.58 -54.57 -3.77
N LYS A 384 26.73 -55.44 -4.33
CA LYS A 384 27.22 -56.72 -4.86
C LYS A 384 28.14 -56.51 -6.05
N THR A 385 27.80 -55.55 -6.92
CA THR A 385 28.64 -55.29 -8.09
C THR A 385 30.00 -54.73 -7.70
N LEU A 386 30.05 -53.93 -6.63
CA LEU A 386 31.28 -53.28 -6.23
C LEU A 386 32.34 -54.31 -5.84
N SER A 387 33.59 -53.83 -5.78
CA SER A 387 34.74 -54.69 -5.49
C SER A 387 35.08 -54.72 -4.00
N ASP A 388 35.21 -53.56 -3.37
CA ASP A 388 35.55 -53.50 -1.95
C ASP A 388 34.35 -53.78 -1.05
N LYS A 389 33.13 -53.76 -1.59
CA LYS A 389 31.92 -54.06 -0.83
C LYS A 389 31.80 -53.17 0.41
N LYS A 390 32.06 -51.88 0.21
CA LYS A 390 31.97 -50.89 1.28
C LYS A 390 30.82 -49.93 0.99
N ILE A 391 30.09 -49.55 2.04
CA ILE A 391 28.97 -48.64 1.87
C ILE A 391 29.46 -47.26 1.42
N TYR A 392 30.61 -46.83 1.93
CA TYR A 392 31.14 -45.51 1.59
C TYR A 392 31.68 -45.44 0.17
N ASN A 393 31.77 -46.57 -0.54
CA ASN A 393 32.29 -46.58 -1.90
C ASN A 393 31.19 -46.61 -2.95
N VAL A 394 29.94 -46.50 -2.54
CA VAL A 394 28.80 -46.50 -3.46
C VAL A 394 28.59 -45.09 -3.99
N LYS A 395 28.16 -45.00 -5.25
CA LYS A 395 27.93 -43.71 -5.88
C LYS A 395 26.70 -43.03 -5.29
N LEU A 396 26.82 -41.72 -5.05
CA LEU A 396 25.69 -40.94 -4.56
C LEU A 396 24.68 -40.70 -5.69
N GLU A 397 23.40 -40.77 -5.35
CA GLU A 397 22.34 -40.55 -6.31
C GLU A 397 21.27 -39.66 -5.69
N ARG A 398 20.49 -39.02 -6.55
CA ARG A 398 19.45 -38.10 -6.10
C ARG A 398 18.38 -38.85 -5.31
N GLY A 399 17.81 -38.16 -4.32
CA GLY A 399 16.75 -38.71 -3.52
C GLY A 399 17.19 -39.60 -2.37
N MET A 400 18.50 -39.74 -2.15
CA MET A 400 18.99 -40.59 -1.07
C MET A 400 18.73 -39.95 0.28
N ASN A 401 18.54 -40.79 1.29
CA ASN A 401 18.27 -40.33 2.66
C ASN A 401 19.13 -41.16 3.61
N ILE A 402 20.22 -40.58 4.08
CA ILE A 402 21.17 -41.24 4.96
C ILE A 402 21.20 -40.52 6.29
N LEU A 403 21.07 -41.27 7.38
CA LEU A 403 21.12 -40.73 8.74
C LEU A 403 22.23 -41.46 9.50
N ILE A 404 23.12 -40.70 10.10
CA ILE A 404 24.30 -41.23 10.80
C ILE A 404 24.14 -40.97 12.28
N LYS A 405 24.27 -42.02 13.09
CA LYS A 405 24.19 -41.92 14.54
C LYS A 405 25.49 -42.39 15.15
N THR A 406 26.07 -41.56 16.01
CA THR A 406 27.31 -41.92 16.70
C THR A 406 26.99 -42.77 17.93
N PRO A 407 27.91 -43.64 18.34
CA PRO A 407 27.65 -44.47 19.52
C PRO A 407 27.58 -43.65 20.80
N THR A 408 26.86 -44.19 21.77
CA THR A 408 26.71 -43.55 23.07
C THR A 408 28.04 -43.47 23.81
N GLU B 8 19.14 -23.27 -43.13
CA GLU B 8 20.52 -22.89 -42.88
C GLU B 8 20.68 -22.25 -41.50
N ASP B 9 21.05 -20.98 -41.47
CA ASP B 9 21.20 -20.22 -40.23
C ASP B 9 20.04 -19.26 -40.01
N LEU B 10 19.00 -19.32 -40.83
CA LEU B 10 17.85 -18.44 -40.67
C LEU B 10 17.08 -18.80 -39.41
N ASP B 11 16.64 -17.76 -38.69
CA ASP B 11 15.85 -17.93 -37.47
C ASP B 11 14.74 -16.90 -37.48
N THR B 12 13.49 -17.36 -37.42
CA THR B 12 12.33 -16.51 -37.56
C THR B 12 11.61 -16.22 -36.24
N ASP B 13 11.34 -17.26 -35.45
CA ASP B 13 10.67 -17.06 -34.17
C ASP B 13 11.56 -16.38 -33.14
N ASN B 14 12.85 -16.19 -33.45
CA ASN B 14 13.78 -15.44 -32.61
C ASN B 14 14.04 -16.14 -31.27
N ASP B 15 14.34 -17.42 -31.35
CA ASP B 15 15.01 -18.16 -30.27
C ASP B 15 16.35 -18.64 -30.80
N ASN B 16 17.09 -19.38 -29.98
CA ASN B 16 18.43 -19.80 -30.33
C ASN B 16 18.45 -21.09 -31.14
N ILE B 17 17.33 -21.46 -31.76
CA ILE B 17 17.23 -22.66 -32.57
C ILE B 17 16.98 -22.24 -34.01
N PRO B 18 17.81 -22.66 -34.97
CA PRO B 18 17.59 -22.26 -36.37
C PRO B 18 16.31 -22.81 -36.96
N ASP B 19 16.06 -22.47 -38.23
CA ASP B 19 14.78 -22.80 -38.87
C ASP B 19 14.70 -24.28 -39.24
N SER B 20 15.62 -24.74 -40.09
CA SER B 20 15.57 -26.12 -40.55
C SER B 20 15.77 -27.10 -39.41
N TYR B 21 16.46 -26.68 -38.34
CA TYR B 21 16.63 -27.55 -37.19
C TYR B 21 15.29 -27.85 -36.54
N GLU B 22 14.48 -26.82 -36.31
CA GLU B 22 13.14 -27.03 -35.76
C GLU B 22 12.26 -27.78 -36.75
N ARG B 23 12.41 -27.49 -38.04
CA ARG B 23 11.54 -28.12 -39.04
C ARG B 23 11.81 -29.60 -39.17
N ASN B 24 13.07 -30.02 -39.09
CA ASN B 24 13.46 -31.40 -39.33
C ASN B 24 13.78 -32.19 -38.06
N GLY B 25 14.56 -31.61 -37.14
CA GLY B 25 14.92 -32.30 -35.93
C GLY B 25 16.25 -31.81 -35.37
N TYR B 26 16.33 -31.68 -34.05
CA TYR B 26 17.53 -31.14 -33.43
C TYR B 26 17.69 -31.71 -32.02
N THR B 27 18.88 -31.55 -31.47
CA THR B 27 19.17 -31.91 -30.09
C THR B 27 20.16 -30.90 -29.52
N ILE B 28 20.18 -30.79 -28.20
CA ILE B 28 20.97 -29.79 -27.50
C ILE B 28 22.17 -30.45 -26.86
N LYS B 29 23.36 -29.94 -27.15
CA LYS B 29 24.58 -30.38 -26.48
C LYS B 29 25.51 -29.19 -26.33
N ASP B 30 26.07 -29.04 -25.13
CA ASP B 30 26.90 -27.89 -24.78
C ASP B 30 26.13 -26.58 -24.98
N LEU B 31 24.84 -26.61 -24.63
CA LEU B 31 23.94 -25.46 -24.73
C LEU B 31 23.81 -24.92 -26.14
N ILE B 32 24.09 -25.74 -27.15
CA ILE B 32 24.05 -25.33 -28.55
C ILE B 32 23.20 -26.32 -29.32
N ALA B 33 22.24 -25.80 -30.09
CA ALA B 33 21.39 -26.65 -30.91
C ALA B 33 22.15 -27.17 -32.12
N VAL B 34 22.07 -28.47 -32.36
CA VAL B 34 22.74 -29.10 -33.49
C VAL B 34 21.76 -30.02 -34.19
N LYS B 35 22.09 -30.38 -35.44
CA LYS B 35 21.24 -31.27 -36.21
C LYS B 35 21.21 -32.65 -35.58
N TRP B 36 20.07 -33.32 -35.70
CA TRP B 36 19.90 -34.64 -35.12
C TRP B 36 20.43 -35.71 -36.05
N GLU B 37 21.34 -36.54 -35.54
CA GLU B 37 21.85 -37.70 -36.25
C GLU B 37 21.43 -38.96 -35.49
N ASP B 38 21.00 -39.98 -36.22
CA ASP B 38 20.42 -41.16 -35.59
C ASP B 38 21.42 -41.91 -34.71
N SER B 39 22.72 -41.67 -34.90
CA SER B 39 23.73 -42.29 -34.05
C SER B 39 23.78 -41.69 -32.66
N PHE B 40 23.11 -40.56 -32.43
CA PHE B 40 23.10 -39.92 -31.12
C PHE B 40 22.20 -40.62 -30.12
N ALA B 41 21.26 -41.45 -30.59
CA ALA B 41 20.25 -42.01 -29.70
C ALA B 41 20.87 -42.93 -28.65
N GLU B 42 21.85 -43.74 -29.05
CA GLU B 42 22.44 -44.70 -28.12
C GLU B 42 23.26 -44.04 -27.03
N GLN B 43 23.58 -42.75 -27.16
CA GLN B 43 24.30 -42.02 -26.12
C GLN B 43 23.36 -41.39 -25.10
N GLY B 44 22.05 -41.52 -25.27
CA GLY B 44 21.08 -40.96 -24.36
C GLY B 44 20.44 -39.66 -24.81
N TYR B 45 20.76 -39.18 -26.00
CA TYR B 45 20.18 -37.94 -26.50
C TYR B 45 18.75 -38.19 -27.00
N LYS B 46 18.02 -37.09 -27.19
CA LYS B 46 16.63 -37.14 -27.60
C LYS B 46 16.42 -36.26 -28.83
N LYS B 47 15.43 -36.62 -29.63
CA LYS B 47 15.08 -35.89 -30.84
C LYS B 47 13.93 -34.93 -30.54
N TYR B 48 14.10 -33.67 -30.92
CA TYR B 48 13.11 -32.63 -30.66
C TYR B 48 12.69 -31.97 -31.97
N VAL B 49 11.39 -31.72 -32.10
CA VAL B 49 10.84 -30.96 -33.21
C VAL B 49 9.90 -29.91 -32.65
N SER B 50 9.94 -28.71 -33.22
CA SER B 50 9.18 -27.60 -32.68
C SER B 50 8.45 -26.82 -33.76
N ASN B 51 7.84 -25.70 -33.38
CA ASN B 51 7.17 -24.81 -34.32
C ASN B 51 8.11 -23.66 -34.63
N TYR B 52 8.44 -23.49 -35.91
CA TYR B 52 9.42 -22.50 -36.31
C TYR B 52 8.83 -21.10 -36.49
N LEU B 53 7.52 -20.94 -36.30
CA LEU B 53 6.89 -19.63 -36.37
C LEU B 53 6.40 -19.15 -35.01
N GLU B 54 6.76 -19.85 -33.94
CA GLU B 54 6.33 -19.49 -32.60
C GLU B 54 7.47 -19.72 -31.63
N SER B 55 7.63 -18.79 -30.68
CA SER B 55 8.69 -18.90 -29.69
C SER B 55 8.29 -19.79 -28.51
N ASN B 56 7.00 -20.09 -28.36
CA ASN B 56 6.49 -20.95 -27.29
C ASN B 56 5.54 -21.94 -27.95
N THR B 57 6.07 -23.10 -28.36
CA THR B 57 5.26 -24.08 -29.07
C THR B 57 4.13 -24.60 -28.19
N ALA B 58 4.45 -24.97 -26.95
CA ALA B 58 3.43 -25.54 -26.07
C ALA B 58 2.50 -24.47 -25.51
N GLY B 59 2.98 -23.24 -25.35
CA GLY B 59 2.22 -22.18 -24.75
C GLY B 59 2.54 -21.89 -23.30
N ASP B 60 3.53 -22.58 -22.73
CA ASP B 60 3.93 -22.35 -21.35
C ASP B 60 4.87 -21.15 -21.29
N PRO B 61 5.22 -20.69 -20.08
CA PRO B 61 6.10 -19.51 -19.99
C PRO B 61 7.45 -19.69 -20.65
N TYR B 62 7.97 -20.91 -20.73
CA TYR B 62 9.32 -21.15 -21.20
C TYR B 62 9.36 -21.38 -22.71
N THR B 63 10.39 -20.85 -23.36
CA THR B 63 10.52 -20.95 -24.80
C THR B 63 11.05 -22.32 -25.21
N ASP B 64 11.17 -22.54 -26.52
CA ASP B 64 11.65 -23.82 -27.02
C ASP B 64 13.08 -24.09 -26.60
N TYR B 65 13.94 -23.07 -26.65
CA TYR B 65 15.34 -23.27 -26.27
C TYR B 65 15.48 -23.61 -24.80
N GLU B 66 14.76 -22.89 -23.93
CA GLU B 66 14.85 -23.15 -22.50
C GLU B 66 14.36 -24.55 -22.16
N LYS B 67 13.26 -24.98 -22.77
CA LYS B 67 12.74 -26.32 -22.52
C LYS B 67 13.68 -27.39 -23.05
N ALA B 68 14.15 -27.23 -24.29
CA ALA B 68 15.01 -28.25 -24.89
C ALA B 68 16.33 -28.38 -24.15
N SER B 69 16.94 -27.26 -23.78
CA SER B 69 18.24 -27.29 -23.12
C SER B 69 18.14 -27.52 -21.61
N GLY B 70 16.94 -27.63 -21.06
CA GLY B 70 16.80 -27.82 -19.63
C GLY B 70 17.31 -26.65 -18.82
N SER B 71 17.06 -25.43 -19.28
CA SER B 71 17.55 -24.23 -18.62
C SER B 71 16.49 -23.56 -17.75
N PHE B 72 15.39 -24.24 -17.48
CA PHE B 72 14.34 -23.70 -16.63
C PHE B 72 14.59 -24.11 -15.18
N ASP B 73 13.58 -23.93 -14.34
CA ASP B 73 13.66 -24.41 -12.96
C ASP B 73 13.93 -25.91 -12.94
N LYS B 74 14.89 -26.31 -12.10
CA LYS B 74 15.34 -27.70 -12.08
C LYS B 74 14.36 -28.64 -11.41
N ALA B 75 13.29 -28.13 -10.79
CA ALA B 75 12.28 -28.98 -10.19
C ALA B 75 11.28 -29.51 -11.21
N ILE B 76 11.28 -28.99 -12.44
CA ILE B 76 10.36 -29.44 -13.46
C ILE B 76 10.76 -30.83 -13.95
N LYS B 77 9.77 -31.69 -14.14
CA LYS B 77 10.02 -33.07 -14.57
C LYS B 77 10.74 -33.08 -15.92
N THR B 78 11.60 -34.09 -16.10
CA THR B 78 12.39 -34.19 -17.32
C THR B 78 11.53 -34.52 -18.54
N GLU B 79 10.33 -35.04 -18.34
CA GLU B 79 9.41 -35.30 -19.44
C GLU B 79 8.65 -34.06 -19.88
N ALA B 80 9.07 -32.87 -19.43
CA ALA B 80 8.55 -31.60 -19.90
C ALA B 80 9.60 -30.79 -20.63
N ARG B 81 10.70 -31.43 -21.04
CA ARG B 81 11.78 -30.73 -21.74
C ARG B 81 11.59 -30.70 -23.25
N ASP B 82 10.80 -31.59 -23.81
CA ASP B 82 10.51 -31.45 -25.23
C ASP B 82 9.52 -30.32 -25.45
N PRO B 83 9.67 -29.54 -26.52
CA PRO B 83 8.79 -28.38 -26.72
C PRO B 83 7.32 -28.72 -26.87
N LEU B 84 6.99 -29.97 -27.24
CA LEU B 84 5.62 -30.34 -27.51
C LEU B 84 4.83 -30.73 -26.26
N VAL B 85 5.48 -30.77 -25.10
CA VAL B 85 4.83 -31.12 -23.84
C VAL B 85 4.89 -29.92 -22.92
N ALA B 86 3.74 -29.52 -22.39
CA ALA B 86 3.65 -28.32 -21.57
C ALA B 86 4.07 -28.60 -20.14
N ALA B 87 4.75 -27.62 -19.54
CA ALA B 87 5.05 -27.64 -18.11
C ALA B 87 3.89 -26.99 -17.39
N TYR B 88 3.09 -27.78 -16.69
CA TYR B 88 1.79 -27.31 -16.23
C TYR B 88 1.34 -28.13 -15.02
N PRO B 89 1.04 -27.49 -13.90
CA PRO B 89 0.62 -28.21 -12.70
C PRO B 89 -0.89 -28.42 -12.61
N ILE B 90 -1.26 -29.49 -11.92
CA ILE B 90 -2.65 -29.93 -11.82
C ILE B 90 -3.08 -29.97 -10.36
N VAL B 91 -2.58 -29.01 -9.57
CA VAL B 91 -2.85 -28.97 -8.14
C VAL B 91 -4.34 -29.13 -7.85
N GLY B 92 -4.65 -29.91 -6.82
CA GLY B 92 -6.02 -30.09 -6.38
C GLY B 92 -6.08 -30.23 -4.87
N VAL B 93 -7.31 -30.29 -4.35
CA VAL B 93 -7.55 -30.29 -2.91
C VAL B 93 -8.43 -31.46 -2.54
N GLY B 94 -8.10 -32.14 -1.46
CA GLY B 94 -8.93 -33.20 -0.93
C GLY B 94 -9.13 -33.04 0.56
N MET B 95 -10.30 -33.43 1.04
CA MET B 95 -10.67 -33.27 2.44
C MET B 95 -10.62 -34.60 3.17
N GLU B 96 -10.28 -34.55 4.46
CA GLU B 96 -10.15 -35.74 5.28
C GLU B 96 -11.08 -35.77 6.49
N LYS B 97 -11.41 -34.61 7.08
CA LYS B 97 -12.29 -34.60 8.24
C LYS B 97 -12.95 -33.23 8.35
N LEU B 98 -14.11 -33.22 9.01
CA LEU B 98 -14.83 -31.99 9.29
C LEU B 98 -15.29 -31.98 10.74
N ILE B 99 -15.13 -30.84 11.40
CA ILE B 99 -15.42 -30.68 12.82
C ILE B 99 -16.51 -29.63 12.98
N ILE B 100 -17.44 -29.88 13.90
CA ILE B 100 -18.58 -29.01 14.14
C ILE B 100 -18.54 -28.54 15.59
N SER B 101 -18.69 -27.24 15.79
CA SER B 101 -18.73 -26.64 17.13
C SER B 101 -20.06 -25.94 17.31
N THR B 102 -20.89 -26.47 18.22
CA THR B 102 -22.22 -25.91 18.45
C THR B 102 -22.11 -24.62 19.26
N ASN B 103 -22.76 -23.57 18.79
CA ASN B 103 -22.65 -22.24 19.36
C ASN B 103 -23.88 -21.95 20.21
N GLU B 104 -23.86 -22.46 21.45
CA GLU B 104 -24.97 -22.29 22.37
C GLU B 104 -24.44 -21.90 23.75
N HIS B 105 -25.23 -21.11 24.46
CA HIS B 105 -24.90 -20.65 25.80
C HIS B 105 -25.62 -21.51 26.83
N ALA B 106 -24.88 -22.00 27.82
CA ALA B 106 -25.44 -22.82 28.88
C ALA B 106 -25.14 -22.15 30.22
N SER B 107 -26.19 -21.88 31.00
CA SER B 107 -26.07 -21.20 32.28
C SER B 107 -26.73 -22.01 33.37
N THR B 108 -26.08 -22.08 34.53
CA THR B 108 -26.63 -22.74 35.71
C THR B 108 -26.55 -21.77 36.88
N ASP B 109 -27.67 -21.61 37.58
CA ASP B 109 -27.75 -20.67 38.71
C ASP B 109 -28.41 -21.36 39.88
N GLN B 110 -28.05 -20.90 41.09
CA GLN B 110 -28.64 -21.44 42.31
C GLN B 110 -28.72 -20.32 43.34
N GLY B 111 -29.66 -20.47 44.28
CA GLY B 111 -29.89 -19.45 45.28
C GLY B 111 -30.11 -20.05 46.65
N LYS B 112 -30.21 -19.16 47.64
CA LYS B 112 -30.45 -19.58 49.02
C LYS B 112 -31.13 -18.41 49.73
N THR B 113 -32.45 -18.50 49.91
CA THR B 113 -33.24 -17.44 50.50
C THR B 113 -33.51 -17.73 51.96
N VAL B 114 -33.54 -16.69 52.78
CA VAL B 114 -33.83 -16.83 54.20
C VAL B 114 -35.13 -16.10 54.55
N SER B 161 -39.42 -18.54 57.75
CA SER B 161 -39.01 -18.26 56.39
C SER B 161 -37.67 -18.90 56.07
N ASN B 162 -37.68 -19.84 55.12
CA ASN B 162 -36.47 -20.53 54.69
C ASN B 162 -36.72 -21.22 53.36
N GLY B 163 -35.80 -21.07 52.41
CA GLY B 163 -36.00 -21.67 51.11
C GLY B 163 -34.71 -21.71 50.32
N GLU B 164 -34.82 -22.28 49.12
CA GLU B 164 -33.70 -22.37 48.18
C GLU B 164 -34.26 -22.26 46.76
N SER B 165 -33.37 -22.34 45.78
CA SER B 165 -33.80 -22.21 44.40
C SER B 165 -32.77 -22.87 43.49
N TRP B 166 -33.18 -23.11 42.24
CA TRP B 166 -32.32 -23.65 41.22
C TRP B 166 -32.77 -23.14 39.86
N ASN B 167 -31.87 -23.18 38.89
CA ASN B 167 -32.19 -22.74 37.54
C ASN B 167 -31.15 -23.30 36.57
N THR B 168 -31.58 -23.56 35.35
CA THR B 168 -30.69 -24.00 34.28
C THR B 168 -31.32 -23.65 32.93
N GLY B 169 -30.55 -22.97 32.08
CA GLY B 169 -31.05 -22.52 30.80
C GLY B 169 -30.09 -22.84 29.69
N LEU B 170 -30.56 -22.64 28.46
CA LEU B 170 -29.75 -22.85 27.27
C LEU B 170 -30.36 -22.07 26.12
N SER B 171 -29.61 -21.10 25.60
CA SER B 171 -30.06 -20.26 24.50
C SER B 171 -29.24 -20.57 23.25
N ILE B 172 -29.92 -20.68 22.12
CA ILE B 172 -29.29 -21.04 20.85
C ILE B 172 -29.66 -20.01 19.80
N ASN B 173 -28.67 -19.51 19.08
CA ASN B 173 -28.90 -18.59 17.97
C ASN B 173 -29.23 -19.38 16.71
N LYS B 174 -30.32 -19.03 16.06
CA LYS B 174 -30.80 -19.78 14.90
C LYS B 174 -30.26 -19.25 13.59
N GLY B 175 -29.41 -18.22 13.63
CA GLY B 175 -28.78 -17.72 12.42
C GLY B 175 -27.40 -18.27 12.22
N GLU B 176 -26.63 -18.36 13.30
CA GLU B 176 -25.30 -18.97 13.30
C GLU B 176 -25.28 -19.97 14.45
N SER B 177 -25.75 -21.19 14.19
CA SER B 177 -25.91 -22.19 15.24
C SER B 177 -24.70 -23.10 15.40
N ALA B 178 -23.73 -23.04 14.51
CA ALA B 178 -22.55 -23.90 14.59
C ALA B 178 -21.45 -23.33 13.71
N TYR B 179 -20.25 -23.88 13.88
CA TYR B 179 -19.08 -23.52 13.08
C TYR B 179 -18.46 -24.80 12.55
N ILE B 180 -17.92 -24.73 11.33
CA ILE B 180 -17.36 -25.89 10.67
C ILE B 180 -15.87 -25.68 10.41
N ASN B 181 -15.09 -26.72 10.67
CA ASN B 181 -13.65 -26.70 10.44
C ASN B 181 -13.30 -27.90 9.58
N ALA B 182 -12.64 -27.66 8.46
CA ALA B 182 -12.35 -28.70 7.48
C ALA B 182 -10.85 -28.94 7.39
N ASN B 183 -10.45 -30.20 7.46
CA ASN B 183 -9.05 -30.60 7.31
C ASN B 183 -8.81 -30.98 5.86
N VAL B 184 -7.96 -30.21 5.17
CA VAL B 184 -7.69 -30.40 3.76
C VAL B 184 -6.21 -30.76 3.58
N ARG B 185 -5.87 -31.13 2.35
CA ARG B 185 -4.50 -31.50 2.01
C ARG B 185 -4.34 -31.44 0.51
N TYR B 186 -3.40 -30.63 0.03
CA TYR B 186 -3.23 -30.44 -1.40
C TYR B 186 -2.34 -31.53 -1.99
N TYR B 187 -2.35 -31.62 -3.32
CA TYR B 187 -1.46 -32.53 -4.03
C TYR B 187 -1.26 -32.01 -5.44
N ASN B 188 -0.19 -32.48 -6.07
CA ASN B 188 0.18 -32.04 -7.41
C ASN B 188 0.45 -33.27 -8.27
N THR B 189 -0.36 -33.45 -9.31
CA THR B 189 -0.18 -34.57 -10.25
C THR B 189 0.38 -34.10 -11.59
N GLY B 190 0.85 -32.87 -11.69
CA GLY B 190 1.32 -32.30 -12.93
C GLY B 190 2.80 -32.56 -13.17
N THR B 191 3.40 -31.70 -13.98
CA THR B 191 4.80 -31.83 -14.35
C THR B 191 5.60 -30.57 -14.07
N ALA B 192 5.13 -29.73 -13.16
CA ALA B 192 5.85 -28.51 -12.78
C ALA B 192 5.38 -28.09 -11.41
N PRO B 193 6.25 -27.52 -10.58
CA PRO B 193 5.86 -27.12 -9.23
C PRO B 193 5.06 -25.82 -9.24
N MET B 194 4.26 -25.66 -8.19
CA MET B 194 3.48 -24.45 -7.96
C MET B 194 3.98 -23.76 -6.70
N TYR B 195 4.28 -22.48 -6.80
CA TYR B 195 4.68 -21.68 -5.66
C TYR B 195 3.53 -20.79 -5.22
N LYS B 196 3.36 -20.67 -3.91
CA LYS B 196 2.30 -19.86 -3.30
C LYS B 196 0.91 -20.38 -3.71
N VAL B 197 0.67 -21.65 -3.39
CA VAL B 197 -0.59 -22.29 -3.75
C VAL B 197 -1.72 -21.66 -2.95
N THR B 198 -2.74 -21.15 -3.66
CA THR B 198 -3.89 -20.50 -3.04
C THR B 198 -5.17 -21.05 -3.67
N PRO B 199 -5.59 -22.24 -3.26
CA PRO B 199 -6.78 -22.85 -3.85
C PRO B 199 -8.07 -22.19 -3.35
N THR B 200 -9.14 -22.42 -4.11
CA THR B 200 -10.48 -21.94 -3.79
C THR B 200 -11.42 -23.14 -3.79
N THR B 201 -12.21 -23.27 -2.72
CA THR B 201 -13.04 -24.46 -2.52
C THR B 201 -14.47 -24.07 -2.19
N ASN B 202 -15.41 -24.98 -2.50
CA ASN B 202 -16.79 -24.85 -2.08
C ASN B 202 -17.14 -25.93 -1.08
N LEU B 203 -18.13 -25.66 -0.23
CA LEU B 203 -18.67 -26.65 0.70
C LEU B 203 -20.16 -26.81 0.40
N VAL B 204 -20.58 -28.03 0.07
CA VAL B 204 -21.96 -28.32 -0.27
C VAL B 204 -22.49 -29.38 0.69
N LEU B 205 -23.69 -29.14 1.23
CA LEU B 205 -24.29 -30.03 2.21
C LEU B 205 -25.23 -31.04 1.55
N ASP B 206 -26.30 -30.56 0.92
CA ASP B 206 -27.21 -31.43 0.17
C ASP B 206 -27.22 -31.08 -1.32
N GLY B 207 -27.57 -29.85 -1.65
CA GLY B 207 -27.43 -29.31 -2.99
C GLY B 207 -27.08 -27.85 -2.88
N ASP B 208 -26.79 -27.41 -1.66
CA ASP B 208 -26.62 -26.01 -1.31
C ASP B 208 -25.15 -25.75 -1.04
N THR B 209 -24.57 -24.79 -1.74
CA THR B 209 -23.18 -24.40 -1.52
C THR B 209 -23.13 -23.54 -0.27
N LEU B 210 -22.55 -24.07 0.81
CA LEU B 210 -22.54 -23.35 2.08
C LEU B 210 -21.69 -22.10 1.99
N SER B 211 -20.52 -22.18 1.37
CA SER B 211 -19.62 -21.04 1.26
C SER B 211 -18.51 -21.36 0.28
N THR B 212 -17.96 -20.31 -0.32
CA THR B 212 -16.78 -20.41 -1.18
C THR B 212 -15.66 -19.60 -0.53
N ILE B 213 -14.55 -20.26 -0.22
CA ILE B 213 -13.48 -19.66 0.56
C ILE B 213 -12.17 -19.73 -0.23
N LYS B 214 -11.48 -18.61 -0.33
CA LYS B 214 -10.14 -18.56 -0.87
C LYS B 214 -9.13 -18.71 0.25
N ALA B 215 -7.98 -19.32 -0.07
CA ALA B 215 -6.98 -19.60 0.94
C ALA B 215 -6.36 -18.31 1.46
N GLN B 216 -6.28 -18.18 2.77
CA GLN B 216 -5.68 -17.02 3.41
C GLN B 216 -4.19 -17.26 3.61
N GLU B 217 -3.53 -16.37 4.36
CA GLU B 217 -2.10 -16.53 4.62
C GLU B 217 -1.79 -17.74 5.48
N ASN B 218 -2.77 -18.23 6.25
CA ASN B 218 -2.53 -19.40 7.09
C ASN B 218 -2.51 -20.69 6.29
N GLN B 219 -3.23 -20.75 5.18
CA GLN B 219 -3.38 -21.96 4.39
C GLN B 219 -2.79 -21.80 2.99
N ILE B 220 -1.62 -21.19 2.89
CA ILE B 220 -0.89 -21.05 1.63
C ILE B 220 0.32 -21.97 1.69
N GLY B 221 0.50 -22.77 0.64
CA GLY B 221 1.65 -23.64 0.52
C GLY B 221 2.73 -22.98 -0.31
N ASN B 222 3.88 -22.76 0.31
CA ASN B 222 4.97 -22.08 -0.39
C ASN B 222 5.55 -22.93 -1.51
N ASN B 223 5.66 -24.25 -1.29
CA ASN B 223 6.26 -25.15 -2.25
C ASN B 223 5.36 -26.36 -2.47
N LEU B 224 5.25 -26.79 -3.72
CA LEU B 224 4.48 -28.00 -4.05
C LEU B 224 5.11 -28.61 -5.30
N SER B 225 6.00 -29.57 -5.10
CA SER B 225 6.64 -30.26 -6.21
C SER B 225 5.73 -31.32 -6.79
N PRO B 226 5.94 -31.72 -8.05
CA PRO B 226 5.13 -32.80 -8.61
C PRO B 226 5.28 -34.08 -7.82
N GLY B 227 4.16 -34.77 -7.58
CA GLY B 227 4.16 -35.99 -6.81
C GLY B 227 4.17 -35.80 -5.31
N ASP B 228 4.23 -34.57 -4.81
CA ASP B 228 4.26 -34.30 -3.39
C ASP B 228 2.90 -33.81 -2.93
N THR B 229 2.81 -33.51 -1.63
CA THR B 229 1.60 -32.97 -1.04
C THR B 229 1.98 -31.84 -0.08
N TYR B 230 1.00 -31.02 0.25
CA TYR B 230 1.16 -30.02 1.30
C TYR B 230 0.00 -30.16 2.27
N PRO B 231 0.25 -30.49 3.55
CA PRO B 231 1.55 -30.77 4.17
C PRO B 231 2.14 -32.08 3.65
N LYS B 232 3.46 -32.23 3.69
CA LYS B 232 4.09 -33.42 3.14
C LYS B 232 3.63 -34.66 3.90
N LYS B 233 3.77 -35.82 3.25
CA LYS B 233 3.32 -37.07 3.84
C LYS B 233 4.08 -37.33 5.15
N GLY B 234 3.36 -37.86 6.13
CA GLY B 234 3.87 -38.00 7.47
C GLY B 234 3.44 -36.91 8.42
N LEU B 235 2.99 -35.78 7.90
CA LEU B 235 2.47 -34.69 8.71
C LEU B 235 0.96 -34.83 8.86
N SER B 236 0.31 -33.80 9.39
CA SER B 236 -1.13 -33.78 9.61
C SER B 236 -1.80 -32.78 8.68
N PRO B 237 -3.06 -32.98 8.32
CA PRO B 237 -3.73 -32.05 7.41
C PRO B 237 -3.89 -30.67 8.02
N LEU B 238 -3.94 -29.67 7.16
CA LEU B 238 -4.11 -28.29 7.60
C LEU B 238 -5.59 -27.97 7.75
N ALA B 239 -5.90 -27.09 8.70
CA ALA B 239 -7.28 -26.77 9.04
C ALA B 239 -7.70 -25.49 8.34
N LEU B 240 -8.83 -25.54 7.65
CA LEU B 240 -9.42 -24.38 6.99
C LEU B 240 -10.69 -24.02 7.77
N ASN B 241 -10.60 -22.99 8.62
CA ASN B 241 -11.73 -22.66 9.48
C ASN B 241 -12.04 -21.17 9.50
N THR B 242 -11.60 -20.41 8.49
CA THR B 242 -11.88 -18.99 8.40
C THR B 242 -12.33 -18.65 6.98
N MET B 243 -13.20 -17.65 6.88
CA MET B 243 -13.78 -17.27 5.62
C MET B 243 -13.51 -15.82 5.20
N ASP B 244 -13.04 -14.97 6.11
CA ASP B 244 -12.75 -13.59 5.75
C ASP B 244 -11.29 -13.45 5.33
N GLN B 245 -10.96 -12.26 4.81
CA GLN B 245 -9.66 -12.05 4.19
C GLN B 245 -8.53 -12.13 5.21
N PHE B 246 -8.75 -11.63 6.43
CA PHE B 246 -7.71 -11.53 7.44
C PHE B 246 -7.78 -12.63 8.49
N SER B 247 -8.57 -13.68 8.26
CA SER B 247 -8.64 -14.84 9.14
C SER B 247 -9.07 -14.45 10.55
N SER B 248 -10.19 -13.72 10.64
CA SER B 248 -10.73 -13.33 11.94
C SER B 248 -12.23 -13.52 12.00
N ARG B 249 -12.75 -14.52 11.29
CA ARG B 249 -14.19 -14.78 11.25
C ARG B 249 -14.40 -16.23 10.88
N LEU B 250 -15.13 -16.97 11.71
CA LEU B 250 -15.34 -18.38 11.49
C LEU B 250 -16.47 -18.62 10.47
N ILE B 251 -16.59 -19.86 10.04
CA ILE B 251 -17.56 -20.25 9.02
C ILE B 251 -18.84 -20.68 9.72
N PRO B 252 -19.94 -19.96 9.58
CA PRO B 252 -21.19 -20.35 10.24
C PRO B 252 -22.08 -21.19 9.34
N ILE B 253 -22.98 -21.94 9.98
CA ILE B 253 -24.00 -22.70 9.29
C ILE B 253 -25.34 -22.46 9.97
N ASN B 254 -26.41 -22.81 9.26
CA ASN B 254 -27.77 -22.57 9.72
C ASN B 254 -28.21 -23.64 10.71
N TYR B 255 -29.33 -23.37 11.40
CA TYR B 255 -29.93 -24.38 12.26
C TYR B 255 -30.54 -25.50 11.43
N ASP B 256 -31.19 -25.16 10.32
CA ASP B 256 -31.70 -26.18 9.40
C ASP B 256 -30.61 -26.91 8.65
N GLN B 257 -29.37 -26.41 8.70
CA GLN B 257 -28.23 -27.15 8.15
C GLN B 257 -27.54 -27.99 9.21
N LEU B 258 -27.42 -27.46 10.42
CA LEU B 258 -26.84 -28.24 11.52
C LEU B 258 -27.72 -29.43 11.86
N LYS B 259 -29.04 -29.26 11.78
CA LYS B 259 -29.93 -30.38 12.05
C LYS B 259 -29.75 -31.51 11.05
N LYS B 260 -29.59 -31.17 9.76
CA LYS B 260 -29.28 -32.19 8.77
C LYS B 260 -27.91 -32.81 9.03
N LEU B 261 -26.92 -31.97 9.40
CA LEU B 261 -25.57 -32.47 9.62
C LEU B 261 -25.53 -33.49 10.74
N ASP B 262 -26.30 -33.26 11.81
CA ASP B 262 -26.34 -34.18 12.93
C ASP B 262 -27.36 -35.31 12.75
N ALA B 263 -28.04 -35.36 11.61
CA ALA B 263 -29.03 -36.40 11.34
C ALA B 263 -28.47 -37.50 10.44
N GLY B 264 -27.16 -37.53 10.21
CA GLY B 264 -26.55 -38.53 9.37
C GLY B 264 -26.23 -38.11 7.96
N LYS B 265 -26.20 -36.81 7.68
CA LYS B 265 -25.85 -36.30 6.37
C LYS B 265 -24.45 -35.70 6.41
N GLN B 266 -23.65 -36.01 5.39
CA GLN B 266 -22.27 -35.57 5.33
C GLN B 266 -22.14 -34.34 4.43
N ILE B 267 -20.91 -33.84 4.33
CA ILE B 267 -20.61 -32.66 3.54
C ILE B 267 -19.57 -33.03 2.48
N LYS B 268 -19.57 -32.28 1.40
CA LYS B 268 -18.66 -32.53 0.28
C LYS B 268 -17.85 -31.28 -0.01
N LEU B 269 -16.66 -31.47 -0.57
CA LEU B 269 -15.75 -30.39 -0.88
C LEU B 269 -15.38 -30.44 -2.36
N GLU B 270 -15.52 -29.31 -3.04
CA GLU B 270 -15.13 -29.15 -4.43
C GLU B 270 -14.10 -28.05 -4.54
N THR B 271 -13.12 -28.26 -5.41
CA THR B 271 -12.05 -27.29 -5.66
C THR B 271 -12.31 -26.63 -7.01
N THR B 272 -12.77 -25.38 -6.99
CA THR B 272 -13.13 -24.69 -8.22
C THR B 272 -11.90 -24.26 -9.01
N GLN B 273 -10.89 -23.70 -8.35
CA GLN B 273 -9.72 -23.19 -9.04
C GLN B 273 -8.57 -23.09 -8.06
N VAL B 274 -7.36 -23.01 -8.62
CA VAL B 274 -6.13 -22.87 -7.84
C VAL B 274 -5.25 -21.83 -8.52
N SER B 275 -4.68 -20.92 -7.74
CA SER B 275 -3.79 -19.88 -8.27
C SER B 275 -2.43 -20.01 -7.62
N GLY B 276 -1.39 -19.87 -8.43
CA GLY B 276 -0.02 -20.00 -7.95
C GLY B 276 0.97 -19.20 -8.76
N ASN B 277 2.25 -19.52 -8.64
CA ASN B 277 3.31 -18.79 -9.33
C ASN B 277 4.27 -19.77 -9.99
N PHE B 278 5.19 -19.22 -10.78
CA PHE B 278 6.27 -20.00 -11.38
C PHE B 278 7.54 -19.18 -11.35
N GLY B 279 8.68 -19.86 -11.36
CA GLY B 279 9.98 -19.23 -11.16
C GLY B 279 10.70 -18.98 -12.47
N THR B 280 11.23 -17.77 -12.62
CA THR B 280 12.03 -17.37 -13.76
C THR B 280 13.28 -16.65 -13.26
N LYS B 281 14.25 -16.50 -14.16
CA LYS B 281 15.52 -15.87 -13.84
C LYS B 281 15.47 -14.40 -14.27
N ASN B 282 15.88 -13.51 -13.37
CA ASN B 282 15.89 -12.08 -13.66
C ASN B 282 17.24 -11.69 -14.27
N SER B 283 17.48 -10.39 -14.39
CA SER B 283 18.66 -9.89 -15.11
C SER B 283 19.98 -10.19 -14.40
N SER B 284 19.94 -10.59 -13.13
CA SER B 284 21.16 -10.87 -12.38
C SER B 284 21.51 -12.35 -12.35
N GLY B 285 20.54 -13.22 -12.10
CA GLY B 285 20.80 -14.64 -11.99
C GLY B 285 20.00 -15.29 -10.88
N GLN B 286 19.22 -14.48 -10.17
CA GLN B 286 18.36 -14.99 -9.12
C GLN B 286 17.07 -15.53 -9.71
N ILE B 287 16.27 -16.17 -8.86
CA ILE B 287 14.97 -16.71 -9.25
C ILE B 287 13.90 -15.82 -8.64
N VAL B 288 13.01 -15.30 -9.49
CA VAL B 288 11.92 -14.44 -9.05
C VAL B 288 10.60 -15.15 -9.36
N THR B 289 9.79 -15.34 -8.32
CA THR B 289 8.51 -16.02 -8.46
C THR B 289 7.33 -15.13 -8.04
N GLU B 290 7.51 -13.82 -8.02
CA GLU B 290 6.45 -12.89 -7.67
C GLU B 290 6.02 -12.14 -8.91
N GLY B 291 4.71 -12.11 -9.16
CA GLY B 291 4.18 -11.51 -10.37
C GLY B 291 4.16 -12.43 -11.58
N ASN B 292 4.44 -13.71 -11.39
CA ASN B 292 4.44 -14.70 -12.47
C ASN B 292 3.29 -15.68 -12.20
N SER B 293 2.11 -15.34 -12.71
CA SER B 293 0.91 -16.11 -12.40
C SER B 293 0.66 -17.18 -13.45
N TRP B 294 0.21 -18.35 -12.99
CA TRP B 294 -0.14 -19.44 -13.91
C TRP B 294 -1.48 -19.18 -14.60
N SER B 295 -2.33 -18.34 -14.01
CA SER B 295 -3.64 -18.06 -14.58
C SER B 295 -3.54 -17.37 -15.93
N ASP B 296 -2.42 -16.70 -16.21
CA ASP B 296 -2.24 -16.07 -17.51
C ASP B 296 -2.03 -17.11 -18.61
N TYR B 297 -1.55 -18.29 -18.26
CA TYR B 297 -1.22 -19.32 -19.23
C TYR B 297 -2.18 -20.50 -19.22
N ILE B 298 -3.02 -20.62 -18.19
CA ILE B 298 -3.93 -21.77 -18.10
C ILE B 298 -4.84 -21.83 -19.32
N SER B 299 -5.50 -20.71 -19.64
CA SER B 299 -6.43 -20.69 -20.75
C SER B 299 -5.73 -20.83 -22.10
N GLN B 300 -4.55 -20.23 -22.23
CA GLN B 300 -3.80 -20.35 -23.48
C GLN B 300 -3.24 -21.74 -23.70
N ILE B 301 -3.01 -22.50 -22.64
CA ILE B 301 -2.48 -23.85 -22.76
C ILE B 301 -3.60 -24.86 -22.97
N ASP B 302 -4.73 -24.71 -22.27
CA ASP B 302 -5.82 -25.66 -22.42
C ASP B 302 -6.48 -25.59 -23.80
N SER B 303 -6.28 -24.49 -24.53
CA SER B 303 -6.97 -24.29 -25.80
C SER B 303 -6.24 -24.87 -27.01
N ILE B 304 -4.99 -25.28 -26.87
CA ILE B 304 -4.23 -25.78 -28.00
C ILE B 304 -3.61 -27.14 -27.66
N SER B 305 -4.17 -27.81 -26.66
CA SER B 305 -3.59 -29.05 -26.17
C SER B 305 -4.68 -30.09 -25.94
N ALA B 306 -4.26 -31.35 -25.84
CA ALA B 306 -5.13 -32.45 -25.49
C ALA B 306 -4.73 -33.00 -24.13
N SER B 307 -5.73 -33.44 -23.37
CA SER B 307 -5.53 -33.92 -22.01
C SER B 307 -5.36 -35.43 -22.02
N ILE B 308 -4.28 -35.91 -21.40
CA ILE B 308 -3.99 -37.34 -21.29
C ILE B 308 -3.73 -37.64 -19.82
N ILE B 309 -4.46 -38.62 -19.28
CA ILE B 309 -4.37 -38.97 -17.86
C ILE B 309 -4.07 -40.46 -17.76
N LEU B 310 -2.85 -40.79 -17.35
CA LEU B 310 -2.46 -42.16 -17.06
C LEU B 310 -2.70 -42.42 -15.59
N ASP B 311 -3.53 -43.41 -15.29
CA ASP B 311 -3.96 -43.70 -13.92
C ASP B 311 -3.43 -45.07 -13.53
N THR B 312 -2.19 -45.10 -13.03
CA THR B 312 -1.64 -46.31 -12.45
C THR B 312 -2.17 -46.49 -11.04
N GLU B 313 -1.70 -47.51 -10.34
CA GLU B 313 -2.15 -47.76 -8.99
C GLU B 313 -1.35 -46.92 -8.00
N ASN B 314 -2.06 -46.40 -6.98
CA ASN B 314 -1.53 -45.54 -5.92
C ASN B 314 -0.91 -44.24 -6.44
N GLU B 315 -1.06 -43.96 -7.74
CA GLU B 315 -0.50 -42.74 -8.30
C GLU B 315 -1.28 -42.36 -9.54
N SER B 316 -1.33 -41.06 -9.84
CA SER B 316 -2.04 -40.53 -11.00
C SER B 316 -1.17 -39.50 -11.70
N TYR B 317 -1.25 -39.45 -13.02
CA TYR B 317 -0.51 -38.51 -13.84
C TYR B 317 -1.44 -37.83 -14.81
N GLU B 318 -1.25 -36.53 -15.03
CA GLU B 318 -2.04 -35.77 -15.99
C GLU B 318 -1.12 -34.89 -16.82
N ARG B 319 -1.30 -34.92 -18.14
CA ARG B 319 -0.40 -34.22 -19.05
C ARG B 319 -1.20 -33.49 -20.12
N ARG B 320 -0.57 -32.48 -20.71
CA ARG B 320 -1.10 -31.75 -21.85
C ARG B 320 -0.10 -31.81 -22.99
N VAL B 321 -0.55 -32.24 -24.17
CA VAL B 321 0.30 -32.38 -25.34
C VAL B 321 -0.25 -31.48 -26.45
N THR B 322 0.63 -30.71 -27.07
CA THR B 322 0.21 -29.74 -28.07
C THR B 322 -0.30 -30.45 -29.33
N ALA B 323 -1.46 -30.04 -29.81
CA ALA B 323 -2.05 -30.59 -31.02
C ALA B 323 -1.81 -29.64 -32.18
N LYS B 324 -2.36 -29.98 -33.34
CA LYS B 324 -2.21 -29.20 -34.56
C LYS B 324 -3.57 -28.97 -35.19
N ASN B 325 -3.80 -27.75 -35.67
CA ASN B 325 -5.04 -27.39 -36.35
C ASN B 325 -4.82 -27.54 -37.85
N LEU B 326 -5.62 -28.39 -38.49
CA LEU B 326 -5.50 -28.60 -39.93
C LEU B 326 -6.20 -27.53 -40.75
N GLN B 327 -7.08 -26.73 -40.14
CA GLN B 327 -7.72 -25.65 -40.87
C GLN B 327 -6.75 -24.52 -41.16
N ASP B 328 -5.94 -24.14 -40.17
CA ASP B 328 -5.00 -23.05 -40.35
C ASP B 328 -3.76 -23.55 -41.10
N PRO B 329 -3.43 -22.98 -42.26
CA PRO B 329 -2.21 -23.41 -42.96
C PRO B 329 -0.94 -22.85 -42.35
N GLU B 330 -1.03 -21.84 -41.50
CA GLU B 330 0.13 -21.24 -40.87
C GLU B 330 0.41 -21.83 -39.49
N ASP B 331 -0.32 -22.87 -39.09
CA ASP B 331 -0.06 -23.57 -37.84
C ASP B 331 0.96 -24.65 -38.14
N LYS B 332 2.24 -24.33 -37.89
CA LYS B 332 3.34 -25.23 -38.20
C LYS B 332 3.69 -26.16 -37.04
N THR B 333 2.76 -26.42 -36.14
CA THR B 333 3.01 -27.33 -35.03
C THR B 333 3.20 -28.74 -35.56
N PRO B 334 4.22 -29.47 -35.10
CA PRO B 334 4.44 -30.83 -35.61
C PRO B 334 3.25 -31.73 -35.32
N GLU B 335 2.96 -32.61 -36.26
CA GLU B 335 1.85 -33.54 -36.14
C GLU B 335 2.27 -34.77 -35.36
N LEU B 336 1.36 -35.29 -34.54
CA LEU B 336 1.63 -36.45 -33.71
C LEU B 336 0.43 -37.37 -33.70
N THR B 337 0.70 -38.66 -33.48
CA THR B 337 -0.34 -39.64 -33.23
C THR B 337 -0.48 -39.88 -31.74
N ILE B 338 -1.51 -40.65 -31.37
CA ILE B 338 -1.78 -40.90 -29.96
C ILE B 338 -0.64 -41.70 -29.33
N GLY B 339 -0.04 -42.61 -30.09
CA GLY B 339 1.09 -43.37 -29.57
C GLY B 339 2.28 -42.47 -29.25
N GLU B 340 2.61 -41.56 -30.16
CA GLU B 340 3.70 -40.62 -29.90
C GLU B 340 3.37 -39.67 -28.77
N ALA B 341 2.11 -39.26 -28.67
CA ALA B 341 1.70 -38.39 -27.56
C ALA B 341 1.88 -39.10 -26.22
N ILE B 342 1.47 -40.37 -26.14
CA ILE B 342 1.63 -41.12 -24.89
C ILE B 342 3.10 -41.35 -24.60
N GLU B 343 3.91 -41.60 -25.64
CA GLU B 343 5.33 -41.80 -25.44
C GLU B 343 6.00 -40.54 -24.90
N LYS B 344 5.65 -39.38 -25.45
CA LYS B 344 6.30 -38.14 -25.06
C LYS B 344 5.80 -37.63 -23.70
N ALA B 345 4.51 -37.77 -23.43
CA ALA B 345 3.93 -37.17 -22.24
C ALA B 345 4.43 -37.84 -20.96
N PHE B 346 4.58 -39.16 -20.98
CA PHE B 346 4.92 -39.91 -19.77
C PHE B 346 6.34 -40.47 -19.79
N GLY B 347 7.13 -40.16 -20.81
CA GLY B 347 8.51 -40.63 -20.86
C GLY B 347 8.63 -42.14 -20.93
N ALA B 348 7.81 -42.78 -21.75
CA ALA B 348 7.86 -44.23 -21.94
C ALA B 348 8.87 -44.57 -23.03
N THR B 349 9.51 -45.72 -22.87
CA THR B 349 10.53 -46.19 -23.80
C THR B 349 10.03 -47.44 -24.51
N LYS B 350 10.22 -47.48 -25.82
CA LYS B 350 9.82 -48.64 -26.61
C LYS B 350 10.77 -49.81 -26.35
N LYS B 351 10.19 -50.98 -26.10
CA LYS B 351 10.99 -52.20 -25.93
C LYS B 351 11.10 -52.97 -27.25
N ASP B 352 9.95 -53.39 -27.80
CA ASP B 352 9.86 -54.10 -29.06
C ASP B 352 8.76 -53.49 -29.91
N GLY B 353 8.66 -52.17 -29.90
CA GLY B 353 7.55 -51.47 -30.53
C GLY B 353 6.37 -51.22 -29.62
N LEU B 354 6.42 -51.68 -28.37
CA LEU B 354 5.37 -51.46 -27.39
C LEU B 354 5.93 -50.60 -26.26
N LEU B 355 5.15 -49.59 -25.85
CA LEU B 355 5.60 -48.65 -24.84
C LEU B 355 5.48 -49.24 -23.44
N TYR B 356 6.48 -48.97 -22.61
CA TYR B 356 6.48 -49.37 -21.21
C TYR B 356 6.76 -48.14 -20.37
N PHE B 357 5.99 -47.96 -19.30
CA PHE B 357 6.16 -46.77 -18.45
C PHE B 357 7.42 -46.91 -17.62
N ASN B 358 7.43 -47.86 -16.68
CA ASN B 358 8.66 -48.33 -16.06
C ASN B 358 8.83 -49.82 -16.29
N ASP B 359 7.85 -50.63 -15.90
CA ASP B 359 7.73 -52.00 -16.35
C ASP B 359 6.28 -52.39 -16.61
N ILE B 360 5.34 -51.46 -16.48
CA ILE B 360 3.92 -51.74 -16.68
C ILE B 360 3.61 -51.56 -18.16
N PRO B 361 3.05 -52.57 -18.84
CA PRO B 361 2.68 -52.39 -20.25
C PRO B 361 1.54 -51.40 -20.38
N ILE B 362 1.72 -50.42 -21.27
CA ILE B 362 0.71 -49.40 -21.52
C ILE B 362 0.23 -49.44 -22.97
N ASP B 363 0.51 -50.52 -23.69
CA ASP B 363 0.00 -50.68 -25.05
C ASP B 363 -1.53 -50.79 -25.02
N GLU B 364 -2.16 -50.36 -26.12
CA GLU B 364 -3.60 -50.22 -26.15
C GLU B 364 -4.32 -51.54 -25.84
N SER B 365 -3.68 -52.67 -26.13
CA SER B 365 -4.26 -53.97 -25.83
C SER B 365 -4.01 -54.42 -24.39
N CYS B 366 -3.14 -53.73 -23.66
CA CYS B 366 -2.82 -54.08 -22.28
C CYS B 366 -3.41 -53.13 -21.25
N VAL B 367 -4.05 -52.04 -21.68
CA VAL B 367 -4.67 -51.09 -20.77
C VAL B 367 -6.06 -50.76 -21.29
N GLU B 368 -6.88 -50.21 -20.40
CA GLU B 368 -8.25 -49.84 -20.73
C GLU B 368 -8.35 -48.34 -20.95
N LEU B 369 -8.74 -47.95 -22.16
CA LEU B 369 -8.88 -46.56 -22.53
C LEU B 369 -10.32 -46.09 -22.31
N ILE B 370 -10.47 -44.91 -21.74
CA ILE B 370 -11.78 -44.31 -21.51
C ILE B 370 -11.79 -42.92 -22.12
N PHE B 371 -12.75 -42.66 -23.00
CA PHE B 371 -12.92 -41.37 -23.65
C PHE B 371 -14.26 -40.77 -23.23
N ASP B 372 -14.52 -39.56 -23.69
CA ASP B 372 -15.82 -38.94 -23.57
C ASP B 372 -16.56 -39.05 -24.91
N ASP B 373 -17.74 -38.44 -25.00
CA ASP B 373 -18.53 -38.55 -26.21
C ASP B 373 -17.81 -37.92 -27.40
N ASN B 374 -17.21 -36.74 -27.21
CA ASN B 374 -16.57 -36.05 -28.31
C ASN B 374 -15.38 -36.84 -28.85
N THR B 375 -14.51 -37.30 -27.94
CA THR B 375 -13.34 -38.06 -28.38
C THR B 375 -13.75 -39.38 -29.02
N ALA B 376 -14.77 -40.05 -28.47
CA ALA B 376 -15.23 -41.30 -29.05
C ALA B 376 -15.77 -41.09 -30.46
N ASN B 377 -16.55 -40.02 -30.66
CA ASN B 377 -17.10 -39.76 -31.98
C ASN B 377 -16.00 -39.34 -32.96
N LYS B 378 -15.00 -38.60 -32.48
CA LYS B 378 -13.91 -38.16 -33.35
C LYS B 378 -12.90 -39.27 -33.62
N ILE B 379 -12.90 -40.34 -32.84
CA ILE B 379 -11.97 -41.44 -33.04
C ILE B 379 -12.62 -42.65 -33.70
N LYS B 380 -13.95 -42.75 -33.69
CA LYS B 380 -14.61 -43.89 -34.33
C LYS B 380 -14.60 -43.76 -35.85
N ASP B 381 -14.59 -42.53 -36.36
CA ASP B 381 -14.63 -42.30 -37.80
C ASP B 381 -13.25 -42.27 -38.44
N SER B 382 -12.19 -42.06 -37.66
CA SER B 382 -10.84 -42.08 -38.20
C SER B 382 -10.24 -43.48 -38.26
N LEU B 383 -10.84 -44.45 -37.57
CA LEU B 383 -10.32 -45.81 -37.60
C LEU B 383 -10.67 -46.52 -38.91
N LYS B 384 -11.87 -46.30 -39.44
CA LYS B 384 -12.28 -46.96 -40.67
C LYS B 384 -11.40 -46.54 -41.85
N THR B 385 -11.07 -45.24 -41.92
CA THR B 385 -10.20 -44.76 -42.99
C THR B 385 -8.78 -45.29 -42.85
N LEU B 386 -8.31 -45.47 -41.61
CA LEU B 386 -6.94 -45.89 -41.35
C LEU B 386 -6.70 -47.30 -41.92
N SER B 387 -5.44 -47.69 -41.96
CA SER B 387 -5.02 -48.98 -42.53
C SER B 387 -4.78 -50.04 -41.46
N ASP B 388 -3.95 -49.75 -40.47
CA ASP B 388 -3.67 -50.70 -39.40
C ASP B 388 -4.81 -50.82 -38.40
N LYS B 389 -5.77 -49.90 -38.42
CA LYS B 389 -6.93 -49.92 -37.53
C LYS B 389 -6.51 -49.99 -36.06
N LYS B 390 -5.51 -49.19 -35.70
CA LYS B 390 -5.01 -49.12 -34.33
C LYS B 390 -5.40 -47.78 -33.72
N ILE B 391 -5.81 -47.81 -32.45
CA ILE B 391 -6.16 -46.58 -31.76
C ILE B 391 -4.95 -45.68 -31.61
N TYR B 392 -3.78 -46.27 -31.32
CA TYR B 392 -2.55 -45.50 -31.13
C TYR B 392 -2.00 -44.92 -32.44
N ASN B 393 -2.67 -45.12 -33.57
CA ASN B 393 -2.23 -44.60 -34.85
C ASN B 393 -3.11 -43.48 -35.37
N VAL B 394 -4.00 -42.95 -34.54
CA VAL B 394 -4.90 -41.88 -34.94
C VAL B 394 -4.24 -40.54 -34.63
N LYS B 395 -4.47 -39.56 -35.49
CA LYS B 395 -3.89 -38.24 -35.31
C LYS B 395 -4.48 -37.55 -34.08
N LEU B 396 -3.60 -36.92 -33.31
CA LEU B 396 -4.04 -36.16 -32.15
C LEU B 396 -4.69 -34.85 -32.58
N GLU B 397 -5.77 -34.49 -31.89
CA GLU B 397 -6.49 -33.25 -32.18
C GLU B 397 -6.80 -32.54 -30.87
N ARG B 398 -7.03 -31.23 -30.98
CA ARG B 398 -7.33 -30.42 -29.81
C ARG B 398 -8.63 -30.84 -29.15
N GLY B 399 -8.67 -30.74 -27.83
CA GLY B 399 -9.85 -31.06 -27.06
C GLY B 399 -10.04 -32.52 -26.73
N MET B 400 -9.10 -33.38 -27.09
CA MET B 400 -9.24 -34.80 -26.80
C MET B 400 -9.03 -35.07 -25.31
N ASN B 401 -9.78 -36.03 -24.78
CA ASN B 401 -9.69 -36.43 -23.38
C ASN B 401 -9.50 -37.94 -23.32
N ILE B 402 -8.27 -38.38 -23.07
CA ILE B 402 -7.94 -39.80 -23.03
C ILE B 402 -7.51 -40.17 -21.62
N LEU B 403 -8.05 -41.28 -21.12
CA LEU B 403 -7.74 -41.78 -19.80
C LEU B 403 -7.23 -43.21 -19.92
N ILE B 404 -5.99 -43.44 -19.49
CA ILE B 404 -5.38 -44.76 -19.54
C ILE B 404 -5.41 -45.36 -18.15
N LYS B 405 -5.95 -46.57 -18.03
CA LYS B 405 -6.07 -47.27 -16.76
C LYS B 405 -5.36 -48.61 -16.87
N THR B 406 -4.36 -48.82 -16.01
CA THR B 406 -3.64 -50.08 -16.02
C THR B 406 -4.44 -51.17 -15.31
N PRO B 407 -4.29 -52.42 -15.73
CA PRO B 407 -5.04 -53.51 -15.11
C PRO B 407 -4.59 -53.74 -13.67
N THR B 408 -5.51 -54.25 -12.87
CA THR B 408 -5.25 -54.54 -11.47
C THR B 408 -4.29 -55.73 -11.33
N GLU C 8 1.79 0.98 -52.30
CA GLU C 8 2.95 0.20 -52.69
C GLU C 8 3.75 -0.26 -51.47
N ASP C 9 4.39 0.67 -50.78
CA ASP C 9 5.08 0.38 -49.53
C ASP C 9 4.84 1.44 -48.46
N LEU C 10 4.05 2.47 -48.75
CA LEU C 10 3.74 3.49 -47.76
C LEU C 10 2.87 2.91 -46.66
N ASP C 11 3.20 3.24 -45.41
CA ASP C 11 2.45 2.80 -44.25
C ASP C 11 2.18 4.00 -43.37
N THR C 12 0.91 4.26 -43.06
CA THR C 12 0.49 5.48 -42.37
C THR C 12 0.09 5.23 -40.92
N ASP C 13 -0.81 4.27 -40.67
CA ASP C 13 -1.24 3.98 -39.31
C ASP C 13 -0.16 3.33 -38.48
N ASN C 14 0.96 2.94 -39.10
CA ASN C 14 2.14 2.42 -38.40
C ASN C 14 1.92 1.03 -37.80
N ASP C 15 1.11 0.20 -38.45
CA ASP C 15 1.18 -1.24 -38.24
C ASP C 15 2.14 -1.80 -39.30
N ASN C 16 2.15 -3.12 -39.47
CA ASN C 16 3.06 -3.74 -40.43
C ASN C 16 2.37 -4.07 -41.75
N ILE C 17 1.29 -3.38 -42.08
CA ILE C 17 0.52 -3.62 -43.30
C ILE C 17 0.48 -2.32 -44.09
N PRO C 18 0.88 -2.31 -45.36
CA PRO C 18 0.86 -1.07 -46.14
C PRO C 18 -0.55 -0.57 -46.40
N ASP C 19 -0.62 0.65 -46.93
CA ASP C 19 -1.91 1.29 -47.18
C ASP C 19 -2.71 0.54 -48.22
N SER C 20 -2.10 0.26 -49.38
CA SER C 20 -2.84 -0.37 -50.48
C SER C 20 -3.24 -1.80 -50.14
N TYR C 21 -2.44 -2.49 -49.33
CA TYR C 21 -2.80 -3.84 -48.93
C TYR C 21 -4.09 -3.83 -48.11
N GLU C 22 -4.18 -2.91 -47.15
CA GLU C 22 -5.40 -2.79 -46.35
C GLU C 22 -6.58 -2.32 -47.19
N ARG C 23 -6.32 -1.42 -48.14
CA ARG C 23 -7.41 -0.86 -48.92
C ARG C 23 -7.99 -1.88 -49.89
N ASN C 24 -7.14 -2.70 -50.50
CA ASN C 24 -7.57 -3.65 -51.52
C ASN C 24 -7.82 -5.06 -50.96
N GLY C 25 -6.87 -5.58 -50.19
CA GLY C 25 -7.00 -6.91 -49.63
C GLY C 25 -5.66 -7.57 -49.38
N TYR C 26 -5.52 -8.25 -48.26
CA TYR C 26 -4.25 -8.88 -47.89
C TYR C 26 -4.51 -10.15 -47.11
N THR C 27 -3.47 -10.97 -47.03
CA THR C 27 -3.49 -12.16 -46.19
C THR C 27 -2.11 -12.33 -45.56
N ILE C 28 -2.07 -13.04 -44.43
CA ILE C 28 -0.86 -13.18 -43.64
C ILE C 28 -0.31 -14.58 -43.84
N LYS C 29 0.94 -14.67 -44.28
CA LYS C 29 1.65 -15.93 -44.38
C LYS C 29 3.11 -15.71 -44.03
N ASP C 30 3.66 -16.59 -43.19
CA ASP C 30 5.02 -16.45 -42.66
C ASP C 30 5.19 -15.11 -41.95
N LEU C 31 4.15 -14.69 -41.23
CA LEU C 31 4.16 -13.50 -40.38
C LEU C 31 4.40 -12.21 -41.16
N ILE C 32 4.14 -12.21 -42.46
CA ILE C 32 4.24 -11.00 -43.27
C ILE C 32 2.99 -10.87 -44.12
N ALA C 33 2.63 -9.63 -44.44
CA ALA C 33 1.44 -9.34 -45.22
C ALA C 33 1.76 -9.36 -46.70
N VAL C 34 0.92 -10.03 -47.48
CA VAL C 34 1.08 -10.13 -48.92
C VAL C 34 -0.25 -9.83 -49.60
N LYS C 35 -0.17 -9.48 -50.88
CA LYS C 35 -1.38 -9.18 -51.64
C LYS C 35 -2.25 -10.41 -51.78
N TRP C 36 -3.56 -10.21 -51.76
CA TRP C 36 -4.50 -11.31 -51.84
C TRP C 36 -4.73 -11.72 -53.30
N GLU C 37 -4.64 -13.03 -53.56
CA GLU C 37 -4.98 -13.61 -54.84
C GLU C 37 -6.03 -14.68 -54.65
N ASP C 38 -6.99 -14.76 -55.57
CA ASP C 38 -8.11 -15.68 -55.41
C ASP C 38 -7.66 -17.14 -55.40
N SER C 39 -6.48 -17.43 -55.93
CA SER C 39 -5.96 -18.80 -55.88
C SER C 39 -5.55 -19.24 -54.48
N PHE C 40 -5.43 -18.30 -53.54
CA PHE C 40 -5.05 -18.62 -52.18
C PHE C 40 -6.18 -19.25 -51.37
N ALA C 41 -7.43 -19.09 -51.81
CA ALA C 41 -8.56 -19.53 -51.01
C ALA C 41 -8.61 -21.04 -50.86
N GLU C 42 -8.30 -21.77 -51.93
CA GLU C 42 -8.43 -23.23 -51.88
C GLU C 42 -7.41 -23.88 -50.96
N GLN C 43 -6.23 -23.27 -50.81
CA GLN C 43 -5.30 -23.72 -49.77
C GLN C 43 -5.87 -23.50 -48.37
N GLY C 44 -6.83 -22.60 -48.22
CA GLY C 44 -7.38 -22.23 -46.94
C GLY C 44 -6.79 -20.91 -46.49
N TYR C 45 -7.51 -19.82 -46.71
CA TYR C 45 -7.00 -18.48 -46.45
C TYR C 45 -8.18 -17.53 -46.44
N LYS C 46 -8.02 -16.41 -45.76
CA LYS C 46 -9.08 -15.41 -45.64
C LYS C 46 -8.60 -14.08 -46.20
N LYS C 47 -9.53 -13.36 -46.83
CA LYS C 47 -9.24 -12.04 -47.38
C LYS C 47 -9.56 -10.99 -46.32
N TYR C 48 -8.54 -10.26 -45.88
CA TYR C 48 -8.69 -9.27 -44.82
C TYR C 48 -8.60 -7.88 -45.41
N VAL C 49 -9.54 -7.01 -45.03
CA VAL C 49 -9.52 -5.60 -45.36
C VAL C 49 -9.65 -4.82 -44.07
N SER C 50 -8.89 -3.73 -43.95
CA SER C 50 -8.80 -2.99 -42.70
C SER C 50 -8.91 -1.50 -43.00
N ASN C 51 -8.64 -0.69 -41.98
CA ASN C 51 -8.62 0.76 -42.10
C ASN C 51 -7.18 1.21 -42.14
N TYR C 52 -6.79 1.88 -43.23
CA TYR C 52 -5.41 2.28 -43.42
C TYR C 52 -5.05 3.59 -42.73
N LEU C 53 -6.00 4.20 -42.02
CA LEU C 53 -5.74 5.40 -41.23
C LEU C 53 -5.86 5.14 -39.74
N GLU C 54 -6.06 3.89 -39.34
CA GLU C 54 -6.23 3.54 -37.94
C GLU C 54 -5.43 2.29 -37.62
N SER C 55 -4.82 2.27 -36.43
CA SER C 55 -4.03 1.11 -36.02
C SER C 55 -4.89 0.03 -35.38
N ASN C 56 -6.06 0.38 -34.83
CA ASN C 56 -6.99 -0.56 -34.23
C ASN C 56 -8.35 -0.32 -34.89
N THR C 57 -8.63 -1.07 -35.96
CA THR C 57 -9.86 -0.84 -36.72
C THR C 57 -11.10 -1.14 -35.87
N ALA C 58 -11.10 -2.27 -35.17
CA ALA C 58 -12.27 -2.65 -34.38
C ALA C 58 -12.36 -1.85 -33.08
N GLY C 59 -11.25 -1.38 -32.56
CA GLY C 59 -11.22 -0.68 -31.29
C GLY C 59 -10.77 -1.51 -30.11
N ASP C 60 -10.49 -2.79 -30.31
CA ASP C 60 -10.00 -3.65 -29.24
C ASP C 60 -8.52 -3.38 -29.01
N PRO C 61 -7.95 -3.88 -27.91
CA PRO C 61 -6.53 -3.59 -27.62
C PRO C 61 -5.56 -4.09 -28.68
N TYR C 62 -5.93 -5.07 -29.48
CA TYR C 62 -5.02 -5.66 -30.46
C TYR C 62 -5.12 -4.94 -31.79
N THR C 63 -3.95 -4.70 -32.40
CA THR C 63 -3.88 -3.97 -33.65
C THR C 63 -4.27 -4.87 -34.82
N ASP C 64 -4.30 -4.29 -36.01
CA ASP C 64 -4.68 -5.05 -37.20
C ASP C 64 -3.69 -6.18 -37.49
N TYR C 65 -2.39 -5.90 -37.37
CA TYR C 65 -1.40 -6.93 -37.64
C TYR C 65 -1.49 -8.08 -36.65
N GLU C 66 -1.64 -7.77 -35.37
CA GLU C 66 -1.75 -8.82 -34.36
C GLU C 66 -2.99 -9.67 -34.59
N LYS C 67 -4.11 -9.03 -34.93
CA LYS C 67 -5.35 -9.78 -35.16
C LYS C 67 -5.24 -10.66 -36.40
N ALA C 68 -4.79 -10.09 -37.52
CA ALA C 68 -4.70 -10.84 -38.77
C ALA C 68 -3.69 -11.97 -38.67
N SER C 69 -2.54 -11.71 -38.04
CA SER C 69 -1.48 -12.71 -37.95
C SER C 69 -1.73 -13.74 -36.87
N GLY C 70 -2.77 -13.57 -36.06
CA GLY C 70 -3.01 -14.50 -34.95
C GLY C 70 -1.91 -14.47 -33.92
N SER C 71 -1.34 -13.30 -33.66
CA SER C 71 -0.23 -13.14 -32.74
C SER C 71 -0.68 -12.62 -31.38
N PHE C 72 -1.86 -13.01 -30.93
CA PHE C 72 -2.39 -12.62 -29.63
C PHE C 72 -2.57 -13.86 -28.76
N ASP C 73 -3.24 -13.67 -27.63
CA ASP C 73 -3.63 -14.79 -26.77
C ASP C 73 -4.29 -15.89 -27.58
N LYS C 74 -3.75 -17.11 -27.47
CA LYS C 74 -4.21 -18.22 -28.31
C LYS C 74 -5.55 -18.77 -27.88
N ALA C 75 -6.18 -18.24 -26.83
CA ALA C 75 -7.50 -18.67 -26.42
C ALA C 75 -8.61 -17.87 -27.09
N ILE C 76 -8.28 -16.84 -27.84
CA ILE C 76 -9.27 -16.04 -28.55
C ILE C 76 -9.77 -16.82 -29.76
N LYS C 77 -11.08 -16.80 -29.97
CA LYS C 77 -11.69 -17.56 -31.06
C LYS C 77 -11.16 -17.09 -32.41
N THR C 78 -11.07 -18.03 -33.35
CA THR C 78 -10.49 -17.72 -34.66
C THR C 78 -11.38 -16.78 -35.47
N GLU C 79 -12.66 -16.65 -35.10
CA GLU C 79 -13.53 -15.71 -35.79
C GLU C 79 -13.29 -14.27 -35.37
N ALA C 80 -12.37 -14.03 -34.44
CA ALA C 80 -11.95 -12.68 -34.07
C ALA C 80 -10.61 -12.31 -34.69
N ARG C 81 -10.11 -13.10 -35.62
CA ARG C 81 -8.83 -12.82 -36.26
C ARG C 81 -8.93 -11.81 -37.39
N ASP C 82 -10.13 -11.53 -37.88
CA ASP C 82 -10.13 -10.47 -38.88
C ASP C 82 -10.29 -9.11 -38.22
N PRO C 83 -9.68 -8.07 -38.79
CA PRO C 83 -9.69 -6.76 -38.14
C PRO C 83 -11.08 -6.17 -37.95
N LEU C 84 -12.07 -6.60 -38.72
CA LEU C 84 -13.40 -6.01 -38.65
C LEU C 84 -14.27 -6.61 -37.55
N VAL C 85 -13.82 -7.64 -36.87
CA VAL C 85 -14.57 -8.27 -35.79
C VAL C 85 -13.81 -8.06 -34.48
N ALA C 86 -14.50 -7.57 -33.47
CA ALA C 86 -13.86 -7.23 -32.21
C ALA C 86 -13.70 -8.44 -31.31
N ALA C 87 -12.57 -8.49 -30.60
CA ALA C 87 -12.35 -9.48 -29.55
C ALA C 87 -12.90 -8.90 -28.26
N TYR C 88 -14.02 -9.44 -27.79
CA TYR C 88 -14.78 -8.78 -26.74
C TYR C 88 -15.66 -9.79 -26.01
N PRO C 89 -15.52 -9.90 -24.69
CA PRO C 89 -16.32 -10.88 -23.93
C PRO C 89 -17.65 -10.32 -23.46
N ILE C 90 -18.60 -11.24 -23.29
CA ILE C 90 -19.98 -10.90 -22.96
C ILE C 90 -20.37 -11.57 -21.63
N VAL C 91 -19.41 -11.64 -20.71
CA VAL C 91 -19.61 -12.32 -19.44
C VAL C 91 -20.89 -11.85 -18.76
N GLY C 92 -21.64 -12.81 -18.21
CA GLY C 92 -22.85 -12.53 -17.47
C GLY C 92 -22.97 -13.46 -16.28
N VAL C 93 -24.00 -13.23 -15.47
CA VAL C 93 -24.20 -13.95 -14.21
C VAL C 93 -25.62 -14.49 -14.16
N GLY C 94 -25.76 -15.74 -13.73
CA GLY C 94 -27.07 -16.32 -13.52
C GLY C 94 -27.13 -16.98 -12.15
N MET C 95 -28.33 -16.96 -11.58
CA MET C 95 -28.57 -17.45 -10.23
C MET C 95 -29.31 -18.78 -10.27
N GLU C 96 -29.01 -19.65 -9.31
CA GLU C 96 -29.60 -20.98 -9.24
C GLU C 96 -30.37 -21.26 -7.96
N LYS C 97 -29.99 -20.65 -6.83
CA LYS C 97 -30.68 -20.92 -5.58
C LYS C 97 -30.46 -19.77 -4.62
N LEU C 98 -31.39 -19.61 -3.68
CA LEU C 98 -31.31 -18.61 -2.62
C LEU C 98 -31.63 -19.26 -1.29
N ILE C 99 -30.84 -18.94 -0.26
CA ILE C 99 -30.94 -19.56 1.05
C ILE C 99 -31.17 -18.47 2.08
N ILE C 100 -32.10 -18.71 3.00
CA ILE C 100 -32.48 -17.75 4.04
C ILE C 100 -32.15 -18.34 5.41
N SER C 101 -31.60 -17.50 6.29
CA SER C 101 -31.26 -17.90 7.65
C SER C 101 -31.89 -16.92 8.62
N THR C 102 -32.95 -17.35 9.31
CA THR C 102 -33.66 -16.49 10.24
C THR C 102 -32.79 -16.19 11.45
N ASN C 103 -32.69 -14.91 11.81
CA ASN C 103 -31.79 -14.45 12.87
C ASN C 103 -32.61 -14.18 14.12
N GLU C 104 -32.85 -15.24 14.89
CA GLU C 104 -33.64 -15.14 16.11
C GLU C 104 -33.00 -15.98 17.20
N HIS C 105 -33.19 -15.55 18.44
CA HIS C 105 -32.67 -16.26 19.62
C HIS C 105 -33.79 -17.05 20.27
N ALA C 106 -33.52 -18.32 20.57
CA ALA C 106 -34.47 -19.19 21.23
C ALA C 106 -33.85 -19.71 22.52
N SER C 107 -34.51 -19.45 23.65
CA SER C 107 -34.03 -19.84 24.96
C SER C 107 -35.07 -20.68 25.67
N THR C 108 -34.59 -21.69 26.41
CA THR C 108 -35.43 -22.55 27.22
C THR C 108 -34.80 -22.69 28.59
N ASP C 109 -35.54 -22.32 29.63
CA ASP C 109 -35.04 -22.36 31.01
C ASP C 109 -36.01 -23.13 31.89
N GLN C 110 -35.47 -23.75 32.93
CA GLN C 110 -36.26 -24.50 33.88
C GLN C 110 -35.60 -24.46 35.25
N GLY C 111 -36.42 -24.46 36.29
CA GLY C 111 -35.92 -24.39 37.65
C GLY C 111 -36.58 -25.44 38.54
N LYS C 112 -36.21 -25.40 39.81
CA LYS C 112 -36.75 -26.33 40.80
C LYS C 112 -36.61 -25.68 42.18
N THR C 113 -37.74 -25.24 42.74
CA THR C 113 -37.75 -24.53 44.00
C THR C 113 -38.14 -25.47 45.14
N VAL C 114 -37.62 -25.20 46.33
CA VAL C 114 -37.92 -26.02 47.50
C VAL C 114 -38.48 -25.15 48.62
N SER C 161 -43.14 -26.62 51.55
CA SER C 161 -42.86 -25.84 50.34
C SER C 161 -42.19 -26.72 49.29
N ASN C 162 -42.73 -26.69 48.07
CA ASN C 162 -42.18 -27.44 46.96
C ASN C 162 -42.78 -26.89 45.67
N GLY C 163 -41.97 -26.80 44.63
CA GLY C 163 -42.44 -26.27 43.36
C GLY C 163 -41.42 -26.48 42.26
N GLU C 164 -41.83 -26.09 41.05
CA GLU C 164 -40.99 -26.15 39.87
C GLU C 164 -41.33 -24.95 38.98
N SER C 165 -40.71 -24.90 37.81
CA SER C 165 -40.91 -23.77 36.91
C SER C 165 -40.51 -24.17 35.49
N TRP C 166 -40.94 -23.35 34.54
CA TRP C 166 -40.58 -23.52 33.14
C TRP C 166 -40.63 -22.16 32.47
N ASN C 167 -39.92 -22.04 31.34
CA ASN C 167 -39.87 -20.78 30.61
C ASN C 167 -39.27 -21.02 29.23
N THR C 168 -39.88 -20.41 28.22
CA THR C 168 -39.34 -20.37 26.87
C THR C 168 -39.40 -18.94 26.36
N GLY C 169 -38.50 -18.62 25.42
CA GLY C 169 -38.43 -17.28 24.87
C GLY C 169 -38.04 -17.31 23.41
N LEU C 170 -38.33 -16.20 22.72
CA LEU C 170 -37.96 -16.05 21.33
C LEU C 170 -37.91 -14.56 21.01
N SER C 171 -36.71 -14.03 20.82
CA SER C 171 -36.50 -12.62 20.50
C SER C 171 -35.98 -12.49 19.08
N ILE C 172 -36.57 -11.58 18.32
CA ILE C 172 -36.22 -11.37 16.91
C ILE C 172 -35.93 -9.89 16.70
N ASN C 173 -34.83 -9.60 16.02
CA ASN C 173 -34.48 -8.23 15.67
C ASN C 173 -35.19 -7.85 14.37
N LYS C 174 -35.88 -6.72 14.39
CA LYS C 174 -36.67 -6.29 13.25
C LYS C 174 -35.89 -5.43 12.26
N GLY C 175 -34.60 -5.21 12.50
CA GLY C 175 -33.77 -4.47 11.57
C GLY C 175 -33.03 -5.39 10.62
N GLU C 176 -32.44 -6.45 11.17
CA GLU C 176 -31.75 -7.49 10.40
C GLU C 176 -32.31 -8.82 10.87
N SER C 177 -33.44 -9.23 10.27
CA SER C 177 -34.16 -10.41 10.73
C SER C 177 -33.75 -11.68 10.00
N ALA C 178 -32.95 -11.60 8.94
CA ALA C 178 -32.55 -12.78 8.20
C ALA C 178 -31.34 -12.44 7.34
N TYR C 179 -30.68 -13.50 6.85
CA TYR C 179 -29.53 -13.37 5.96
C TYR C 179 -29.78 -14.20 4.72
N ILE C 180 -29.41 -13.66 3.56
CA ILE C 180 -29.66 -14.30 2.29
C ILE C 180 -28.34 -14.73 1.67
N ASN C 181 -28.32 -15.94 1.10
CA ASN C 181 -27.15 -16.48 0.43
C ASN C 181 -27.59 -16.92 -0.97
N ALA C 182 -26.85 -16.48 -1.99
CA ALA C 182 -27.21 -16.71 -3.38
C ALA C 182 -26.15 -17.57 -4.05
N ASN C 183 -26.60 -18.60 -4.77
CA ASN C 183 -25.71 -19.47 -5.53
C ASN C 183 -25.72 -19.00 -6.99
N VAL C 184 -24.60 -18.45 -7.43
CA VAL C 184 -24.49 -17.88 -8.76
C VAL C 184 -23.55 -18.73 -9.61
N ARG C 185 -23.47 -18.39 -10.89
CA ARG C 185 -22.61 -19.11 -11.83
C ARG C 185 -22.43 -18.24 -13.07
N TYR C 186 -21.19 -18.05 -13.48
CA TYR C 186 -20.89 -17.14 -14.59
C TYR C 186 -20.90 -17.90 -15.92
N TYR C 187 -20.92 -17.14 -17.00
CA TYR C 187 -20.81 -17.71 -18.34
C TYR C 187 -20.23 -16.66 -19.27
N ASN C 188 -19.66 -17.14 -20.38
CA ASN C 188 -19.06 -16.28 -21.38
C ASN C 188 -19.59 -16.66 -22.76
N THR C 189 -20.00 -15.66 -23.53
CA THR C 189 -20.53 -15.89 -24.88
C THR C 189 -19.82 -15.05 -25.93
N GLY C 190 -18.68 -14.44 -25.59
CA GLY C 190 -17.94 -13.61 -26.52
C GLY C 190 -16.89 -14.40 -27.28
N THR C 191 -15.91 -13.68 -27.82
CA THR C 191 -14.83 -14.28 -28.60
C THR C 191 -13.48 -14.22 -27.89
N ALA C 192 -13.41 -13.65 -26.70
CA ALA C 192 -12.16 -13.53 -25.97
C ALA C 192 -12.37 -13.90 -24.52
N PRO C 193 -11.35 -14.42 -23.85
CA PRO C 193 -11.48 -14.75 -22.43
C PRO C 193 -11.38 -13.51 -21.55
N MET C 194 -11.82 -13.69 -20.31
CA MET C 194 -11.75 -12.63 -19.31
C MET C 194 -11.02 -13.18 -18.09
N TYR C 195 -9.95 -12.52 -17.68
CA TYR C 195 -9.20 -12.89 -16.50
C TYR C 195 -9.60 -12.01 -15.33
N LYS C 196 -9.70 -12.62 -14.15
CA LYS C 196 -10.06 -11.92 -12.92
C LYS C 196 -11.47 -11.32 -13.02
N VAL C 197 -12.44 -12.19 -13.30
CA VAL C 197 -13.82 -11.77 -13.46
C VAL C 197 -14.36 -11.28 -12.12
N THR C 198 -14.85 -10.03 -12.10
CA THR C 198 -15.38 -9.40 -10.89
C THR C 198 -16.72 -8.75 -11.20
N PRO C 199 -17.78 -9.55 -11.32
CA PRO C 199 -19.09 -8.99 -11.67
C PRO C 199 -19.73 -8.25 -10.51
N THR C 200 -20.73 -7.44 -10.87
CA THR C 200 -21.55 -6.71 -9.92
C THR C 200 -23.02 -7.04 -10.18
N THR C 201 -23.74 -7.40 -9.12
CA THR C 201 -25.10 -7.90 -9.25
C THR C 201 -26.03 -7.15 -8.30
N ASN C 202 -27.31 -7.09 -8.69
CA ASN C 202 -28.36 -6.52 -7.87
C ASN C 202 -29.32 -7.61 -7.42
N LEU C 203 -29.94 -7.40 -6.26
CA LEU C 203 -30.99 -8.29 -5.75
C LEU C 203 -32.26 -7.49 -5.58
N VAL C 204 -33.33 -7.91 -6.25
CA VAL C 204 -34.61 -7.20 -6.22
C VAL C 204 -35.69 -8.16 -5.72
N LEU C 205 -36.40 -7.75 -4.67
CA LEU C 205 -37.44 -8.60 -4.11
C LEU C 205 -38.76 -8.45 -4.87
N ASP C 206 -39.35 -7.25 -4.81
CA ASP C 206 -40.57 -6.95 -5.55
C ASP C 206 -40.34 -5.85 -6.58
N GLY C 207 -39.91 -4.67 -6.13
CA GLY C 207 -39.48 -3.60 -7.00
C GLY C 207 -38.35 -2.87 -6.34
N ASP C 208 -37.84 -3.46 -5.25
CA ASP C 208 -36.89 -2.83 -4.36
C ASP C 208 -35.54 -3.52 -4.50
N THR C 209 -34.51 -2.75 -4.80
CA THR C 209 -33.16 -3.29 -4.91
C THR C 209 -32.59 -3.48 -3.51
N LEU C 210 -32.46 -4.73 -3.07
CA LEU C 210 -32.02 -5.00 -1.71
C LEU C 210 -30.58 -4.55 -1.50
N SER C 211 -29.70 -4.84 -2.45
CA SER C 211 -28.29 -4.48 -2.34
C SER C 211 -27.59 -4.78 -3.65
N THR C 212 -26.54 -4.02 -3.93
CA THR C 212 -25.63 -4.29 -5.04
C THR C 212 -24.27 -4.66 -4.46
N ILE C 213 -23.76 -5.83 -4.86
CA ILE C 213 -22.55 -6.38 -4.29
C ILE C 213 -21.55 -6.62 -5.40
N LYS C 214 -20.35 -6.08 -5.24
CA LYS C 214 -19.23 -6.38 -6.11
C LYS C 214 -18.54 -7.66 -5.64
N ALA C 215 -17.97 -8.40 -6.59
CA ALA C 215 -17.37 -9.68 -6.25
C ALA C 215 -16.12 -9.48 -5.40
N GLN C 216 -16.02 -10.25 -4.31
CA GLN C 216 -14.87 -10.18 -3.42
C GLN C 216 -13.78 -11.13 -3.93
N GLU C 217 -12.76 -11.35 -3.10
CA GLU C 217 -11.71 -12.30 -3.47
C GLU C 217 -12.21 -13.74 -3.46
N ASN C 218 -13.27 -14.03 -2.70
CA ASN C 218 -13.80 -15.39 -2.66
C ASN C 218 -14.55 -15.74 -3.94
N GLN C 219 -15.12 -14.75 -4.62
CA GLN C 219 -15.98 -14.97 -5.78
C GLN C 219 -15.39 -14.34 -7.03
N ILE C 220 -14.09 -14.46 -7.22
CA ILE C 220 -13.41 -13.99 -8.42
C ILE C 220 -12.99 -15.20 -9.25
N GLY C 221 -13.31 -15.19 -10.53
CA GLY C 221 -12.92 -16.25 -11.43
C GLY C 221 -11.66 -15.87 -12.18
N ASN C 222 -10.61 -16.67 -11.98
CA ASN C 222 -9.33 -16.36 -12.59
C ASN C 222 -9.37 -16.52 -14.12
N ASN C 223 -10.08 -17.53 -14.60
CA ASN C 223 -10.15 -17.83 -16.03
C ASN C 223 -11.58 -18.04 -16.46
N LEU C 224 -11.92 -17.51 -17.64
CA LEU C 224 -13.24 -17.74 -18.23
C LEU C 224 -13.07 -17.68 -19.75
N SER C 225 -12.93 -18.85 -20.37
CA SER C 225 -12.80 -18.93 -21.81
C SER C 225 -14.16 -18.79 -22.48
N PRO C 226 -14.20 -18.41 -23.76
CA PRO C 226 -15.47 -18.34 -24.46
C PRO C 226 -16.15 -19.70 -24.51
N GLY C 227 -17.46 -19.71 -24.27
CA GLY C 227 -18.21 -20.94 -24.20
C GLY C 227 -18.05 -21.72 -22.92
N ASP C 228 -17.18 -21.29 -22.02
CA ASP C 228 -16.94 -21.97 -20.76
C ASP C 228 -17.85 -21.41 -19.68
N THR C 229 -17.57 -21.77 -18.43
CA THR C 229 -18.41 -21.39 -17.31
C THR C 229 -17.58 -21.50 -16.04
N TYR C 230 -17.76 -20.55 -15.12
CA TYR C 230 -17.10 -20.62 -13.82
C TYR C 230 -18.15 -20.67 -12.72
N PRO C 231 -18.19 -21.71 -11.88
CA PRO C 231 -17.33 -22.92 -11.90
C PRO C 231 -17.65 -23.80 -13.11
N LYS C 232 -16.68 -24.56 -13.62
CA LYS C 232 -16.89 -25.33 -14.83
C LYS C 232 -18.00 -26.35 -14.63
N LYS C 233 -18.60 -26.77 -15.74
CA LYS C 233 -19.72 -27.70 -15.68
C LYS C 233 -19.29 -29.01 -15.03
N GLY C 234 -20.19 -29.58 -14.24
CA GLY C 234 -19.86 -30.70 -13.39
C GLY C 234 -19.55 -30.33 -11.95
N LEU C 235 -19.23 -29.07 -11.70
CA LEU C 235 -18.98 -28.57 -10.35
C LEU C 235 -20.28 -28.00 -9.78
N SER C 236 -20.17 -27.30 -8.65
CA SER C 236 -21.31 -26.72 -7.97
C SER C 236 -21.24 -25.20 -8.01
N PRO C 237 -22.37 -24.51 -7.94
CA PRO C 237 -22.35 -23.04 -7.98
C PRO C 237 -21.64 -22.46 -6.77
N LEU C 238 -21.04 -21.29 -6.97
CA LEU C 238 -20.34 -20.59 -5.90
C LEU C 238 -21.33 -19.75 -5.08
N ALA C 239 -21.05 -19.62 -3.80
CA ALA C 239 -21.95 -18.94 -2.87
C ALA C 239 -21.54 -17.48 -2.71
N LEU C 240 -22.45 -16.58 -2.99
CA LEU C 240 -22.26 -15.15 -2.76
C LEU C 240 -23.04 -14.76 -1.53
N ASN C 241 -22.38 -14.72 -0.38
CA ASN C 241 -23.05 -14.46 0.88
C ASN C 241 -22.35 -13.42 1.74
N THR C 242 -21.60 -12.52 1.14
CA THR C 242 -20.90 -11.47 1.87
C THR C 242 -21.12 -10.14 1.17
N MET C 243 -21.05 -9.07 1.94
CA MET C 243 -21.46 -7.74 1.49
C MET C 243 -20.35 -6.70 1.57
N ASP C 244 -19.49 -6.76 2.57
CA ASP C 244 -18.44 -5.77 2.71
C ASP C 244 -17.23 -6.16 1.85
N GLN C 245 -16.21 -5.29 1.88
CA GLN C 245 -15.07 -5.46 0.99
C GLN C 245 -14.21 -6.66 1.38
N PHE C 246 -14.09 -6.95 2.67
CA PHE C 246 -13.20 -8.00 3.17
C PHE C 246 -13.93 -9.29 3.52
N SER C 247 -15.20 -9.43 3.12
CA SER C 247 -15.97 -10.65 3.30
C SER C 247 -16.08 -11.01 4.79
N SER C 248 -16.52 -10.06 5.60
CA SER C 248 -16.72 -10.28 7.02
C SER C 248 -18.04 -9.69 7.49
N ARG C 249 -19.04 -9.70 6.61
CA ARG C 249 -20.35 -9.13 6.94
C ARG C 249 -21.38 -9.75 6.02
N LEU C 250 -22.43 -10.33 6.59
CA LEU C 250 -23.45 -11.01 5.81
C LEU C 250 -24.47 -10.02 5.26
N ILE C 251 -25.32 -10.49 4.36
CA ILE C 251 -26.30 -9.66 3.68
C ILE C 251 -27.59 -9.71 4.50
N PRO C 252 -28.02 -8.61 5.11
CA PRO C 252 -29.25 -8.63 5.89
C PRO C 252 -30.47 -8.20 5.09
N ILE C 253 -31.63 -8.64 5.57
CA ILE C 253 -32.91 -8.20 5.04
C ILE C 253 -33.81 -7.79 6.20
N ASN C 254 -34.83 -7.00 5.87
CA ASN C 254 -35.73 -6.42 6.86
C ASN C 254 -36.89 -7.39 7.11
N TYR C 255 -37.54 -7.20 8.27
CA TYR C 255 -38.64 -8.08 8.65
C TYR C 255 -39.79 -8.01 7.64
N ASP C 256 -40.11 -6.82 7.15
CA ASP C 256 -41.15 -6.67 6.14
C ASP C 256 -40.75 -7.26 4.80
N GLN C 257 -39.47 -7.59 4.60
CA GLN C 257 -39.04 -8.27 3.40
C GLN C 257 -38.98 -9.79 3.59
N LEU C 258 -38.54 -10.24 4.77
CA LEU C 258 -38.59 -11.66 5.08
C LEU C 258 -40.02 -12.18 5.12
N LYS C 259 -40.96 -11.35 5.58
CA LYS C 259 -42.36 -11.76 5.59
C LYS C 259 -42.87 -12.03 4.18
N LYS C 260 -42.54 -11.15 3.23
CA LYS C 260 -42.89 -11.41 1.84
C LYS C 260 -42.16 -12.64 1.30
N LEU C 261 -40.88 -12.79 1.66
CA LEU C 261 -40.09 -13.91 1.15
C LEU C 261 -40.69 -15.24 1.57
N ASP C 262 -41.21 -15.33 2.80
CA ASP C 262 -41.83 -16.56 3.26
C ASP C 262 -43.33 -16.64 2.92
N ALA C 263 -43.86 -15.65 2.22
CA ALA C 263 -45.27 -15.63 1.84
C ALA C 263 -45.49 -16.09 0.41
N GLY C 264 -44.47 -16.64 -0.25
CA GLY C 264 -44.60 -17.10 -1.61
C GLY C 264 -44.04 -16.17 -2.67
N LYS C 265 -43.20 -15.21 -2.29
CA LYS C 265 -42.59 -14.28 -3.23
C LYS C 265 -41.10 -14.62 -3.37
N GLN C 266 -40.58 -14.46 -4.58
CA GLN C 266 -39.22 -14.86 -4.90
C GLN C 266 -38.35 -13.63 -5.17
N ILE C 267 -37.05 -13.85 -5.17
CA ILE C 267 -36.07 -12.81 -5.40
C ILE C 267 -35.48 -13.00 -6.80
N LYS C 268 -34.97 -11.90 -7.35
CA LYS C 268 -34.39 -11.91 -8.70
C LYS C 268 -33.00 -11.30 -8.65
N LEU C 269 -32.14 -11.75 -9.55
CA LEU C 269 -30.77 -11.29 -9.65
C LEU C 269 -30.53 -10.65 -11.01
N GLU C 270 -29.90 -9.47 -11.01
CA GLU C 270 -29.58 -8.75 -12.24
C GLU C 270 -28.13 -8.33 -12.19
N THR C 271 -27.38 -8.65 -13.24
CA THR C 271 -25.98 -8.24 -13.33
C THR C 271 -25.88 -6.90 -14.04
N THR C 272 -25.27 -5.92 -13.39
CA THR C 272 -25.19 -4.57 -13.93
C THR C 272 -23.92 -4.34 -14.73
N GLN C 273 -22.79 -4.87 -14.29
CA GLN C 273 -21.53 -4.70 -14.99
C GLN C 273 -20.56 -5.79 -14.55
N VAL C 274 -19.52 -5.99 -15.36
CA VAL C 274 -18.49 -6.98 -15.08
C VAL C 274 -17.13 -6.36 -15.38
N SER C 275 -16.18 -6.56 -14.47
CA SER C 275 -14.82 -6.08 -14.64
C SER C 275 -13.89 -7.26 -14.86
N GLY C 276 -12.88 -7.06 -15.70
CA GLY C 276 -11.95 -8.12 -16.01
C GLY C 276 -10.67 -7.58 -16.61
N ASN C 277 -9.84 -8.50 -17.09
CA ASN C 277 -8.55 -8.16 -17.67
C ASN C 277 -8.36 -8.88 -19.00
N PHE C 278 -7.28 -8.51 -19.69
CA PHE C 278 -6.88 -9.17 -20.93
C PHE C 278 -5.36 -9.31 -20.95
N GLY C 279 -4.88 -10.27 -21.73
CA GLY C 279 -3.47 -10.64 -21.71
C GLY C 279 -2.72 -10.05 -22.89
N THR C 280 -1.55 -9.48 -22.58
CA THR C 280 -0.65 -8.93 -23.59
C THR C 280 0.77 -9.39 -23.27
N LYS C 281 1.65 -9.23 -24.25
CA LYS C 281 3.06 -9.62 -24.13
C LYS C 281 3.90 -8.41 -23.75
N ASN C 282 4.76 -8.59 -22.75
CA ASN C 282 5.64 -7.52 -22.30
C ASN C 282 6.96 -7.56 -23.07
N SER C 283 7.94 -6.79 -22.62
CA SER C 283 9.18 -6.63 -23.36
C SER C 283 10.04 -7.90 -23.39
N SER C 284 9.76 -8.85 -22.50
CA SER C 284 10.55 -10.09 -22.44
C SER C 284 9.94 -11.21 -23.26
N GLY C 285 8.63 -11.44 -23.13
CA GLY C 285 7.98 -12.53 -23.83
C GLY C 285 6.93 -13.21 -22.98
N GLN C 286 6.78 -12.74 -21.74
CA GLN C 286 5.77 -13.28 -20.85
C GLN C 286 4.41 -12.64 -21.16
N ILE C 287 3.38 -13.13 -20.47
CA ILE C 287 2.02 -12.62 -20.60
C ILE C 287 1.68 -11.89 -19.31
N VAL C 288 1.27 -10.63 -19.44
CA VAL C 288 0.90 -9.80 -18.30
C VAL C 288 -0.59 -9.47 -18.40
N THR C 289 -1.33 -9.75 -17.33
CA THR C 289 -2.75 -9.51 -17.29
C THR C 289 -3.16 -8.52 -16.20
N GLU C 290 -2.20 -7.85 -15.57
CA GLU C 290 -2.48 -6.90 -14.51
C GLU C 290 -2.32 -5.48 -15.03
N GLY C 291 -3.31 -4.63 -14.77
CA GLY C 291 -3.32 -3.29 -15.30
C GLY C 291 -3.88 -3.15 -16.70
N ASN C 292 -4.47 -4.22 -17.24
CA ASN C 292 -5.08 -4.22 -18.56
C ASN C 292 -6.58 -4.44 -18.36
N SER C 293 -7.36 -3.36 -18.39
CA SER C 293 -8.78 -3.43 -18.08
C SER C 293 -9.63 -3.39 -19.34
N TRP C 294 -10.71 -4.17 -19.34
CA TRP C 294 -11.64 -4.16 -20.46
C TRP C 294 -12.54 -2.93 -20.43
N SER C 295 -12.70 -2.32 -19.25
CA SER C 295 -13.56 -1.14 -19.11
C SER C 295 -13.05 0.03 -19.92
N ASP C 296 -11.76 0.06 -20.24
CA ASP C 296 -11.23 1.13 -21.07
C ASP C 296 -11.64 0.99 -22.53
N TYR C 297 -12.01 -0.22 -22.97
CA TYR C 297 -12.34 -0.48 -24.36
C TYR C 297 -13.81 -0.82 -24.56
N ILE C 298 -14.58 -0.97 -23.49
CA ILE C 298 -15.99 -1.31 -23.64
C ILE C 298 -16.73 -0.21 -24.37
N SER C 299 -16.57 1.03 -23.91
CA SER C 299 -17.31 2.15 -24.50
C SER C 299 -16.80 2.49 -25.89
N GLN C 300 -15.48 2.43 -26.10
CA GLN C 300 -14.91 2.71 -27.41
C GLN C 300 -15.30 1.66 -28.45
N ILE C 301 -15.64 0.45 -28.02
CA ILE C 301 -16.05 -0.59 -28.95
C ILE C 301 -17.55 -0.57 -29.21
N ASP C 302 -18.34 -0.34 -28.16
CA ASP C 302 -19.80 -0.32 -28.34
C ASP C 302 -20.26 0.86 -29.19
N SER C 303 -19.43 1.89 -29.34
CA SER C 303 -19.86 3.12 -30.01
C SER C 303 -19.60 3.12 -31.51
N ILE C 304 -18.86 2.14 -32.05
CA ILE C 304 -18.53 2.12 -33.46
C ILE C 304 -18.87 0.77 -34.07
N SER C 305 -19.71 0.00 -33.37
CA SER C 305 -19.98 -1.38 -33.79
C SER C 305 -21.48 -1.66 -33.69
N ALA C 306 -21.90 -2.70 -34.40
CA ALA C 306 -23.25 -3.22 -34.33
C ALA C 306 -23.23 -4.60 -33.70
N SER C 307 -24.23 -4.87 -32.86
CA SER C 307 -24.29 -6.11 -32.09
C SER C 307 -25.18 -7.12 -32.81
N ILE C 308 -24.67 -8.34 -32.97
CA ILE C 308 -25.39 -9.43 -33.60
C ILE C 308 -25.39 -10.61 -32.64
N ILE C 309 -26.57 -11.17 -32.39
CA ILE C 309 -26.73 -12.29 -31.46
C ILE C 309 -27.36 -13.45 -32.21
N LEU C 310 -26.64 -14.55 -32.34
CA LEU C 310 -27.15 -15.78 -32.92
C LEU C 310 -27.53 -16.72 -31.80
N ASP C 311 -28.79 -17.14 -31.77
CA ASP C 311 -29.33 -17.93 -30.67
C ASP C 311 -29.74 -19.29 -31.20
N THR C 312 -28.78 -20.22 -31.22
CA THR C 312 -29.07 -21.60 -31.57
C THR C 312 -29.59 -22.34 -30.34
N GLU C 313 -29.83 -23.64 -30.51
CA GLU C 313 -30.30 -24.45 -29.40
C GLU C 313 -29.16 -24.70 -28.41
N ASN C 314 -29.49 -24.67 -27.12
CA ASN C 314 -28.57 -24.91 -26.00
C ASN C 314 -27.22 -24.23 -26.16
N GLU C 315 -27.19 -23.06 -26.79
CA GLU C 315 -25.97 -22.29 -26.98
C GLU C 315 -26.34 -20.91 -27.53
N SER C 316 -25.55 -19.91 -27.15
CA SER C 316 -25.79 -18.54 -27.58
C SER C 316 -24.47 -17.87 -27.90
N TYR C 317 -24.50 -16.96 -28.88
CA TYR C 317 -23.32 -16.22 -29.32
C TYR C 317 -23.67 -14.75 -29.44
N GLU C 318 -22.72 -13.89 -29.08
CA GLU C 318 -22.87 -12.45 -29.24
C GLU C 318 -21.60 -11.89 -29.86
N ARG C 319 -21.76 -11.02 -30.86
CA ARG C 319 -20.63 -10.49 -31.61
C ARG C 319 -20.81 -9.00 -31.83
N ARG C 320 -19.68 -8.32 -32.07
CA ARG C 320 -19.65 -6.91 -32.44
C ARG C 320 -18.87 -6.77 -33.74
N VAL C 321 -19.49 -6.12 -34.73
CA VAL C 321 -18.89 -5.94 -36.05
C VAL C 321 -18.77 -4.45 -36.31
N THR C 322 -17.59 -4.03 -36.77
CA THR C 322 -17.33 -2.61 -36.97
C THR C 322 -18.15 -2.08 -38.15
N ALA C 323 -18.82 -0.95 -37.92
CA ALA C 323 -19.61 -0.30 -38.95
C ALA C 323 -18.82 0.88 -39.53
N LYS C 324 -19.47 1.63 -40.41
CA LYS C 324 -18.86 2.79 -41.06
C LYS C 324 -19.80 3.98 -40.99
N ASN C 325 -19.25 5.15 -40.72
CA ASN C 325 -20.01 6.38 -40.69
C ASN C 325 -19.91 7.07 -42.05
N LEU C 326 -21.06 7.26 -42.69
CA LEU C 326 -21.08 7.91 -44.00
C LEU C 326 -21.02 9.42 -43.90
N GLN C 327 -21.28 9.99 -42.73
CA GLN C 327 -21.17 11.44 -42.57
C GLN C 327 -19.71 11.88 -42.57
N ASP C 328 -18.84 11.16 -41.88
CA ASP C 328 -17.43 11.52 -41.82
C ASP C 328 -16.73 11.08 -43.09
N PRO C 329 -16.12 12.00 -43.85
CA PRO C 329 -15.37 11.60 -45.05
C PRO C 329 -14.02 10.98 -44.77
N GLU C 330 -13.52 11.05 -43.53
CA GLU C 330 -12.24 10.48 -43.17
C GLU C 330 -12.37 9.15 -42.43
N ASP C 331 -13.56 8.55 -42.41
CA ASP C 331 -13.76 7.23 -41.84
C ASP C 331 -13.56 6.21 -42.95
N LYS C 332 -12.37 5.62 -43.00
CA LYS C 332 -12.00 4.69 -44.05
C LYS C 332 -12.31 3.24 -43.71
N THR C 333 -13.23 3.01 -42.77
CA THR C 333 -13.60 1.66 -42.42
C THR C 333 -14.31 0.98 -43.59
N PRO C 334 -13.95 -0.26 -43.93
CA PRO C 334 -14.59 -0.92 -45.08
C PRO C 334 -16.09 -1.08 -44.88
N GLU C 335 -16.83 -0.92 -45.97
CA GLU C 335 -18.28 -1.06 -45.94
C GLU C 335 -18.67 -2.53 -45.99
N LEU C 336 -19.69 -2.89 -45.22
CA LEU C 336 -20.16 -4.26 -45.16
C LEU C 336 -21.68 -4.29 -45.19
N THR C 337 -22.23 -5.36 -45.75
CA THR C 337 -23.66 -5.64 -45.68
C THR C 337 -23.93 -6.59 -44.53
N ILE C 338 -25.22 -6.80 -44.24
CA ILE C 338 -25.61 -7.66 -43.14
C ILE C 338 -25.19 -9.11 -43.41
N GLY C 339 -25.25 -9.53 -44.67
CA GLY C 339 -24.82 -10.88 -45.01
C GLY C 339 -23.35 -11.11 -44.73
N GLU C 340 -22.50 -10.16 -45.16
CA GLU C 340 -21.08 -10.29 -44.88
C GLU C 340 -20.77 -10.15 -43.40
N ALA C 341 -21.53 -9.30 -42.69
CA ALA C 341 -21.35 -9.18 -41.25
C ALA C 341 -21.65 -10.50 -40.55
N ILE C 342 -22.74 -11.16 -40.94
CA ILE C 342 -23.09 -12.44 -40.33
C ILE C 342 -22.08 -13.51 -40.71
N GLU C 343 -21.57 -13.47 -41.95
CA GLU C 343 -20.56 -14.43 -42.36
C GLU C 343 -19.27 -14.26 -41.57
N LYS C 344 -18.85 -13.02 -41.34
CA LYS C 344 -17.59 -12.76 -40.65
C LYS C 344 -17.71 -13.02 -39.15
N ALA C 345 -18.82 -12.60 -38.53
CA ALA C 345 -18.92 -12.65 -37.08
C ALA C 345 -18.94 -14.08 -36.55
N PHE C 346 -19.68 -14.97 -37.21
CA PHE C 346 -19.87 -16.33 -36.71
C PHE C 346 -19.06 -17.36 -37.49
N GLY C 347 -18.22 -16.93 -38.42
CA GLY C 347 -17.40 -17.86 -39.17
C GLY C 347 -18.20 -18.84 -40.02
N ALA C 348 -19.26 -18.36 -40.66
CA ALA C 348 -20.05 -19.21 -41.54
C ALA C 348 -19.39 -19.32 -42.91
N THR C 349 -19.66 -20.43 -43.59
CA THR C 349 -19.10 -20.69 -44.91
C THR C 349 -20.24 -20.88 -45.91
N LYS C 350 -20.11 -20.25 -47.08
CA LYS C 350 -21.11 -20.39 -48.12
C LYS C 350 -21.03 -21.77 -48.77
N LYS C 351 -22.20 -22.29 -49.15
CA LYS C 351 -22.30 -23.55 -49.88
C LYS C 351 -22.75 -23.32 -51.32
N ASP C 352 -23.88 -22.66 -51.51
CA ASP C 352 -24.40 -22.29 -52.83
C ASP C 352 -24.90 -20.85 -52.80
N GLY C 353 -24.17 -19.98 -52.12
CA GLY C 353 -24.60 -18.62 -51.89
C GLY C 353 -25.39 -18.42 -50.61
N LEU C 354 -25.63 -19.48 -49.85
CA LEU C 354 -26.34 -19.40 -48.57
C LEU C 354 -25.39 -19.80 -47.46
N LEU C 355 -25.40 -19.02 -46.37
CA LEU C 355 -24.49 -19.25 -45.27
C LEU C 355 -24.96 -20.40 -44.37
N TYR C 356 -24.01 -21.22 -43.95
CA TYR C 356 -24.25 -22.30 -43.00
C TYR C 356 -23.31 -22.13 -41.83
N PHE C 357 -23.84 -22.31 -40.61
CA PHE C 357 -23.00 -22.12 -39.43
C PHE C 357 -22.06 -23.32 -39.24
N ASN C 358 -22.64 -24.48 -38.94
CA ASN C 358 -21.93 -25.76 -39.06
C ASN C 358 -22.66 -26.69 -40.02
N ASP C 359 -23.95 -26.96 -39.75
CA ASP C 359 -24.84 -27.57 -40.72
C ASP C 359 -26.24 -26.95 -40.63
N ILE C 360 -26.39 -25.88 -39.87
CA ILE C 360 -27.68 -25.25 -39.62
C ILE C 360 -27.84 -24.08 -40.59
N PRO C 361 -28.90 -24.04 -41.39
CA PRO C 361 -29.10 -22.89 -42.29
C PRO C 361 -29.39 -21.62 -41.50
N ILE C 362 -28.64 -20.56 -41.81
CA ILE C 362 -28.83 -19.26 -41.19
C ILE C 362 -29.22 -18.20 -42.20
N ASP C 363 -29.63 -18.60 -43.41
CA ASP C 363 -30.11 -17.65 -44.40
C ASP C 363 -31.40 -17.00 -43.92
N GLU C 364 -31.63 -15.76 -44.37
CA GLU C 364 -32.73 -14.95 -43.84
C GLU C 364 -34.09 -15.61 -44.03
N SER C 365 -34.23 -16.51 -45.01
CA SER C 365 -35.48 -17.21 -45.24
C SER C 365 -35.61 -18.47 -44.38
N CYS C 366 -34.55 -18.86 -43.67
CA CYS C 366 -34.58 -20.06 -42.84
C CYS C 366 -34.42 -19.77 -41.36
N VAL C 367 -34.30 -18.50 -40.97
CA VAL C 367 -34.20 -18.12 -39.57
C VAL C 367 -35.11 -16.94 -39.31
N GLU C 368 -35.42 -16.72 -38.03
CA GLU C 368 -36.29 -15.63 -37.61
C GLU C 368 -35.43 -14.47 -37.13
N LEU C 369 -35.56 -13.32 -37.79
CA LEU C 369 -34.80 -12.12 -37.46
C LEU C 369 -35.64 -11.23 -36.57
N ILE C 370 -35.04 -10.74 -35.48
CA ILE C 370 -35.70 -9.87 -34.53
C ILE C 370 -34.87 -8.61 -34.37
N PHE C 371 -35.49 -7.46 -34.59
CA PHE C 371 -34.84 -6.17 -34.41
C PHE C 371 -35.64 -5.35 -33.39
N ASP C 372 -35.01 -4.30 -32.88
CA ASP C 372 -35.71 -3.32 -32.07
C ASP C 372 -36.36 -2.28 -32.98
N ASP C 373 -37.03 -1.31 -32.37
CA ASP C 373 -37.76 -0.31 -33.15
C ASP C 373 -36.82 0.51 -34.04
N ASN C 374 -35.68 0.92 -33.47
CA ASN C 374 -34.75 1.76 -34.23
C ASN C 374 -34.20 1.04 -35.43
N THR C 375 -33.72 -0.19 -35.24
CA THR C 375 -33.17 -0.96 -36.37
C THR C 375 -34.25 -1.28 -37.39
N ALA C 376 -35.46 -1.61 -36.93
CA ALA C 376 -36.55 -1.90 -37.86
C ALA C 376 -36.87 -0.69 -38.72
N ASN C 377 -36.92 0.50 -38.11
CA ASN C 377 -37.18 1.72 -38.89
C ASN C 377 -36.02 2.02 -39.84
N LYS C 378 -34.79 1.80 -39.40
CA LYS C 378 -33.63 2.07 -40.24
C LYS C 378 -33.47 1.04 -41.36
N ILE C 379 -34.11 -0.12 -41.24
CA ILE C 379 -33.98 -1.16 -42.25
C ILE C 379 -35.20 -1.26 -43.17
N LYS C 380 -36.36 -0.74 -42.75
CA LYS C 380 -37.54 -0.81 -43.61
C LYS C 380 -37.43 0.19 -44.75
N ASP C 381 -36.85 1.36 -44.50
CA ASP C 381 -36.73 2.39 -45.53
C ASP C 381 -35.63 2.07 -46.54
N SER C 382 -34.60 1.35 -46.13
CA SER C 382 -33.51 1.03 -47.05
C SER C 382 -33.87 -0.11 -48.00
N LEU C 383 -34.94 -0.84 -47.73
CA LEU C 383 -35.32 -1.95 -48.60
C LEU C 383 -35.95 -1.44 -49.89
N LYS C 384 -36.78 -0.40 -49.82
CA LYS C 384 -37.47 0.08 -51.00
C LYS C 384 -36.51 0.64 -52.03
N THR C 385 -35.44 1.30 -51.58
CA THR C 385 -34.46 1.85 -52.49
C THR C 385 -33.51 0.79 -53.05
N LEU C 386 -33.50 -0.40 -52.46
CA LEU C 386 -32.63 -1.46 -52.94
C LEU C 386 -33.22 -2.10 -54.20
N SER C 387 -32.46 -3.02 -54.78
CA SER C 387 -32.86 -3.71 -56.00
C SER C 387 -33.21 -5.18 -55.79
N ASP C 388 -32.41 -5.91 -55.01
CA ASP C 388 -32.68 -7.31 -54.74
C ASP C 388 -33.72 -7.52 -53.66
N LYS C 389 -34.05 -6.48 -52.90
CA LYS C 389 -35.09 -6.55 -51.86
C LYS C 389 -34.80 -7.64 -50.84
N LYS C 390 -33.53 -7.75 -50.44
CA LYS C 390 -33.11 -8.73 -49.46
C LYS C 390 -32.61 -8.03 -48.20
N ILE C 391 -32.93 -8.60 -47.04
CA ILE C 391 -32.47 -8.01 -45.78
C ILE C 391 -30.96 -8.12 -45.65
N TYR C 392 -30.37 -9.22 -46.13
CA TYR C 392 -28.94 -9.42 -46.02
C TYR C 392 -28.14 -8.50 -46.94
N ASN C 393 -28.79 -7.77 -47.85
CA ASN C 393 -28.11 -6.87 -48.77
C ASN C 393 -28.14 -5.43 -48.30
N VAL C 394 -28.60 -5.17 -47.09
CA VAL C 394 -28.67 -3.82 -46.54
C VAL C 394 -27.33 -3.48 -45.89
N LYS C 395 -26.91 -2.23 -46.03
CA LYS C 395 -25.65 -1.78 -45.47
C LYS C 395 -25.71 -1.78 -43.94
N LEU C 396 -24.64 -2.27 -43.32
CA LEU C 396 -24.55 -2.25 -41.87
C LEU C 396 -24.28 -0.84 -41.37
N GLU C 397 -24.92 -0.48 -40.25
CA GLU C 397 -24.74 0.84 -39.67
C GLU C 397 -24.56 0.70 -38.17
N ARG C 398 -23.99 1.74 -37.56
CA ARG C 398 -23.74 1.73 -36.13
C ARG C 398 -25.03 1.70 -35.34
N GLY C 399 -25.00 1.02 -34.21
CA GLY C 399 -26.14 0.96 -33.31
C GLY C 399 -27.20 -0.07 -33.65
N MET C 400 -26.98 -0.91 -34.66
CA MET C 400 -27.96 -1.92 -35.01
C MET C 400 -28.01 -3.01 -33.95
N ASN C 401 -29.15 -3.68 -33.85
CA ASN C 401 -29.36 -4.75 -32.88
C ASN C 401 -30.12 -5.87 -33.58
N ILE C 402 -29.39 -6.86 -34.08
CA ILE C 402 -29.97 -7.97 -34.82
C ILE C 402 -29.85 -9.24 -33.99
N LEU C 403 -30.95 -9.97 -33.89
CA LEU C 403 -30.99 -11.24 -33.17
C LEU C 403 -31.51 -12.32 -34.13
N ILE C 404 -30.79 -13.44 -34.19
CA ILE C 404 -31.10 -14.52 -35.12
C ILE C 404 -31.51 -15.74 -34.33
N LYS C 405 -32.69 -16.28 -34.63
CA LYS C 405 -33.22 -17.47 -33.98
C LYS C 405 -33.35 -18.59 -34.99
N THR C 406 -32.73 -19.73 -34.69
CA THR C 406 -32.86 -20.89 -35.56
C THR C 406 -34.15 -21.64 -35.26
N PRO C 407 -34.71 -22.31 -36.26
CA PRO C 407 -35.97 -23.05 -36.02
C PRO C 407 -35.77 -24.22 -35.08
N THR C 408 -36.85 -24.59 -34.40
CA THR C 408 -36.84 -25.71 -33.47
C THR C 408 -36.62 -27.02 -34.20
N GLU D 8 2.47 30.35 -42.55
CA GLU D 8 3.24 29.53 -43.48
C GLU D 8 3.54 28.16 -42.87
N ASP D 9 4.67 28.07 -42.17
CA ASP D 9 5.07 26.84 -41.49
C ASP D 9 5.47 27.07 -40.04
N LEU D 10 5.38 28.30 -39.54
CA LEU D 10 5.73 28.58 -38.16
C LEU D 10 4.69 27.97 -37.22
N ASP D 11 5.16 27.32 -36.16
CA ASP D 11 4.28 26.76 -35.14
C ASP D 11 4.78 27.20 -33.77
N THR D 12 3.89 27.77 -32.97
CA THR D 12 4.25 28.35 -31.68
C THR D 12 3.76 27.52 -30.50
N ASP D 13 2.49 27.15 -30.48
CA ASP D 13 1.95 26.34 -29.39
C ASP D 13 2.45 24.90 -29.43
N ASN D 14 3.13 24.50 -30.50
CA ASN D 14 3.74 23.19 -30.63
C ASN D 14 2.70 22.06 -30.62
N ASP D 15 1.76 22.18 -31.55
CA ASP D 15 0.93 21.08 -32.01
C ASP D 15 1.24 20.88 -33.50
N ASN D 16 0.46 20.03 -34.16
CA ASN D 16 0.71 19.75 -35.57
C ASN D 16 -0.04 20.70 -36.50
N ILE D 17 -0.45 21.87 -36.02
CA ILE D 17 -1.17 22.84 -36.84
C ILE D 17 -0.40 24.17 -36.85
N PRO D 18 -0.09 24.72 -38.02
CA PRO D 18 0.67 25.98 -38.07
C PRO D 18 -0.10 27.17 -37.51
N ASP D 19 0.56 28.33 -37.49
CA ASP D 19 -0.06 29.54 -36.94
C ASP D 19 -1.16 30.07 -37.84
N SER D 20 -0.83 30.36 -39.10
CA SER D 20 -1.79 30.97 -40.01
C SER D 20 -2.97 30.05 -40.28
N TYR D 21 -2.74 28.73 -40.25
CA TYR D 21 -3.84 27.80 -40.43
C TYR D 21 -4.87 27.94 -39.32
N GLU D 22 -4.40 28.02 -38.07
CA GLU D 22 -5.32 28.20 -36.94
C GLU D 22 -5.96 29.57 -36.97
N ARG D 23 -5.22 30.59 -37.40
CA ARG D 23 -5.74 31.95 -37.37
C ARG D 23 -6.81 32.18 -38.43
N ASN D 24 -6.61 31.62 -39.62
CA ASN D 24 -7.52 31.84 -40.74
C ASN D 24 -8.56 30.74 -40.91
N GLY D 25 -8.16 29.48 -40.78
CA GLY D 25 -9.08 28.37 -40.95
C GLY D 25 -8.41 27.15 -41.52
N TYR D 26 -8.75 25.97 -41.00
CA TYR D 26 -8.12 24.74 -41.45
C TYR D 26 -9.10 23.59 -41.29
N THR D 27 -8.83 22.50 -42.01
CA THR D 27 -9.55 21.26 -41.86
C THR D 27 -8.56 20.11 -41.90
N ILE D 28 -8.91 19.02 -41.24
CA ILE D 28 -8.03 17.86 -41.11
C ILE D 28 -8.48 16.81 -42.13
N LYS D 29 -7.57 16.43 -43.02
CA LYS D 29 -7.82 15.35 -43.97
C LYS D 29 -6.54 14.53 -44.12
N ASP D 30 -6.70 13.21 -44.12
CA ASP D 30 -5.57 12.28 -44.19
C ASP D 30 -4.57 12.53 -43.06
N LEU D 31 -5.10 12.83 -41.87
CA LEU D 31 -4.32 12.99 -40.64
C LEU D 31 -3.36 14.17 -40.70
N ILE D 32 -3.54 15.09 -41.64
CA ILE D 32 -2.71 16.30 -41.72
C ILE D 32 -3.61 17.51 -41.87
N ALA D 33 -3.11 18.66 -41.42
CA ALA D 33 -3.86 19.90 -41.47
C ALA D 33 -3.59 20.61 -42.80
N VAL D 34 -4.66 21.08 -43.44
CA VAL D 34 -4.57 21.79 -44.71
C VAL D 34 -5.44 23.03 -44.64
N LYS D 35 -5.15 23.99 -45.52
CA LYS D 35 -5.92 25.23 -45.57
C LYS D 35 -7.35 24.95 -45.98
N TRP D 36 -8.28 25.73 -45.44
CA TRP D 36 -9.70 25.54 -45.71
C TRP D 36 -10.09 26.23 -47.00
N GLU D 37 -10.73 25.49 -47.89
CA GLU D 37 -11.31 26.01 -49.11
C GLU D 37 -12.81 25.77 -49.11
N ASP D 38 -13.58 26.76 -49.54
CA ASP D 38 -15.03 26.69 -49.45
C ASP D 38 -15.61 25.54 -50.27
N SER D 39 -14.87 25.02 -51.24
CA SER D 39 -15.34 23.88 -52.01
C SER D 39 -15.27 22.58 -51.23
N PHE D 40 -14.63 22.56 -50.08
CA PHE D 40 -14.53 21.35 -49.27
C PHE D 40 -15.81 21.06 -48.50
N ALA D 41 -16.70 22.04 -48.36
CA ALA D 41 -17.87 21.88 -47.50
C ALA D 41 -18.81 20.81 -48.03
N GLU D 42 -19.02 20.75 -49.35
CA GLU D 42 -19.96 19.80 -49.93
C GLU D 42 -19.48 18.35 -49.83
N GLN D 43 -18.20 18.13 -49.51
CA GLN D 43 -17.72 16.78 -49.27
C GLN D 43 -17.97 16.31 -47.85
N GLY D 44 -18.47 17.17 -46.98
CA GLY D 44 -18.70 16.82 -45.59
C GLY D 44 -17.65 17.32 -44.62
N TYR D 45 -16.69 18.11 -45.08
CA TYR D 45 -15.65 18.63 -44.20
C TYR D 45 -16.17 19.83 -43.41
N LYS D 46 -15.42 20.18 -42.36
CA LYS D 46 -15.80 21.25 -41.45
C LYS D 46 -14.65 22.24 -41.32
N LYS D 47 -14.99 23.50 -41.05
CA LYS D 47 -14.00 24.55 -40.86
C LYS D 47 -13.70 24.71 -39.38
N TYR D 48 -12.41 24.70 -39.04
CA TYR D 48 -11.97 24.79 -37.66
C TYR D 48 -11.05 25.99 -37.49
N VAL D 49 -11.27 26.74 -36.40
CA VAL D 49 -10.40 27.83 -35.99
C VAL D 49 -10.03 27.60 -34.53
N SER D 50 -8.78 27.89 -34.19
CA SER D 50 -8.26 27.57 -32.86
C SER D 50 -7.46 28.76 -32.36
N ASN D 51 -6.76 28.55 -31.24
CA ASN D 51 -5.88 29.54 -30.65
C ASN D 51 -4.44 29.14 -30.95
N TYR D 52 -3.71 30.01 -31.63
CA TYR D 52 -2.37 29.69 -32.08
C TYR D 52 -1.30 29.94 -31.03
N LEU D 53 -1.68 30.39 -29.83
CA LEU D 53 -0.76 30.54 -28.73
C LEU D 53 -1.00 29.54 -27.61
N GLU D 54 -2.03 28.70 -27.74
CA GLU D 54 -2.35 27.70 -26.73
C GLU D 54 -2.46 26.33 -27.38
N SER D 55 -1.99 25.31 -26.65
CA SER D 55 -2.08 23.94 -27.14
C SER D 55 -3.43 23.29 -26.87
N ASN D 56 -4.15 23.78 -25.86
CA ASN D 56 -5.49 23.29 -25.52
C ASN D 56 -6.41 24.51 -25.49
N THR D 57 -7.07 24.77 -26.62
CA THR D 57 -7.91 25.96 -26.73
C THR D 57 -9.08 25.91 -25.74
N ALA D 58 -9.74 24.76 -25.63
CA ALA D 58 -10.90 24.65 -24.76
C ALA D 58 -10.53 24.40 -23.31
N GLY D 59 -9.34 23.84 -23.05
CA GLY D 59 -8.94 23.50 -21.70
C GLY D 59 -9.10 22.04 -21.33
N ASP D 60 -9.68 21.24 -22.21
CA ASP D 60 -9.84 19.81 -21.96
C ASP D 60 -8.50 19.09 -22.13
N PRO D 61 -8.41 17.83 -21.70
CA PRO D 61 -7.11 17.14 -21.78
C PRO D 61 -6.54 17.04 -23.19
N TYR D 62 -7.38 16.97 -24.22
CA TYR D 62 -6.93 16.73 -25.57
C TYR D 62 -6.56 18.04 -26.26
N THR D 63 -5.50 18.00 -27.07
CA THR D 63 -5.00 19.18 -27.75
C THR D 63 -5.84 19.48 -28.98
N ASP D 64 -5.50 20.57 -29.67
CA ASP D 64 -6.25 20.97 -30.85
C ASP D 64 -6.14 19.93 -31.96
N TYR D 65 -4.95 19.38 -32.17
CA TYR D 65 -4.78 18.38 -33.22
C TYR D 65 -5.58 17.12 -32.94
N GLU D 66 -5.53 16.63 -31.70
CA GLU D 66 -6.26 15.42 -31.35
C GLU D 66 -7.76 15.60 -31.52
N LYS D 67 -8.29 16.75 -31.10
CA LYS D 67 -9.71 17.01 -31.23
C LYS D 67 -10.11 17.17 -32.69
N ALA D 68 -9.36 17.96 -33.46
CA ALA D 68 -9.71 18.23 -34.84
C ALA D 68 -9.63 16.95 -35.69
N SER D 69 -8.59 16.14 -35.48
CA SER D 69 -8.40 14.95 -36.28
C SER D 69 -9.19 13.74 -35.76
N GLY D 70 -9.90 13.89 -34.65
CA GLY D 70 -10.64 12.77 -34.09
C GLY D 70 -9.74 11.63 -33.66
N SER D 71 -8.62 11.94 -33.03
CA SER D 71 -7.62 10.95 -32.63
C SER D 71 -7.67 10.68 -31.13
N PHE D 72 -8.88 10.65 -30.56
CA PHE D 72 -9.07 10.40 -29.13
C PHE D 72 -10.02 9.22 -28.96
N ASP D 73 -10.48 9.04 -27.72
CA ASP D 73 -11.50 8.05 -27.41
C ASP D 73 -12.67 8.15 -28.39
N LYS D 74 -12.94 7.05 -29.09
CA LYS D 74 -13.97 7.06 -30.13
C LYS D 74 -15.37 7.20 -29.58
N ALA D 75 -15.56 7.10 -28.27
CA ALA D 75 -16.88 7.26 -27.68
C ALA D 75 -17.27 8.72 -27.47
N ILE D 76 -16.33 9.65 -27.63
CA ILE D 76 -16.64 11.07 -27.49
C ILE D 76 -17.49 11.52 -28.68
N LYS D 77 -18.53 12.30 -28.39
CA LYS D 77 -19.46 12.72 -29.42
C LYS D 77 -18.74 13.56 -30.48
N THR D 78 -19.21 13.44 -31.72
CA THR D 78 -18.59 14.11 -32.85
C THR D 78 -18.73 15.63 -32.82
N GLU D 79 -19.61 16.16 -31.97
CA GLU D 79 -19.74 17.60 -31.84
C GLU D 79 -18.72 18.21 -30.90
N ALA D 80 -17.84 17.38 -30.32
CA ALA D 80 -16.73 17.85 -29.50
C ALA D 80 -15.40 17.81 -30.24
N ARG D 81 -15.43 17.60 -31.55
CA ARG D 81 -14.20 17.51 -32.32
C ARG D 81 -13.65 18.87 -32.73
N ASP D 82 -14.45 19.93 -32.64
CA ASP D 82 -13.88 21.23 -32.92
C ASP D 82 -13.20 21.79 -31.67
N PRO D 83 -12.08 22.49 -31.84
CA PRO D 83 -11.32 22.93 -30.67
C PRO D 83 -12.08 23.85 -29.74
N LEU D 84 -13.07 24.59 -30.24
CA LEU D 84 -13.78 25.57 -29.42
C LEU D 84 -14.80 24.94 -28.50
N VAL D 85 -15.15 23.68 -28.68
CA VAL D 85 -16.13 22.99 -27.84
C VAL D 85 -15.39 21.97 -26.99
N ALA D 86 -15.64 22.00 -25.68
CA ALA D 86 -14.94 21.16 -24.73
C ALA D 86 -15.59 19.79 -24.62
N ALA D 87 -14.75 18.76 -24.46
CA ALA D 87 -15.21 17.42 -24.15
C ALA D 87 -15.33 17.31 -22.64
N TYR D 88 -16.55 17.21 -22.15
CA TYR D 88 -16.79 17.40 -20.72
C TYR D 88 -18.09 16.72 -20.30
N PRO D 89 -18.05 15.82 -19.31
CA PRO D 89 -19.26 15.14 -18.88
C PRO D 89 -19.99 15.88 -17.76
N ILE D 90 -21.32 15.67 -17.74
CA ILE D 90 -22.22 16.36 -16.82
C ILE D 90 -22.94 15.34 -15.95
N VAL D 91 -22.23 14.26 -15.58
CA VAL D 91 -22.82 13.17 -14.81
C VAL D 91 -23.58 13.70 -13.61
N GLY D 92 -24.77 13.12 -13.37
CA GLY D 92 -25.58 13.48 -12.24
C GLY D 92 -26.29 12.25 -11.68
N VAL D 93 -26.92 12.43 -10.52
CA VAL D 93 -27.53 11.33 -9.78
C VAL D 93 -28.98 11.68 -9.47
N GLY D 94 -29.86 10.71 -9.66
CA GLY D 94 -31.26 10.87 -9.29
C GLY D 94 -31.76 9.67 -8.52
N MET D 95 -32.63 9.92 -7.56
CA MET D 95 -33.15 8.90 -6.67
C MET D 95 -34.54 8.46 -7.10
N GLU D 96 -34.84 7.18 -6.91
CA GLU D 96 -36.12 6.61 -7.29
C GLU D 96 -36.94 6.07 -6.13
N LYS D 97 -36.30 5.56 -5.08
CA LYS D 97 -37.05 5.04 -3.94
C LYS D 97 -36.14 5.04 -2.71
N LEU D 98 -36.77 5.04 -1.54
CA LEU D 98 -36.06 4.98 -0.26
C LEU D 98 -36.78 4.01 0.66
N ILE D 99 -35.99 3.17 1.34
CA ILE D 99 -36.50 2.09 2.18
C ILE D 99 -36.04 2.32 3.61
N ILE D 100 -36.93 2.06 4.56
CA ILE D 100 -36.67 2.27 5.98
C ILE D 100 -36.79 0.92 6.70
N SER D 101 -35.79 0.60 7.50
CA SER D 101 -35.79 -0.62 8.31
C SER D 101 -35.74 -0.22 9.78
N THR D 102 -36.87 -0.35 10.47
CA THR D 102 -36.95 0.08 11.86
C THR D 102 -36.22 -0.94 12.75
N ASN D 103 -35.39 -0.43 13.65
CA ASN D 103 -34.42 -1.24 14.39
C ASN D 103 -34.89 -1.38 15.83
N GLU D 104 -35.68 -2.42 16.10
CA GLU D 104 -36.13 -2.72 17.44
C GLU D 104 -36.16 -4.22 17.68
N HIS D 105 -36.06 -4.60 18.94
CA HIS D 105 -36.20 -6.00 19.34
C HIS D 105 -37.65 -6.30 19.69
N ALA D 106 -37.97 -7.58 19.72
CA ALA D 106 -39.34 -8.02 20.01
C ALA D 106 -39.27 -9.42 20.60
N SER D 107 -39.45 -9.52 21.92
CA SER D 107 -39.36 -10.78 22.63
C SER D 107 -40.73 -11.20 23.13
N THR D 108 -41.03 -12.50 23.02
CA THR D 108 -42.27 -13.08 23.52
C THR D 108 -41.92 -14.31 24.34
N ASP D 109 -42.17 -14.24 25.65
CA ASP D 109 -41.83 -15.31 26.57
C ASP D 109 -43.09 -15.86 27.22
N GLN D 110 -43.03 -17.14 27.59
CA GLN D 110 -44.14 -17.79 28.27
C GLN D 110 -43.60 -18.90 29.15
N GLY D 111 -44.30 -19.14 30.27
CA GLY D 111 -43.88 -20.13 31.24
C GLY D 111 -45.04 -21.00 31.67
N LYS D 112 -44.74 -21.95 32.57
CA LYS D 112 -45.75 -22.85 33.10
C LYS D 112 -45.28 -23.33 34.47
N THR D 113 -45.84 -22.75 35.51
CA THR D 113 -45.45 -23.04 36.89
C THR D 113 -46.36 -24.10 37.48
N VAL D 114 -45.80 -24.94 38.34
CA VAL D 114 -46.57 -25.99 39.00
C VAL D 114 -46.51 -25.82 40.52
N SER D 161 -49.27 -26.56 43.39
CA SER D 161 -50.26 -25.62 42.87
C SER D 161 -50.39 -25.74 41.36
N ASN D 162 -50.70 -24.63 40.69
CA ASN D 162 -50.83 -24.59 39.24
C ASN D 162 -50.84 -23.13 38.81
N GLY D 163 -50.16 -22.85 37.70
CA GLY D 163 -50.10 -21.49 37.19
C GLY D 163 -49.48 -21.46 35.81
N GLU D 164 -49.55 -20.28 35.20
CA GLU D 164 -48.98 -20.01 33.89
C GLU D 164 -48.54 -18.55 33.84
N SER D 165 -48.02 -18.14 32.69
CA SER D 165 -47.50 -16.78 32.54
C SER D 165 -47.41 -16.43 31.06
N TRP D 166 -47.24 -15.14 30.80
CA TRP D 166 -47.05 -14.62 29.45
C TRP D 166 -46.25 -13.34 29.52
N ASN D 167 -45.61 -12.99 28.41
CA ASN D 167 -44.81 -11.78 28.37
C ASN D 167 -44.74 -11.26 26.94
N THR D 168 -44.37 -9.98 26.82
CA THR D 168 -44.20 -9.34 25.52
C THR D 168 -43.42 -8.04 25.74
N GLY D 169 -42.33 -7.88 25.01
CA GLY D 169 -41.50 -6.70 25.15
C GLY D 169 -41.09 -6.14 23.80
N LEU D 170 -40.65 -4.88 23.81
CA LEU D 170 -40.19 -4.20 22.61
C LEU D 170 -39.28 -3.05 23.04
N SER D 171 -37.99 -3.18 22.74
CA SER D 171 -37.00 -2.17 23.10
C SER D 171 -36.56 -1.41 21.85
N ILE D 172 -36.43 -0.09 21.98
CA ILE D 172 -36.05 0.78 20.88
C ILE D 172 -34.82 1.58 21.30
N ASN D 173 -33.83 1.63 20.41
CA ASN D 173 -32.69 2.52 20.62
C ASN D 173 -33.02 3.89 20.04
N LYS D 174 -32.89 4.93 20.85
CA LYS D 174 -33.29 6.26 20.44
C LYS D 174 -32.17 7.02 19.75
N GLY D 175 -31.00 6.42 19.58
CA GLY D 175 -29.91 7.04 18.85
C GLY D 175 -29.86 6.61 17.40
N GLU D 176 -30.00 5.31 17.16
CA GLU D 176 -30.07 4.75 15.81
C GLU D 176 -31.33 3.89 15.74
N SER D 177 -32.46 4.53 15.44
CA SER D 177 -33.75 3.86 15.49
C SER D 177 -34.18 3.25 14.16
N ALA D 178 -33.47 3.52 13.08
CA ALA D 178 -33.83 2.99 11.77
C ALA D 178 -32.64 3.11 10.84
N TYR D 179 -32.74 2.44 9.69
CA TYR D 179 -31.73 2.48 8.65
C TYR D 179 -32.42 2.81 7.32
N ILE D 180 -31.76 3.64 6.51
CA ILE D 180 -32.32 4.07 5.24
C ILE D 180 -31.50 3.49 4.10
N ASN D 181 -32.17 3.21 3.00
CA ASN D 181 -31.55 2.62 1.82
C ASN D 181 -32.13 3.30 0.59
N ALA D 182 -31.29 3.99 -0.17
CA ALA D 182 -31.72 4.77 -1.31
C ALA D 182 -31.40 4.05 -2.62
N ASN D 183 -32.34 4.12 -3.56
CA ASN D 183 -32.19 3.53 -4.89
C ASN D 183 -31.86 4.68 -5.84
N VAL D 184 -30.60 4.76 -6.26
CA VAL D 184 -30.12 5.82 -7.11
C VAL D 184 -29.89 5.28 -8.52
N ARG D 185 -29.66 6.19 -9.46
CA ARG D 185 -29.40 5.82 -10.85
C ARG D 185 -28.75 7.01 -11.54
N TYR D 186 -27.57 6.79 -12.11
CA TYR D 186 -26.79 7.87 -12.68
C TYR D 186 -27.24 8.19 -14.10
N TYR D 187 -26.76 9.31 -14.64
CA TYR D 187 -27.00 9.68 -16.02
C TYR D 187 -25.90 10.63 -16.47
N ASN D 188 -25.72 10.71 -17.78
CA ASN D 188 -24.69 11.56 -18.38
C ASN D 188 -25.30 12.34 -19.53
N THR D 189 -25.36 13.67 -19.38
CA THR D 189 -25.88 14.54 -20.42
C THR D 189 -24.78 15.32 -21.13
N GLY D 190 -23.52 14.96 -20.92
CA GLY D 190 -22.40 15.67 -21.49
C GLY D 190 -22.04 15.21 -22.88
N THR D 191 -20.78 15.42 -23.24
CA THR D 191 -20.28 15.06 -24.56
C THR D 191 -19.01 14.21 -24.49
N ALA D 192 -18.79 13.52 -23.37
CA ALA D 192 -17.63 12.65 -23.21
C ALA D 192 -17.95 11.63 -22.13
N PRO D 193 -17.43 10.41 -22.24
CA PRO D 193 -17.70 9.40 -21.23
C PRO D 193 -16.91 9.64 -19.95
N MET D 194 -17.37 9.02 -18.87
CA MET D 194 -16.70 9.07 -17.59
C MET D 194 -16.47 7.64 -17.10
N TYR D 195 -15.22 7.32 -16.79
CA TYR D 195 -14.85 6.00 -16.29
C TYR D 195 -14.67 6.07 -14.77
N LYS D 196 -15.12 5.02 -14.09
CA LYS D 196 -15.02 4.92 -12.63
C LYS D 196 -15.79 6.05 -11.96
N VAL D 197 -17.08 6.13 -12.29
CA VAL D 197 -17.94 7.18 -11.76
C VAL D 197 -18.13 6.97 -10.27
N THR D 198 -17.76 7.98 -9.48
CA THR D 198 -17.85 7.92 -8.02
C THR D 198 -18.50 9.21 -7.52
N PRO D 199 -19.83 9.28 -7.56
CA PRO D 199 -20.52 10.50 -7.12
C PRO D 199 -20.60 10.62 -5.61
N THR D 200 -20.88 11.85 -5.17
CA THR D 200 -21.11 12.17 -3.76
C THR D 200 -22.46 12.85 -3.63
N THR D 201 -23.28 12.37 -2.69
CA THR D 201 -24.66 12.84 -2.55
C THR D 201 -24.95 13.19 -1.10
N ASN D 202 -25.94 14.06 -0.91
CA ASN D 202 -26.44 14.40 0.42
C ASN D 202 -27.89 13.92 0.55
N LEU D 203 -28.30 13.64 1.78
CA LEU D 203 -29.68 13.30 2.10
C LEU D 203 -30.22 14.35 3.06
N VAL D 204 -31.31 15.00 2.68
CA VAL D 204 -31.93 16.05 3.48
C VAL D 204 -33.37 15.65 3.79
N LEU D 205 -33.76 15.79 5.07
CA LEU D 205 -35.10 15.43 5.51
C LEU D 205 -36.04 16.63 5.51
N ASP D 206 -35.74 17.64 6.33
CA ASP D 206 -36.50 18.89 6.33
C ASP D 206 -35.61 20.07 5.95
N GLY D 207 -34.56 20.31 6.71
CA GLY D 207 -33.52 21.27 6.36
C GLY D 207 -32.20 20.71 6.84
N ASP D 208 -32.23 19.45 7.25
CA ASP D 208 -31.11 18.80 7.92
C ASP D 208 -30.47 17.83 6.95
N THR D 209 -29.16 18.00 6.72
CA THR D 209 -28.40 17.06 5.89
C THR D 209 -28.07 15.85 6.74
N LEU D 210 -28.74 14.72 6.45
CA LEU D 210 -28.56 13.53 7.28
C LEU D 210 -27.14 12.99 7.17
N SER D 211 -26.60 12.93 5.96
CA SER D 211 -25.26 12.39 5.74
C SER D 211 -24.85 12.64 4.30
N THR D 212 -23.53 12.75 4.10
CA THR D 212 -22.94 12.80 2.77
C THR D 212 -22.11 11.55 2.58
N ILE D 213 -22.38 10.81 1.52
CA ILE D 213 -21.76 9.50 1.28
C ILE D 213 -21.07 9.53 -0.07
N LYS D 214 -19.79 9.17 -0.08
CA LYS D 214 -19.04 8.95 -1.30
C LYS D 214 -19.24 7.51 -1.76
N ALA D 215 -19.31 7.31 -3.07
CA ALA D 215 -19.61 5.99 -3.61
C ALA D 215 -18.51 5.00 -3.27
N GLN D 216 -18.90 3.83 -2.76
CA GLN D 216 -17.97 2.78 -2.40
C GLN D 216 -17.70 1.91 -3.64
N GLU D 217 -16.99 0.80 -3.45
CA GLU D 217 -16.70 -0.09 -4.57
C GLU D 217 -17.95 -0.77 -5.10
N ASN D 218 -19.00 -0.89 -4.29
CA ASN D 218 -20.24 -1.50 -4.74
C ASN D 218 -21.04 -0.58 -5.66
N GLN D 219 -20.86 0.73 -5.56
CA GLN D 219 -21.66 1.69 -6.31
C GLN D 219 -20.79 2.53 -7.26
N ILE D 220 -19.77 1.93 -7.84
CA ILE D 220 -18.95 2.58 -8.86
C ILE D 220 -19.41 2.09 -10.23
N GLY D 221 -19.62 3.02 -11.16
CA GLY D 221 -19.97 2.69 -12.52
C GLY D 221 -18.73 2.76 -13.40
N ASN D 222 -18.36 1.61 -13.97
CA ASN D 222 -17.14 1.55 -14.76
C ASN D 222 -17.26 2.36 -16.04
N ASN D 223 -18.43 2.33 -16.69
CA ASN D 223 -18.62 3.00 -17.96
C ASN D 223 -19.89 3.84 -17.91
N LEU D 224 -19.81 5.03 -18.51
CA LEU D 224 -20.99 5.90 -18.62
C LEU D 224 -20.81 6.75 -19.89
N SER D 225 -21.39 6.30 -20.99
CA SER D 225 -21.32 7.03 -22.24
C SER D 225 -22.32 8.17 -22.24
N PRO D 226 -22.11 9.20 -23.08
CA PRO D 226 -23.10 10.27 -23.18
C PRO D 226 -24.45 9.74 -23.60
N GLY D 227 -25.49 10.23 -22.95
CA GLY D 227 -26.85 9.78 -23.21
C GLY D 227 -27.19 8.43 -22.61
N ASP D 228 -26.23 7.76 -21.98
CA ASP D 228 -26.47 6.45 -21.37
C ASP D 228 -26.86 6.64 -19.90
N THR D 229 -26.86 5.53 -19.16
CA THR D 229 -27.32 5.53 -17.77
C THR D 229 -26.72 4.31 -17.09
N TYR D 230 -26.32 4.46 -15.83
CA TYR D 230 -25.84 3.34 -15.04
C TYR D 230 -26.74 3.16 -13.82
N PRO D 231 -27.41 2.02 -13.65
CA PRO D 231 -27.44 0.85 -14.55
C PRO D 231 -28.21 1.15 -15.83
N LYS D 232 -27.89 0.50 -16.93
CA LYS D 232 -28.50 0.81 -18.21
C LYS D 232 -30.01 0.59 -18.15
N LYS D 233 -30.71 1.28 -19.04
CA LYS D 233 -32.17 1.21 -19.06
C LYS D 233 -32.62 -0.23 -19.30
N GLY D 234 -33.69 -0.63 -18.62
CA GLY D 234 -34.12 -2.00 -18.59
C GLY D 234 -33.68 -2.75 -17.35
N LEU D 235 -32.67 -2.26 -16.65
CA LEU D 235 -32.22 -2.84 -15.40
C LEU D 235 -32.92 -2.14 -14.23
N SER D 236 -32.45 -2.40 -13.02
CA SER D 236 -33.03 -1.82 -11.82
C SER D 236 -32.03 -0.87 -11.15
N PRO D 237 -32.51 0.13 -10.42
CA PRO D 237 -31.59 1.09 -9.78
C PRO D 237 -30.73 0.41 -8.73
N LEU D 238 -29.52 0.95 -8.55
CA LEU D 238 -28.58 0.41 -7.58
C LEU D 238 -28.88 0.94 -6.20
N ALA D 239 -28.57 0.13 -5.18
CA ALA D 239 -28.90 0.47 -3.80
C ALA D 239 -27.69 1.07 -3.10
N LEU D 240 -27.86 2.27 -2.56
CA LEU D 240 -26.83 2.93 -1.76
C LEU D 240 -27.24 2.84 -0.30
N ASN D 241 -26.72 1.82 0.40
CA ASN D 241 -27.12 1.58 1.78
C ASN D 241 -25.93 1.40 2.71
N THR D 242 -24.76 1.90 2.33
CA THR D 242 -23.57 1.83 3.16
C THR D 242 -23.01 3.22 3.36
N MET D 243 -22.30 3.41 4.46
CA MET D 243 -21.85 4.73 4.87
C MET D 243 -20.35 4.83 5.09
N ASP D 244 -19.71 3.76 5.58
CA ASP D 244 -18.28 3.80 5.82
C ASP D 244 -17.52 3.48 4.53
N GLN D 245 -16.19 3.52 4.61
CA GLN D 245 -15.36 3.38 3.41
C GLN D 245 -15.39 1.95 2.87
N PHE D 246 -15.48 0.95 3.73
CA PHE D 246 -15.39 -0.45 3.32
C PHE D 246 -16.75 -1.14 3.25
N SER D 247 -17.84 -0.37 3.27
CA SER D 247 -19.19 -0.91 3.09
C SER D 247 -19.54 -1.95 4.15
N SER D 248 -19.31 -1.59 5.42
CA SER D 248 -19.63 -2.47 6.54
C SER D 248 -20.33 -1.72 7.65
N ARG D 249 -21.13 -0.71 7.31
CA ARG D 249 -21.83 0.09 8.30
C ARG D 249 -23.02 0.74 7.62
N LEU D 250 -24.21 0.54 8.18
CA LEU D 250 -25.43 1.07 7.57
C LEU D 250 -25.63 2.54 7.96
N ILE D 251 -26.60 3.17 7.30
CA ILE D 251 -26.87 4.60 7.49
C ILE D 251 -27.94 4.73 8.56
N PRO D 252 -27.64 5.28 9.73
CA PRO D 252 -28.64 5.43 10.78
C PRO D 252 -29.35 6.78 10.73
N ILE D 253 -30.54 6.80 11.32
CA ILE D 253 -31.31 8.03 11.49
C ILE D 253 -31.82 8.09 12.92
N ASN D 254 -32.20 9.30 13.33
CA ASN D 254 -32.64 9.56 14.70
C ASN D 254 -34.08 9.10 14.90
N TYR D 255 -34.48 9.02 16.18
CA TYR D 255 -35.87 8.72 16.50
C TYR D 255 -36.78 9.88 16.12
N ASP D 256 -36.32 11.11 16.36
CA ASP D 256 -37.08 12.29 15.93
C ASP D 256 -37.12 12.41 14.41
N GLN D 257 -36.09 11.94 13.72
CA GLN D 257 -36.11 11.93 12.26
C GLN D 257 -37.03 10.83 11.74
N LEU D 258 -36.99 9.65 12.36
CA LEU D 258 -37.88 8.57 11.94
C LEU D 258 -39.34 8.92 12.19
N LYS D 259 -39.63 9.60 13.29
CA LYS D 259 -41.00 10.01 13.57
C LYS D 259 -41.52 10.96 12.49
N LYS D 260 -40.69 11.91 12.07
CA LYS D 260 -41.07 12.78 10.96
C LYS D 260 -41.23 11.98 9.67
N LEU D 261 -40.33 11.02 9.43
CA LEU D 261 -40.37 10.24 8.19
C LEU D 261 -41.66 9.44 8.07
N ASP D 262 -42.13 8.88 9.18
CA ASP D 262 -43.36 8.09 9.17
C ASP D 262 -44.60 8.95 9.34
N ALA D 263 -44.46 10.26 9.49
CA ALA D 263 -45.59 11.16 9.64
C ALA D 263 -46.04 11.77 8.32
N GLY D 264 -45.45 11.35 7.20
CA GLY D 264 -45.82 11.89 5.90
C GLY D 264 -44.87 12.95 5.41
N LYS D 265 -43.58 12.75 5.65
CA LYS D 265 -42.54 13.68 5.23
C LYS D 265 -41.57 12.95 4.31
N GLN D 266 -41.17 13.62 3.23
CA GLN D 266 -40.31 13.00 2.23
C GLN D 266 -38.85 13.35 2.49
N ILE D 267 -37.97 12.67 1.77
CA ILE D 267 -36.52 12.85 1.86
C ILE D 267 -35.99 13.11 0.46
N LYS D 268 -35.10 14.09 0.34
CA LYS D 268 -34.57 14.50 -0.95
C LYS D 268 -33.09 14.19 -1.04
N LEU D 269 -32.64 13.87 -2.25
CA LEU D 269 -31.24 13.58 -2.53
C LEU D 269 -30.72 14.56 -3.57
N GLU D 270 -29.56 15.15 -3.30
CA GLU D 270 -28.92 16.05 -4.24
C GLU D 270 -27.44 15.70 -4.32
N THR D 271 -26.90 15.71 -5.54
CA THR D 271 -25.50 15.37 -5.74
C THR D 271 -24.65 16.64 -5.68
N THR D 272 -23.55 16.56 -4.95
CA THR D 272 -22.65 17.70 -4.78
C THR D 272 -21.48 17.69 -5.75
N GLN D 273 -20.92 16.52 -6.05
CA GLN D 273 -19.80 16.42 -6.96
C GLN D 273 -19.70 14.99 -7.45
N VAL D 274 -18.97 14.81 -8.55
CA VAL D 274 -18.75 13.49 -9.16
C VAL D 274 -17.30 13.39 -9.57
N SER D 275 -16.67 12.26 -9.25
CA SER D 275 -15.28 11.99 -9.62
C SER D 275 -15.24 10.90 -10.68
N GLY D 276 -14.31 11.02 -11.61
CA GLY D 276 -14.19 10.07 -12.68
C GLY D 276 -12.85 10.15 -13.35
N ASN D 277 -12.73 9.43 -14.46
CA ASN D 277 -11.48 9.36 -15.22
C ASN D 277 -11.75 9.58 -16.69
N PHE D 278 -10.67 9.74 -17.45
CA PHE D 278 -10.73 9.85 -18.90
C PHE D 278 -9.60 9.04 -19.51
N GLY D 279 -9.83 8.56 -20.73
CA GLY D 279 -8.90 7.64 -21.38
C GLY D 279 -7.96 8.36 -22.33
N THR D 280 -6.68 8.01 -22.22
CA THR D 280 -5.63 8.53 -23.10
C THR D 280 -4.76 7.37 -23.56
N LYS D 281 -4.14 7.54 -24.73
CA LYS D 281 -3.26 6.52 -25.27
C LYS D 281 -1.92 6.55 -24.54
N ASN D 282 -1.49 5.38 -24.08
CA ASN D 282 -0.25 5.25 -23.32
C ASN D 282 0.93 5.24 -24.29
N SER D 283 2.12 4.89 -23.78
CA SER D 283 3.35 5.07 -24.54
C SER D 283 3.33 4.29 -25.85
N SER D 284 2.96 3.01 -25.80
CA SER D 284 3.08 2.17 -27.01
C SER D 284 1.78 2.11 -27.81
N GLY D 285 0.76 1.48 -27.26
CA GLY D 285 -0.50 1.38 -27.99
C GLY D 285 -1.77 1.30 -27.16
N GLN D 286 -1.67 1.43 -25.85
CA GLN D 286 -2.76 1.08 -24.96
C GLN D 286 -3.48 2.32 -24.43
N ILE D 287 -4.72 2.10 -24.01
CA ILE D 287 -5.55 3.14 -23.40
C ILE D 287 -5.42 3.00 -21.90
N VAL D 288 -5.00 4.08 -21.23
CA VAL D 288 -4.85 4.10 -19.79
C VAL D 288 -5.81 5.13 -19.22
N THR D 289 -6.67 4.69 -18.30
CA THR D 289 -7.65 5.57 -17.66
C THR D 289 -7.46 5.64 -16.15
N GLU D 290 -6.28 5.29 -15.65
CA GLU D 290 -5.97 5.35 -14.23
C GLU D 290 -5.00 6.50 -13.98
N GLY D 291 -5.35 7.36 -13.03
CA GLY D 291 -4.56 8.54 -12.77
C GLY D 291 -4.87 9.73 -13.65
N ASN D 292 -5.97 9.68 -14.40
CA ASN D 292 -6.40 10.77 -15.27
C ASN D 292 -7.73 11.29 -14.73
N SER D 293 -7.67 12.25 -13.82
CA SER D 293 -8.86 12.74 -13.13
C SER D 293 -9.48 13.92 -13.87
N TRP D 294 -10.82 13.93 -13.89
CA TRP D 294 -11.53 15.06 -14.49
C TRP D 294 -11.51 16.27 -13.58
N SER D 295 -11.33 16.07 -12.27
CA SER D 295 -11.31 17.18 -11.33
C SER D 295 -10.15 18.13 -11.58
N ASP D 296 -9.09 17.66 -12.23
CA ASP D 296 -7.99 18.54 -12.60
C ASP D 296 -8.39 19.56 -13.66
N TYR D 297 -9.40 19.25 -14.47
CA TYR D 297 -9.81 20.12 -15.56
C TYR D 297 -11.17 20.77 -15.38
N ILE D 298 -11.97 20.31 -14.41
CA ILE D 298 -13.31 20.87 -14.23
C ILE D 298 -13.23 22.38 -13.97
N SER D 299 -12.39 22.78 -13.02
CA SER D 299 -12.31 24.18 -12.64
C SER D 299 -11.62 25.03 -13.69
N GLN D 300 -10.69 24.45 -14.44
CA GLN D 300 -10.04 25.19 -15.52
C GLN D 300 -10.94 25.36 -16.74
N ILE D 301 -11.86 24.42 -16.97
CA ILE D 301 -12.79 24.52 -18.09
C ILE D 301 -13.96 25.44 -17.75
N ASP D 302 -14.47 25.38 -16.52
CA ASP D 302 -15.60 26.21 -16.14
C ASP D 302 -15.26 27.69 -16.12
N SER D 303 -13.98 28.05 -16.08
CA SER D 303 -13.58 29.44 -15.89
C SER D 303 -13.38 30.20 -17.20
N ILE D 304 -13.33 29.52 -18.34
CA ILE D 304 -13.07 30.19 -19.61
C ILE D 304 -14.15 29.83 -20.63
N SER D 305 -15.29 29.37 -20.14
CA SER D 305 -16.34 28.87 -21.03
C SER D 305 -17.70 29.38 -20.57
N ALA D 306 -18.65 29.35 -21.49
CA ALA D 306 -20.04 29.65 -21.22
C ALA D 306 -20.87 28.39 -21.38
N SER D 307 -21.82 28.19 -20.47
CA SER D 307 -22.61 26.97 -20.43
C SER D 307 -23.92 27.18 -21.17
N ILE D 308 -24.24 26.25 -22.08
CA ILE D 308 -25.47 26.28 -22.87
C ILE D 308 -26.18 24.95 -22.66
N ILE D 309 -27.47 25.02 -22.32
CA ILE D 309 -28.28 23.84 -22.05
C ILE D 309 -29.46 23.85 -22.99
N LEU D 310 -29.53 22.86 -23.87
CA LEU D 310 -30.68 22.68 -24.76
C LEU D 310 -31.56 21.59 -24.16
N ASP D 311 -32.81 21.93 -23.87
CA ASP D 311 -33.73 21.04 -23.15
C ASP D 311 -34.89 20.70 -24.08
N THR D 312 -34.72 19.64 -24.86
CA THR D 312 -35.82 19.11 -25.65
C THR D 312 -36.69 18.21 -24.77
N GLU D 313 -37.72 17.63 -25.37
CA GLU D 313 -38.60 16.73 -24.64
C GLU D 313 -37.95 15.35 -24.51
N ASN D 314 -38.01 14.79 -23.31
CA ASN D 314 -37.51 13.45 -22.97
C ASN D 314 -36.00 13.32 -23.14
N GLU D 315 -35.29 14.40 -23.40
CA GLU D 315 -33.83 14.37 -23.51
C GLU D 315 -33.29 15.76 -23.24
N SER D 316 -32.11 15.83 -22.62
CA SER D 316 -31.49 17.09 -22.27
C SER D 316 -30.00 17.05 -22.62
N TYR D 317 -29.47 18.21 -22.99
CA TYR D 317 -28.07 18.35 -23.37
C TYR D 317 -27.47 19.54 -22.65
N GLU D 318 -26.18 19.45 -22.33
CA GLU D 318 -25.44 20.54 -21.69
C GLU D 318 -24.05 20.61 -22.29
N ARG D 319 -23.62 21.82 -22.67
CA ARG D 319 -22.36 22.00 -23.35
C ARG D 319 -21.63 23.22 -22.79
N ARG D 320 -20.32 23.26 -23.03
CA ARG D 320 -19.48 24.40 -22.70
C ARG D 320 -18.76 24.87 -23.96
N VAL D 321 -18.82 26.17 -24.23
CA VAL D 321 -18.20 26.76 -25.41
C VAL D 321 -17.20 27.81 -24.95
N THR D 322 -15.99 27.75 -25.52
CA THR D 322 -14.93 28.66 -25.11
C THR D 322 -15.24 30.09 -25.52
N ALA D 323 -15.09 31.02 -24.58
CA ALA D 323 -15.31 32.43 -24.83
C ALA D 323 -13.97 33.14 -24.99
N LYS D 324 -14.03 34.46 -25.15
CA LYS D 324 -12.84 35.28 -25.33
C LYS D 324 -12.88 36.46 -24.38
N ASN D 325 -11.73 36.77 -23.79
CA ASN D 325 -11.59 37.92 -22.89
C ASN D 325 -11.07 39.10 -23.70
N LEU D 326 -11.84 40.19 -23.74
CA LEU D 326 -11.42 41.36 -24.48
C LEU D 326 -10.47 42.25 -23.69
N GLN D 327 -10.36 42.05 -22.38
CA GLN D 327 -9.41 42.82 -21.59
C GLN D 327 -7.97 42.39 -21.90
N ASP D 328 -7.74 41.08 -22.01
CA ASP D 328 -6.40 40.58 -22.26
C ASP D 328 -6.07 40.71 -23.74
N PRO D 329 -5.02 41.47 -24.12
CA PRO D 329 -4.66 41.57 -25.54
C PRO D 329 -3.96 40.34 -26.08
N GLU D 330 -3.53 39.41 -25.24
CA GLU D 330 -2.85 38.20 -25.67
C GLU D 330 -3.77 36.98 -25.66
N ASP D 331 -5.07 37.17 -25.51
CA ASP D 331 -6.05 36.08 -25.58
C ASP D 331 -6.50 35.97 -27.03
N LYS D 332 -5.89 35.05 -27.77
CA LYS D 332 -6.14 34.89 -29.20
C LYS D 332 -7.26 33.90 -29.49
N THR D 333 -8.15 33.65 -28.53
CA THR D 333 -9.26 32.74 -28.76
C THR D 333 -10.21 33.34 -29.78
N PRO D 334 -10.67 32.55 -30.76
CA PRO D 334 -11.57 33.11 -31.78
C PRO D 334 -12.86 33.63 -31.17
N GLU D 335 -13.36 34.73 -31.72
CA GLU D 335 -14.59 35.34 -31.25
C GLU D 335 -15.80 34.67 -31.89
N LEU D 336 -16.84 34.48 -31.09
CA LEU D 336 -18.06 33.82 -31.56
C LEU D 336 -19.28 34.57 -31.04
N THR D 337 -20.35 34.53 -31.81
CA THR D 337 -21.65 35.00 -31.37
C THR D 337 -22.47 33.83 -30.83
N ILE D 338 -23.62 34.15 -30.24
CA ILE D 338 -24.45 33.12 -29.63
C ILE D 338 -24.99 32.17 -30.69
N GLY D 339 -25.27 32.66 -31.89
CA GLY D 339 -25.74 31.78 -32.94
C GLY D 339 -24.71 30.74 -33.34
N GLU D 340 -23.46 31.17 -33.52
CA GLU D 340 -22.39 30.23 -33.84
C GLU D 340 -22.10 29.29 -32.68
N ALA D 341 -22.21 29.79 -31.44
CA ALA D 341 -22.02 28.93 -30.28
C ALA D 341 -23.07 27.83 -30.24
N ILE D 342 -24.33 28.17 -30.49
CA ILE D 342 -25.39 27.17 -30.52
C ILE D 342 -25.20 26.20 -31.68
N GLU D 343 -24.76 26.72 -32.82
CA GLU D 343 -24.52 25.84 -33.97
C GLU D 343 -23.41 24.83 -33.68
N LYS D 344 -22.31 25.29 -33.08
CA LYS D 344 -21.17 24.42 -32.84
C LYS D 344 -21.42 23.44 -31.69
N ALA D 345 -22.05 23.91 -30.61
CA ALA D 345 -22.19 23.08 -29.42
C ALA D 345 -23.08 21.87 -29.67
N PHE D 346 -24.19 22.05 -30.37
CA PHE D 346 -25.17 21.00 -30.54
C PHE D 346 -25.15 20.38 -31.93
N GLY D 347 -24.20 20.77 -32.77
CA GLY D 347 -24.09 20.19 -34.10
C GLY D 347 -25.30 20.43 -34.98
N ALA D 348 -25.85 21.63 -34.94
CA ALA D 348 -26.99 21.99 -35.77
C ALA D 348 -26.53 22.48 -37.14
N THR D 349 -27.34 22.23 -38.15
CA THR D 349 -27.05 22.62 -39.52
C THR D 349 -28.11 23.59 -40.01
N LYS D 350 -27.66 24.65 -40.68
CA LYS D 350 -28.57 25.64 -41.23
C LYS D 350 -29.30 25.09 -42.45
N LYS D 351 -30.55 25.53 -42.63
CA LYS D 351 -31.36 25.17 -43.79
C LYS D 351 -31.54 26.36 -44.72
N ASP D 352 -32.04 27.48 -44.20
CA ASP D 352 -32.21 28.73 -44.94
C ASP D 352 -31.75 29.89 -44.09
N GLY D 353 -30.64 29.72 -43.38
CA GLY D 353 -30.19 30.68 -42.39
C GLY D 353 -30.74 30.45 -41.00
N LEU D 354 -31.56 29.41 -40.81
CA LEU D 354 -32.12 29.08 -39.52
C LEU D 354 -31.61 27.71 -39.09
N LEU D 355 -31.17 27.59 -37.84
CA LEU D 355 -30.59 26.36 -37.34
C LEU D 355 -31.68 25.34 -37.02
N TYR D 356 -31.38 24.07 -37.33
CA TYR D 356 -32.25 22.95 -36.99
C TYR D 356 -31.42 21.90 -36.28
N PHE D 357 -31.97 21.33 -35.20
CA PHE D 357 -31.21 20.36 -34.44
C PHE D 357 -31.07 19.05 -35.22
N ASN D 358 -32.17 18.35 -35.43
CA ASN D 358 -32.23 17.32 -36.46
C ASN D 358 -33.41 17.58 -37.36
N ASP D 359 -34.55 17.87 -36.75
CA ASP D 359 -35.71 18.46 -37.42
C ASP D 359 -36.38 19.56 -36.61
N ILE D 360 -36.20 19.61 -35.29
CA ILE D 360 -36.84 20.62 -34.45
C ILE D 360 -36.22 21.98 -34.77
N PRO D 361 -37.03 23.00 -35.04
CA PRO D 361 -36.47 24.34 -35.32
C PRO D 361 -35.98 24.98 -34.03
N ILE D 362 -34.69 25.35 -34.02
CA ILE D 362 -34.11 26.11 -32.91
C ILE D 362 -33.75 27.49 -33.43
N ASP D 363 -34.29 28.53 -32.79
CA ASP D 363 -34.08 29.92 -33.17
C ASP D 363 -34.74 30.80 -32.12
N GLU D 364 -34.26 32.04 -31.98
CA GLU D 364 -34.72 32.90 -30.90
C GLU D 364 -36.22 33.14 -30.92
N SER D 365 -36.86 32.96 -32.07
CA SER D 365 -38.31 33.12 -32.17
C SER D 365 -39.06 31.80 -32.06
N CYS D 366 -38.43 30.68 -32.41
CA CYS D 366 -39.07 29.38 -32.36
C CYS D 366 -38.85 28.63 -31.06
N VAL D 367 -38.01 29.16 -30.15
CA VAL D 367 -37.75 28.54 -28.86
C VAL D 367 -37.82 29.61 -27.79
N GLU D 368 -37.79 29.17 -26.53
CA GLU D 368 -37.83 30.05 -25.37
C GLU D 368 -36.46 30.07 -24.72
N LEU D 369 -35.86 31.25 -24.62
CA LEU D 369 -34.55 31.43 -24.02
C LEU D 369 -34.71 31.89 -22.58
N ILE D 370 -33.97 31.27 -21.67
CA ILE D 370 -33.99 31.62 -20.25
C ILE D 370 -32.57 31.90 -19.80
N PHE D 371 -32.35 33.07 -19.23
CA PHE D 371 -31.07 33.46 -18.67
C PHE D 371 -31.22 33.75 -17.19
N ASP D 372 -30.08 33.89 -16.51
CA ASP D 372 -30.06 34.38 -15.14
C ASP D 372 -29.96 35.91 -15.15
N ASP D 373 -29.89 36.50 -13.96
CA ASP D 373 -29.86 37.95 -13.87
C ASP D 373 -28.62 38.53 -14.53
N ASN D 374 -27.46 37.91 -14.29
CA ASN D 374 -26.21 38.43 -14.83
C ASN D 374 -26.20 38.39 -16.36
N THR D 375 -26.57 37.25 -16.93
CA THR D 375 -26.58 37.13 -18.39
C THR D 375 -27.62 38.06 -19.00
N ALA D 376 -28.79 38.19 -18.36
CA ALA D 376 -29.81 39.10 -18.87
C ALA D 376 -29.32 40.53 -18.88
N ASN D 377 -28.64 40.96 -17.80
CA ASN D 377 -28.11 42.32 -17.77
C ASN D 377 -27.01 42.52 -18.80
N LYS D 378 -26.14 41.51 -18.98
CA LYS D 378 -25.06 41.64 -19.96
C LYS D 378 -25.55 41.51 -21.40
N ILE D 379 -26.77 41.01 -21.61
CA ILE D 379 -27.30 40.86 -22.95
C ILE D 379 -28.30 41.96 -23.32
N LYS D 380 -28.90 42.62 -22.33
CA LYS D 380 -29.85 43.69 -22.63
C LYS D 380 -29.18 44.99 -23.02
N ASP D 381 -27.89 45.15 -22.74
CA ASP D 381 -27.17 46.37 -23.07
C ASP D 381 -26.40 46.27 -24.38
N SER D 382 -26.12 45.08 -24.87
CA SER D 382 -25.47 44.91 -26.16
C SER D 382 -26.46 44.82 -27.31
N LEU D 383 -27.76 44.72 -27.02
CA LEU D 383 -28.76 44.67 -28.08
C LEU D 383 -29.01 46.05 -28.68
N LYS D 384 -29.00 47.09 -27.84
CA LYS D 384 -29.27 48.45 -28.33
C LYS D 384 -28.19 48.90 -29.31
N THR D 385 -26.93 48.58 -29.03
CA THR D 385 -25.83 48.96 -29.91
C THR D 385 -25.60 47.87 -30.97
N LEU D 386 -26.65 47.63 -31.75
CA LEU D 386 -26.63 46.60 -32.78
C LEU D 386 -27.56 47.02 -33.91
N SER D 387 -27.34 46.42 -35.07
CA SER D 387 -28.13 46.74 -36.26
C SER D 387 -29.35 45.84 -36.40
N ASP D 388 -29.15 44.52 -36.36
CA ASP D 388 -30.26 43.58 -36.51
C ASP D 388 -31.04 43.38 -35.21
N LYS D 389 -30.49 43.79 -34.07
CA LYS D 389 -31.14 43.67 -32.77
C LYS D 389 -31.60 42.24 -32.51
N LYS D 390 -30.71 41.28 -32.80
CA LYS D 390 -30.99 39.86 -32.62
C LYS D 390 -30.18 39.33 -31.45
N ILE D 391 -30.81 38.44 -30.67
CA ILE D 391 -30.12 37.83 -29.53
C ILE D 391 -28.98 36.94 -30.02
N TYR D 392 -29.18 36.23 -31.13
CA TYR D 392 -28.17 35.33 -31.64
C TYR D 392 -26.96 36.06 -32.24
N ASN D 393 -27.04 37.37 -32.39
CA ASN D 393 -25.92 38.16 -32.92
C ASN D 393 -25.08 38.81 -31.84
N VAL D 394 -25.37 38.53 -30.57
CA VAL D 394 -24.61 39.11 -29.47
C VAL D 394 -23.34 38.28 -29.24
N LYS D 395 -22.25 38.96 -28.89
CA LYS D 395 -20.99 38.27 -28.67
C LYS D 395 -21.05 37.41 -27.42
N LEU D 396 -20.46 36.21 -27.50
CA LEU D 396 -20.39 35.31 -26.37
C LEU D 396 -19.32 35.75 -25.40
N GLU D 397 -19.62 35.67 -24.10
CA GLU D 397 -18.68 36.07 -23.06
C GLU D 397 -18.68 35.02 -21.96
N ARG D 398 -17.59 35.00 -21.20
CA ARG D 398 -17.44 34.02 -20.14
C ARG D 398 -18.49 34.23 -19.05
N GLY D 399 -18.93 33.13 -18.46
CA GLY D 399 -19.89 33.16 -17.37
C GLY D 399 -21.35 33.19 -17.78
N MET D 400 -21.64 33.16 -19.07
CA MET D 400 -23.02 33.19 -19.52
C MET D 400 -23.72 31.86 -19.22
N ASN D 401 -25.03 31.94 -18.99
CA ASN D 401 -25.86 30.79 -18.68
C ASN D 401 -27.13 30.88 -19.53
N ILE D 402 -27.15 30.14 -20.64
CA ILE D 402 -28.27 30.15 -21.57
C ILE D 402 -28.95 28.80 -21.54
N LEU D 403 -30.28 28.80 -21.41
CA LEU D 403 -31.09 27.59 -21.40
C LEU D 403 -32.11 27.69 -22.52
N ILE D 404 -32.16 26.69 -23.38
CA ILE D 404 -33.03 26.68 -24.55
C ILE D 404 -34.13 25.64 -24.32
N LYS D 405 -35.38 26.08 -24.43
CA LYS D 405 -36.54 25.21 -24.27
C LYS D 405 -37.31 25.15 -25.59
N THR D 406 -37.52 23.94 -26.09
CA THR D 406 -38.30 23.77 -27.30
C THR D 406 -39.79 23.73 -26.96
N PRO D 407 -40.64 24.18 -27.89
CA PRO D 407 -42.09 24.19 -27.60
C PRO D 407 -42.66 22.79 -27.54
N THR D 408 -43.76 22.66 -26.81
CA THR D 408 -44.45 21.39 -26.66
C THR D 408 -45.05 20.92 -27.98
N GLU E 8 21.23 43.14 -20.58
CA GLU E 8 21.12 42.97 -22.03
C GLU E 8 20.49 41.62 -22.40
N ASP E 9 21.23 40.53 -22.20
CA ASP E 9 20.68 39.20 -22.39
C ASP E 9 21.09 38.25 -21.27
N LEU E 10 21.77 38.74 -20.23
CA LEU E 10 22.20 37.91 -19.12
C LEU E 10 20.99 37.46 -18.31
N ASP E 11 20.97 36.18 -17.94
CA ASP E 11 19.94 35.62 -17.10
C ASP E 11 20.60 34.90 -15.93
N THR E 12 20.25 35.28 -14.70
CA THR E 12 20.88 34.74 -13.51
C THR E 12 19.98 33.77 -12.75
N ASP E 13 18.73 34.15 -12.48
CA ASP E 13 17.80 33.26 -11.82
C ASP E 13 17.34 32.11 -12.71
N ASN E 14 17.69 32.14 -14.00
CA ASN E 14 17.41 31.07 -14.95
C ASN E 14 15.90 30.85 -15.14
N ASP E 15 15.23 31.93 -15.50
CA ASP E 15 13.92 31.90 -16.14
C ASP E 15 14.08 32.53 -17.53
N ASN E 16 12.96 32.74 -18.21
CA ASN E 16 13.00 33.29 -19.56
C ASN E 16 12.96 34.81 -19.58
N ILE E 17 13.34 35.48 -18.50
CA ILE E 17 13.35 36.94 -18.44
C ILE E 17 14.76 37.41 -18.08
N PRO E 18 15.35 38.30 -18.88
CA PRO E 18 16.71 38.78 -18.58
C PRO E 18 16.79 39.60 -17.29
N ASP E 19 18.00 40.01 -16.92
CA ASP E 19 18.19 40.75 -15.68
C ASP E 19 17.65 42.16 -15.77
N SER E 20 18.11 42.93 -16.76
CA SER E 20 17.71 44.32 -16.87
C SER E 20 16.22 44.47 -17.13
N TYR E 21 15.60 43.48 -17.79
CA TYR E 21 14.16 43.53 -18.02
C TYR E 21 13.40 43.50 -16.70
N GLU E 22 13.77 42.59 -15.80
CA GLU E 22 13.14 42.54 -14.48
C GLU E 22 13.48 43.78 -13.66
N ARG E 23 14.72 44.26 -13.77
CA ARG E 23 15.15 45.40 -12.96
C ARG E 23 14.40 46.67 -13.35
N ASN E 24 14.22 46.90 -14.64
CA ASN E 24 13.60 48.14 -15.14
C ASN E 24 12.11 48.00 -15.40
N GLY E 25 11.70 46.96 -16.12
CA GLY E 25 10.30 46.76 -16.44
C GLY E 25 10.11 45.99 -17.72
N TYR E 26 9.16 45.07 -17.74
CA TYR E 26 8.94 44.23 -18.91
C TYR E 26 7.46 43.89 -19.03
N THR E 27 7.08 43.44 -20.22
CA THR E 27 5.73 42.94 -20.47
C THR E 27 5.84 41.73 -21.41
N ILE E 28 4.82 40.89 -21.36
CA ILE E 28 4.82 39.62 -22.10
C ILE E 28 3.89 39.76 -23.28
N LYS E 29 4.40 39.49 -24.48
CA LYS E 29 3.59 39.45 -25.69
C LYS E 29 4.15 38.39 -26.61
N ASP E 30 3.27 37.57 -27.18
CA ASP E 30 3.66 36.43 -28.02
C ASP E 30 4.58 35.48 -27.25
N LEU E 31 4.29 35.31 -25.95
CA LEU E 31 4.97 34.35 -25.08
C LEU E 31 6.46 34.68 -24.89
N ILE E 32 6.88 35.91 -25.17
CA ILE E 32 8.26 36.33 -24.95
C ILE E 32 8.25 37.64 -24.17
N ALA E 33 9.36 37.89 -23.48
CA ALA E 33 9.49 39.09 -22.65
C ALA E 33 10.16 40.19 -23.46
N VAL E 34 9.57 41.40 -23.42
CA VAL E 34 10.09 42.55 -24.14
C VAL E 34 10.14 43.74 -23.19
N LYS E 35 10.95 44.73 -23.56
CA LYS E 35 11.08 45.92 -22.74
C LYS E 35 9.77 46.69 -22.72
N TRP E 36 9.48 47.32 -21.58
CA TRP E 36 8.24 48.05 -21.41
C TRP E 36 8.36 49.46 -21.96
N GLU E 37 7.38 49.86 -22.76
CA GLU E 37 7.26 51.23 -23.27
C GLU E 37 5.90 51.78 -22.87
N ASP E 38 5.87 53.05 -22.50
CA ASP E 38 4.63 53.66 -21.99
C ASP E 38 3.51 53.66 -23.02
N SER E 39 3.83 53.55 -24.31
CA SER E 39 2.80 53.48 -25.33
C SER E 39 2.06 52.16 -25.34
N PHE E 40 2.56 51.15 -24.62
CA PHE E 40 1.91 49.84 -24.57
C PHE E 40 0.69 49.83 -23.65
N ALA E 41 0.58 50.81 -22.75
CA ALA E 41 -0.46 50.75 -21.73
C ALA E 41 -1.86 50.87 -22.33
N GLU E 42 -2.03 51.73 -23.34
CA GLU E 42 -3.35 51.96 -23.92
C GLU E 42 -3.85 50.78 -24.75
N GLN E 43 -2.99 49.81 -25.06
CA GLN E 43 -3.43 48.55 -25.65
C GLN E 43 -3.94 47.57 -24.61
N GLY E 44 -3.78 47.88 -23.32
CA GLY E 44 -4.19 46.98 -22.26
C GLY E 44 -3.08 46.16 -21.65
N TYR E 45 -1.83 46.42 -22.01
CA TYR E 45 -0.71 45.69 -21.43
C TYR E 45 -0.40 46.21 -20.02
N LYS E 46 0.39 45.43 -19.29
CA LYS E 46 0.72 45.73 -17.91
C LYS E 46 2.23 45.77 -17.74
N LYS E 47 2.69 46.53 -16.75
CA LYS E 47 4.10 46.67 -16.44
C LYS E 47 4.45 45.79 -15.27
N TYR E 48 5.45 44.92 -15.45
CA TYR E 48 5.87 43.96 -14.44
C TYR E 48 7.32 44.18 -14.07
N VAL E 49 7.60 44.12 -12.76
CA VAL E 49 8.96 44.14 -12.23
C VAL E 49 9.09 42.97 -11.27
N SER E 50 10.25 42.32 -11.29
CA SER E 50 10.45 41.10 -10.53
C SER E 50 11.80 41.15 -9.83
N ASN E 51 12.21 40.03 -9.26
CA ASN E 51 13.51 39.88 -8.63
C ASN E 51 14.41 39.08 -9.56
N TYR E 52 15.53 39.69 -9.97
CA TYR E 52 16.41 39.05 -10.94
C TYR E 52 17.39 38.09 -10.31
N LEU E 53 17.36 37.92 -8.99
CA LEU E 53 18.18 36.93 -8.31
C LEU E 53 17.35 35.76 -7.78
N GLU E 54 16.07 35.69 -8.14
CA GLU E 54 15.18 34.65 -7.65
C GLU E 54 14.24 34.22 -8.76
N SER E 55 13.93 32.93 -8.80
CA SER E 55 13.04 32.39 -9.82
C SER E 55 11.57 32.47 -9.42
N ASN E 56 11.28 32.49 -8.13
CA ASN E 56 9.93 32.63 -7.61
C ASN E 56 9.93 33.83 -6.66
N THR E 57 9.60 35.00 -7.21
CA THR E 57 9.65 36.23 -6.41
C THR E 57 8.67 36.19 -5.25
N ALA E 58 7.42 35.78 -5.53
CA ALA E 58 6.40 35.77 -4.49
C ALA E 58 6.56 34.60 -3.53
N GLY E 59 7.07 33.47 -4.00
CA GLY E 59 7.20 32.27 -3.20
C GLY E 59 6.22 31.18 -3.58
N ASP E 60 5.26 31.46 -4.45
CA ASP E 60 4.34 30.45 -4.92
C ASP E 60 5.05 29.48 -5.87
N PRO E 61 4.47 28.31 -6.12
CA PRO E 61 5.16 27.33 -6.99
C PRO E 61 5.47 27.85 -8.38
N TYR E 62 4.64 28.74 -8.93
CA TYR E 62 4.84 29.22 -10.29
C TYR E 62 5.93 30.28 -10.33
N THR E 63 6.75 30.23 -11.38
CA THR E 63 7.88 31.13 -11.52
C THR E 63 7.41 32.48 -12.08
N ASP E 64 8.36 33.40 -12.23
CA ASP E 64 8.03 34.73 -12.74
C ASP E 64 7.52 34.66 -14.17
N TYR E 65 8.15 33.85 -15.02
CA TYR E 65 7.71 33.75 -16.40
C TYR E 65 6.32 33.15 -16.50
N GLU E 66 6.04 32.08 -15.75
CA GLU E 66 4.72 31.46 -15.80
C GLU E 66 3.64 32.42 -15.33
N LYS E 67 3.91 33.17 -14.26
CA LYS E 67 2.94 34.12 -13.74
C LYS E 67 2.71 35.26 -14.72
N ALA E 68 3.79 35.83 -15.25
CA ALA E 68 3.67 36.97 -16.15
C ALA E 68 2.97 36.59 -17.44
N SER E 69 3.32 35.44 -18.01
CA SER E 69 2.76 35.02 -19.29
C SER E 69 1.42 34.30 -19.14
N GLY E 70 0.94 34.08 -17.93
CA GLY E 70 -0.32 33.40 -17.72
C GLY E 70 -0.33 31.97 -18.22
N SER E 71 0.76 31.24 -17.97
CA SER E 71 0.88 29.85 -18.39
C SER E 71 0.52 28.87 -17.28
N PHE E 72 -0.02 29.35 -16.17
CA PHE E 72 -0.40 28.48 -15.07
C PHE E 72 -1.85 28.00 -15.28
N ASP E 73 -2.44 27.44 -14.22
CA ASP E 73 -3.84 27.04 -14.27
C ASP E 73 -4.72 28.22 -14.64
N LYS E 74 -5.62 28.02 -15.61
CA LYS E 74 -6.42 29.12 -16.12
C LYS E 74 -7.51 29.56 -15.16
N ALA E 75 -7.72 28.85 -14.06
CA ALA E 75 -8.70 29.25 -13.06
C ALA E 75 -8.15 30.25 -12.05
N ILE E 76 -6.85 30.52 -12.07
CA ILE E 76 -6.26 31.49 -11.16
C ILE E 76 -6.65 32.90 -11.60
N LYS E 77 -7.00 33.73 -10.63
CA LYS E 77 -7.46 35.09 -10.92
C LYS E 77 -6.36 35.89 -11.61
N THR E 78 -6.79 36.80 -12.49
CA THR E 78 -5.84 37.57 -13.29
C THR E 78 -5.04 38.55 -12.46
N GLU E 79 -5.51 38.87 -11.24
CA GLU E 79 -4.75 39.77 -10.39
C GLU E 79 -3.59 39.08 -9.69
N ALA E 80 -3.36 37.79 -9.96
CA ALA E 80 -2.18 37.07 -9.49
C ALA E 80 -1.15 36.87 -10.59
N ARG E 81 -1.31 37.53 -11.73
CA ARG E 81 -0.38 37.36 -12.84
C ARG E 81 0.92 38.11 -12.62
N ASP E 82 0.89 39.24 -11.94
CA ASP E 82 2.14 39.95 -11.69
C ASP E 82 2.97 39.18 -10.67
N PRO E 83 4.29 39.14 -10.84
CA PRO E 83 5.13 38.32 -9.94
C PRO E 83 5.08 38.75 -8.48
N LEU E 84 4.72 40.00 -8.19
CA LEU E 84 4.74 40.49 -6.82
C LEU E 84 3.53 40.08 -6.01
N VAL E 85 2.51 39.50 -6.64
CA VAL E 85 1.30 39.05 -5.95
C VAL E 85 1.27 37.53 -5.98
N ALA E 86 1.06 36.92 -4.82
CA ALA E 86 1.12 35.48 -4.68
C ALA E 86 -0.22 34.84 -5.04
N ALA E 87 -0.16 33.68 -5.68
CA ALA E 87 -1.34 32.85 -5.93
C ALA E 87 -1.52 31.94 -4.73
N TYR E 88 -2.54 32.23 -3.93
CA TYR E 88 -2.63 31.63 -2.61
C TYR E 88 -4.08 31.58 -2.13
N PRO E 89 -4.61 30.40 -1.81
CA PRO E 89 -5.99 30.29 -1.36
C PRO E 89 -6.15 30.48 0.14
N ILE E 90 -7.35 30.96 0.51
CA ILE E 90 -7.65 31.30 1.90
C ILE E 90 -8.87 30.49 2.36
N VAL E 91 -8.95 29.23 1.91
CA VAL E 91 -10.10 28.39 2.21
C VAL E 91 -10.39 28.37 3.70
N GLY E 92 -11.68 28.47 4.03
CA GLY E 92 -12.13 28.40 5.41
C GLY E 92 -13.43 27.63 5.51
N VAL E 93 -13.86 27.40 6.74
CA VAL E 93 -15.03 26.56 7.02
C VAL E 93 -16.00 27.34 7.90
N GLY E 94 -17.28 27.24 7.59
CA GLY E 94 -18.31 27.83 8.42
C GLY E 94 -19.45 26.85 8.65
N MET E 95 -20.03 26.90 9.84
CA MET E 95 -21.06 25.96 10.25
C MET E 95 -22.44 26.63 10.18
N GLU E 96 -23.44 25.82 9.83
CA GLU E 96 -24.81 26.31 9.70
C GLU E 96 -25.78 25.70 10.70
N LYS E 97 -25.59 24.44 11.10
CA LYS E 97 -26.51 23.81 12.04
C LYS E 97 -25.81 22.66 12.73
N LEU E 98 -26.33 22.30 13.90
CA LEU E 98 -25.84 21.14 14.66
C LEU E 98 -27.01 20.31 15.15
N ILE E 99 -26.88 19.00 15.06
CA ILE E 99 -27.95 18.05 15.37
C ILE E 99 -27.46 17.11 16.46
N ILE E 100 -28.32 16.85 17.45
CA ILE E 100 -27.99 16.00 18.58
C ILE E 100 -28.90 14.80 18.56
N SER E 101 -28.32 13.61 18.73
CA SER E 101 -29.07 12.36 18.79
C SER E 101 -28.84 11.71 20.15
N THR E 102 -29.83 11.81 21.02
CA THR E 102 -29.70 11.29 22.38
C THR E 102 -29.71 9.76 22.35
N ASN E 103 -28.79 9.15 23.09
CA ASN E 103 -28.51 7.72 22.99
C ASN E 103 -28.97 7.02 24.27
N GLU E 104 -30.20 6.52 24.26
CA GLU E 104 -30.74 5.74 25.36
C GLU E 104 -31.61 4.62 24.82
N HIS E 105 -31.80 3.60 25.66
CA HIS E 105 -32.66 2.47 25.34
C HIS E 105 -33.97 2.60 26.10
N ALA E 106 -35.08 2.50 25.37
CA ALA E 106 -36.42 2.59 25.95
C ALA E 106 -37.15 1.29 25.70
N SER E 107 -37.51 0.59 26.78
CA SER E 107 -38.16 -0.71 26.69
C SER E 107 -39.50 -0.67 27.40
N THR E 108 -40.51 -1.29 26.79
CA THR E 108 -41.84 -1.43 27.38
C THR E 108 -42.23 -2.90 27.35
N ASP E 109 -42.66 -3.42 28.49
CA ASP E 109 -43.02 -4.82 28.63
C ASP E 109 -44.38 -4.94 29.31
N GLN E 110 -45.08 -6.03 28.99
CA GLN E 110 -46.38 -6.30 29.60
C GLN E 110 -46.60 -7.81 29.62
N GLY E 111 -47.34 -8.27 30.63
CA GLY E 111 -47.60 -9.69 30.80
C GLY E 111 -49.06 -9.93 31.12
N LYS E 112 -49.39 -11.22 31.29
CA LYS E 112 -50.76 -11.63 31.62
C LYS E 112 -50.67 -12.96 32.36
N THR E 113 -50.79 -12.92 33.68
CA THR E 113 -50.67 -14.10 34.52
C THR E 113 -52.04 -14.69 34.81
N VAL E 114 -52.09 -16.01 34.95
CA VAL E 114 -53.33 -16.71 35.24
C VAL E 114 -53.20 -17.51 36.53
N SER E 161 -57.14 -17.25 40.81
CA SER E 161 -55.89 -16.63 40.38
C SER E 161 -56.05 -15.95 39.03
N ASN E 162 -55.75 -14.65 39.00
CA ASN E 162 -55.84 -13.86 37.77
C ASN E 162 -55.12 -12.55 38.01
N GLY E 163 -54.36 -12.10 37.01
CA GLY E 163 -53.62 -10.86 37.16
C GLY E 163 -53.02 -10.42 35.84
N GLU E 164 -52.39 -9.25 35.88
CA GLU E 164 -51.68 -8.68 34.74
C GLU E 164 -50.44 -7.97 35.26
N SER E 165 -49.72 -7.31 34.34
CA SER E 165 -48.48 -6.64 34.73
C SER E 165 -48.14 -5.59 33.68
N TRP E 166 -47.22 -4.70 34.06
CA TRP E 166 -46.71 -3.67 33.17
C TRP E 166 -45.30 -3.32 33.60
N ASN E 167 -44.55 -2.71 32.68
CA ASN E 167 -43.18 -2.31 32.96
C ASN E 167 -42.75 -1.26 31.96
N THR E 168 -41.81 -0.39 32.37
CA THR E 168 -41.27 0.65 31.51
C THR E 168 -39.91 1.06 32.04
N GLY E 169 -38.89 0.99 31.21
CA GLY E 169 -37.55 1.33 31.63
C GLY E 169 -36.87 2.23 30.62
N LEU E 170 -35.78 2.85 31.08
CA LEU E 170 -34.97 3.71 30.23
C LEU E 170 -33.54 3.73 30.76
N SER E 171 -32.60 3.21 29.98
CA SER E 171 -31.20 3.12 30.36
C SER E 171 -30.38 4.10 29.52
N ILE E 172 -29.49 4.84 30.19
CA ILE E 172 -28.66 5.84 29.54
C ILE E 172 -27.21 5.62 29.93
N ASN E 173 -26.30 5.78 28.98
CA ASN E 173 -24.88 5.62 29.23
C ASN E 173 -24.26 6.97 29.55
N LYS E 174 -23.54 7.04 30.67
CA LYS E 174 -22.94 8.29 31.10
C LYS E 174 -21.72 8.69 30.29
N GLY E 175 -21.12 7.76 29.56
CA GLY E 175 -19.92 8.04 28.80
C GLY E 175 -20.21 8.63 27.43
N GLU E 176 -21.09 7.98 26.67
CA GLU E 176 -21.51 8.45 25.35
C GLU E 176 -23.02 8.59 25.38
N SER E 177 -23.49 9.75 25.82
CA SER E 177 -24.92 9.99 26.01
C SER E 177 -25.59 10.62 24.80
N ALA E 178 -24.84 11.05 23.79
CA ALA E 178 -25.42 11.67 22.61
C ALA E 178 -24.38 11.69 21.50
N TYR E 179 -24.85 11.98 20.29
CA TYR E 179 -24.00 12.11 19.12
C TYR E 179 -24.32 13.43 18.43
N ILE E 180 -23.28 14.14 18.00
CA ILE E 180 -23.44 15.44 17.37
C ILE E 180 -23.14 15.33 15.88
N ASN E 181 -23.82 16.16 15.10
CA ASN E 181 -23.68 16.17 13.66
C ASN E 181 -23.69 17.62 13.20
N ALA E 182 -22.61 18.06 12.55
CA ALA E 182 -22.45 19.45 12.16
C ALA E 182 -22.60 19.61 10.65
N ASN E 183 -23.33 20.66 10.26
CA ASN E 183 -23.55 20.99 8.86
C ASN E 183 -22.61 22.13 8.50
N VAL E 184 -21.53 21.81 7.79
CA VAL E 184 -20.51 22.78 7.45
C VAL E 184 -20.61 23.11 5.96
N ARG E 185 -19.86 24.14 5.55
CA ARG E 185 -19.84 24.58 4.16
C ARG E 185 -18.60 25.41 3.94
N TYR E 186 -17.76 25.02 2.99
CA TYR E 186 -16.49 25.69 2.79
C TYR E 186 -16.65 26.91 1.91
N TYR E 187 -15.62 27.75 1.89
CA TYR E 187 -15.56 28.91 1.01
C TYR E 187 -14.11 29.25 0.73
N ASN E 188 -13.89 30.00 -0.34
CA ASN E 188 -12.55 30.40 -0.77
C ASN E 188 -12.56 31.88 -1.11
N THR E 189 -11.77 32.65 -0.36
CA THR E 189 -11.65 34.09 -0.59
C THR E 189 -10.28 34.47 -1.14
N GLY E 190 -9.52 33.51 -1.65
CA GLY E 190 -8.19 33.74 -2.14
C GLY E 190 -8.14 34.10 -3.61
N THR E 191 -7.00 33.80 -4.24
CA THR E 191 -6.80 34.12 -5.64
C THR E 191 -6.33 32.90 -6.44
N ALA E 192 -6.50 31.70 -5.91
CA ALA E 192 -6.15 30.48 -6.61
C ALA E 192 -7.05 29.36 -6.12
N PRO E 193 -7.34 28.37 -6.95
CA PRO E 193 -8.19 27.26 -6.53
C PRO E 193 -7.43 26.28 -5.63
N MET E 194 -8.19 25.44 -4.95
CA MET E 194 -7.63 24.39 -4.11
C MET E 194 -8.32 23.08 -4.45
N TYR E 195 -7.54 22.08 -4.86
CA TYR E 195 -8.05 20.77 -5.19
C TYR E 195 -7.88 19.84 -4.00
N LYS E 196 -8.89 18.99 -3.77
CA LYS E 196 -8.88 18.01 -2.68
C LYS E 196 -8.81 18.71 -1.32
N VAL E 197 -9.79 19.58 -1.09
CA VAL E 197 -9.85 20.34 0.17
C VAL E 197 -10.12 19.40 1.33
N THR E 198 -9.23 19.43 2.33
CA THR E 198 -9.33 18.56 3.51
C THR E 198 -9.11 19.39 4.76
N PRO E 199 -10.10 20.15 5.19
CA PRO E 199 -9.93 21.01 6.36
C PRO E 199 -9.96 20.24 7.67
N THR E 200 -9.46 20.90 8.71
CA THR E 200 -9.48 20.37 10.08
C THR E 200 -10.18 21.39 10.97
N THR E 201 -11.14 20.94 11.77
CA THR E 201 -11.99 21.82 12.55
C THR E 201 -12.00 21.39 14.01
N ASN E 202 -12.30 22.36 14.88
CA ASN E 202 -12.46 22.11 16.31
C ASN E 202 -13.90 22.39 16.72
N LEU E 203 -14.39 21.63 17.70
CA LEU E 203 -15.70 21.85 18.30
C LEU E 203 -15.51 22.22 19.76
N VAL E 204 -15.99 23.39 20.15
CA VAL E 204 -15.84 23.91 21.50
C VAL E 204 -17.22 24.21 22.07
N LEU E 205 -17.49 23.72 23.27
CA LEU E 205 -18.80 23.90 23.90
C LEU E 205 -18.84 25.13 24.79
N ASP E 206 -18.03 25.16 25.85
CA ASP E 206 -17.91 26.33 26.71
C ASP E 206 -16.49 26.89 26.68
N GLY E 207 -15.50 26.10 27.05
CA GLY E 207 -14.11 26.44 26.88
C GLY E 207 -13.35 25.17 26.56
N ASP E 208 -14.11 24.12 26.27
CA ASP E 208 -13.60 22.75 26.16
C ASP E 208 -13.67 22.33 24.70
N THR E 209 -12.53 21.95 24.12
CA THR E 209 -12.50 21.46 22.76
C THR E 209 -12.96 20.00 22.76
N LEU E 210 -14.17 19.77 22.23
CA LEU E 210 -14.74 18.43 22.26
C LEU E 210 -13.92 17.45 21.43
N SER E 211 -13.53 17.86 20.22
CA SER E 211 -12.78 16.99 19.33
C SER E 211 -12.29 17.79 18.13
N THR E 212 -11.17 17.35 17.56
CA THR E 212 -10.66 17.87 16.30
C THR E 212 -10.74 16.76 15.26
N ILE E 213 -11.41 17.05 14.15
CA ILE E 213 -11.69 16.04 13.13
C ILE E 213 -11.12 16.53 11.80
N LYS E 214 -10.33 15.69 11.16
CA LYS E 214 -9.88 15.93 9.80
C LYS E 214 -10.90 15.38 8.81
N ALA E 215 -11.00 16.03 7.66
CA ALA E 215 -12.00 15.65 6.69
C ALA E 215 -11.70 14.28 6.11
N GLN E 216 -12.73 13.44 6.05
CA GLN E 216 -12.60 12.09 5.50
C GLN E 216 -12.87 12.11 4.01
N GLU E 217 -13.01 10.93 3.40
CA GLU E 217 -13.35 10.87 1.98
C GLU E 217 -14.77 11.34 1.70
N ASN E 218 -15.64 11.33 2.70
CA ASN E 218 -17.01 11.79 2.51
C ASN E 218 -17.10 13.31 2.45
N GLN E 219 -16.17 14.01 3.10
CA GLN E 219 -16.22 15.46 3.23
C GLN E 219 -15.01 16.13 2.60
N ILE E 220 -14.59 15.65 1.44
CA ILE E 220 -13.51 16.25 0.67
C ILE E 220 -14.11 16.90 -0.56
N GLY E 221 -13.75 18.16 -0.81
CA GLY E 221 -14.20 18.88 -1.99
C GLY E 221 -13.13 18.84 -3.06
N ASN E 222 -13.49 18.29 -4.22
CA ASN E 222 -12.51 18.13 -5.29
C ASN E 222 -12.12 19.46 -5.91
N ASN E 223 -13.05 20.41 -6.00
CA ASN E 223 -12.80 21.69 -6.64
C ASN E 223 -13.31 22.82 -5.75
N LEU E 224 -12.53 23.89 -5.66
CA LEU E 224 -12.94 25.09 -4.94
C LEU E 224 -12.28 26.29 -5.62
N SER E 225 -13.00 26.90 -6.55
CA SER E 225 -12.52 28.07 -7.25
C SER E 225 -12.65 29.31 -6.38
N PRO E 226 -11.85 30.35 -6.62
CA PRO E 226 -11.97 31.58 -5.84
C PRO E 226 -13.36 32.18 -5.99
N GLY E 227 -13.92 32.64 -4.87
CA GLY E 227 -15.25 33.19 -4.84
C GLY E 227 -16.36 32.17 -4.84
N ASP E 228 -16.06 30.89 -4.99
CA ASP E 228 -17.05 29.84 -4.99
C ASP E 228 -17.20 29.27 -3.58
N THR E 229 -17.94 28.16 -3.46
CA THR E 229 -18.12 27.48 -2.20
C THR E 229 -18.40 26.02 -2.48
N TYR E 230 -18.16 25.17 -1.47
CA TYR E 230 -18.46 23.75 -1.57
C TYR E 230 -19.30 23.35 -0.37
N PRO E 231 -20.53 22.84 -0.56
CA PRO E 231 -21.24 22.66 -1.84
C PRO E 231 -21.59 24.00 -2.47
N LYS E 232 -21.77 24.05 -3.79
CA LYS E 232 -22.00 25.32 -4.46
C LYS E 232 -23.32 25.93 -4.01
N LYS E 233 -23.45 27.23 -4.27
CA LYS E 233 -24.65 27.97 -3.87
C LYS E 233 -25.88 27.36 -4.52
N GLY E 234 -26.92 27.17 -3.70
CA GLY E 234 -28.13 26.50 -4.13
C GLY E 234 -28.26 25.07 -3.64
N LEU E 235 -27.17 24.46 -3.20
CA LEU E 235 -27.20 23.12 -2.64
C LEU E 235 -27.36 23.20 -1.12
N SER E 236 -27.18 22.07 -0.43
CA SER E 236 -27.32 21.99 1.00
C SER E 236 -25.97 21.74 1.67
N PRO E 237 -25.79 22.15 2.92
CA PRO E 237 -24.50 21.95 3.58
C PRO E 237 -24.19 20.47 3.75
N LEU E 238 -22.90 20.16 3.76
CA LEU E 238 -22.44 18.79 3.95
C LEU E 238 -22.38 18.45 5.42
N ALA E 239 -22.68 17.20 5.75
CA ALA E 239 -22.76 16.75 7.14
C ALA E 239 -21.43 16.14 7.58
N LEU E 240 -20.85 16.70 8.63
CA LEU E 240 -19.64 16.17 9.24
C LEU E 240 -20.06 15.45 10.52
N ASN E 241 -20.18 14.13 10.44
CA ASN E 241 -20.70 13.37 11.58
C ASN E 241 -19.87 12.11 11.87
N THR E 242 -18.61 12.07 11.46
CA THR E 242 -17.73 10.95 11.75
C THR E 242 -16.38 11.49 12.22
N MET E 243 -15.71 10.70 13.06
CA MET E 243 -14.48 11.13 13.70
C MET E 243 -13.28 10.23 13.46
N ASP E 244 -13.48 8.99 13.02
CA ASP E 244 -12.36 8.11 12.74
C ASP E 244 -11.95 8.20 11.28
N GLN E 245 -10.84 7.54 10.95
CA GLN E 245 -10.24 7.70 9.63
C GLN E 245 -11.12 7.12 8.53
N PHE E 246 -11.82 6.03 8.80
CA PHE E 246 -12.60 5.32 7.79
C PHE E 246 -14.10 5.60 7.88
N SER E 247 -14.50 6.61 8.65
CA SER E 247 -15.90 7.05 8.72
C SER E 247 -16.82 5.93 9.20
N SER E 248 -16.45 5.30 10.31
CA SER E 248 -17.25 4.24 10.90
C SER E 248 -17.38 4.41 12.41
N ARG E 249 -17.42 5.66 12.87
CA ARG E 249 -17.50 5.94 14.31
C ARG E 249 -18.06 7.34 14.47
N LEU E 250 -19.14 7.47 15.22
CA LEU E 250 -19.79 8.76 15.40
C LEU E 250 -19.08 9.56 16.50
N ILE E 251 -19.43 10.85 16.57
CA ILE E 251 -18.79 11.77 17.51
C ILE E 251 -19.59 11.74 18.81
N PRO E 252 -19.02 11.27 19.92
CA PRO E 252 -19.74 11.23 21.18
C PRO E 252 -19.50 12.47 22.03
N ILE E 253 -20.44 12.74 22.93
CA ILE E 253 -20.30 13.80 23.92
C ILE E 253 -20.69 13.24 25.29
N ASN E 254 -20.25 13.95 26.32
CA ASN E 254 -20.47 13.54 27.70
C ASN E 254 -21.90 13.82 28.14
N TYR E 255 -22.27 13.23 29.28
CA TYR E 255 -23.56 13.54 29.88
C TYR E 255 -23.57 14.94 30.47
N ASP E 256 -22.47 15.34 31.12
CA ASP E 256 -22.36 16.70 31.64
C ASP E 256 -22.22 17.73 30.53
N GLN E 257 -21.84 17.30 29.32
CA GLN E 257 -21.82 18.22 28.19
C GLN E 257 -23.20 18.33 27.54
N LEU E 258 -23.88 17.20 27.35
CA LEU E 258 -25.24 17.22 26.81
C LEU E 258 -26.20 17.95 27.74
N LYS E 259 -25.95 17.90 29.04
CA LYS E 259 -26.84 18.59 29.98
C LYS E 259 -26.84 20.09 29.73
N LYS E 260 -25.66 20.70 29.55
CA LYS E 260 -25.65 22.12 29.23
C LYS E 260 -25.99 22.38 27.77
N LEU E 261 -25.77 21.40 26.88
CA LEU E 261 -26.19 21.57 25.50
C LEU E 261 -27.71 21.73 25.40
N ASP E 262 -28.45 20.98 26.20
CA ASP E 262 -29.90 21.10 26.22
C ASP E 262 -30.40 22.15 27.21
N ALA E 263 -29.50 22.85 27.89
CA ALA E 263 -29.86 23.86 28.87
C ALA E 263 -29.77 25.28 28.33
N GLY E 264 -29.63 25.44 27.02
CA GLY E 264 -29.54 26.75 26.41
C GLY E 264 -28.15 27.21 26.02
N LYS E 265 -27.19 26.30 25.95
CA LYS E 265 -25.83 26.63 25.55
C LYS E 265 -25.56 26.06 24.16
N GLN E 266 -24.78 26.79 23.37
CA GLN E 266 -24.51 26.44 21.99
C GLN E 266 -23.05 26.06 21.80
N ILE E 267 -22.78 25.41 20.68
CA ILE E 267 -21.44 24.96 20.33
C ILE E 267 -20.88 25.88 19.26
N LYS E 268 -19.56 25.91 19.16
CA LYS E 268 -18.87 26.75 18.18
C LYS E 268 -17.88 25.91 17.39
N LEU E 269 -17.64 26.31 16.15
CA LEU E 269 -16.73 25.61 15.25
C LEU E 269 -15.60 26.54 14.85
N GLU E 270 -14.37 26.05 14.97
CA GLU E 270 -13.18 26.81 14.61
C GLU E 270 -12.33 25.96 13.68
N THR E 271 -11.94 26.52 12.54
CA THR E 271 -11.08 25.81 11.61
C THR E 271 -9.61 26.13 11.90
N THR E 272 -8.81 25.09 12.10
CA THR E 272 -7.41 25.25 12.47
C THR E 272 -6.47 25.24 11.28
N GLN E 273 -6.72 24.40 10.28
CA GLN E 273 -5.86 24.33 9.11
C GLN E 273 -6.63 23.68 7.97
N VAL E 274 -6.14 23.90 6.75
CA VAL E 274 -6.73 23.33 5.54
C VAL E 274 -5.59 22.86 4.65
N SER E 275 -5.73 21.65 4.11
CA SER E 275 -4.73 21.07 3.22
C SER E 275 -5.35 20.78 1.87
N GLY E 276 -4.64 21.14 0.79
CA GLY E 276 -5.14 20.94 -0.55
C GLY E 276 -4.03 20.74 -1.54
N ASN E 277 -4.32 20.89 -2.83
CA ASN E 277 -3.35 20.67 -3.89
C ASN E 277 -3.39 21.81 -4.89
N PHE E 278 -2.45 21.79 -5.83
CA PHE E 278 -2.41 22.74 -6.94
C PHE E 278 -1.97 22.02 -8.20
N GLY E 279 -2.34 22.58 -9.35
CA GLY E 279 -2.17 21.92 -10.62
C GLY E 279 -0.95 22.43 -11.38
N THR E 280 -0.17 21.49 -11.90
CA THR E 280 0.98 21.78 -12.75
C THR E 280 0.97 20.85 -13.94
N LYS E 281 1.70 21.25 -14.99
CA LYS E 281 1.81 20.46 -16.20
C LYS E 281 3.01 19.52 -16.13
N ASN E 282 2.79 18.26 -16.52
CA ASN E 282 3.85 17.26 -16.51
C ASN E 282 4.57 17.26 -17.86
N SER E 283 5.41 16.25 -18.09
CA SER E 283 6.25 16.22 -19.28
C SER E 283 5.47 16.01 -20.57
N SER E 284 4.21 15.57 -20.47
CA SER E 284 3.42 15.32 -21.66
C SER E 284 2.55 16.51 -22.05
N GLY E 285 1.86 17.10 -21.06
CA GLY E 285 0.97 18.21 -21.34
C GLY E 285 -0.30 18.15 -20.53
N GLN E 286 -0.45 17.10 -19.73
CA GLN E 286 -1.61 16.95 -18.86
C GLN E 286 -1.43 17.80 -17.60
N ILE E 287 -2.42 17.76 -16.72
CA ILE E 287 -2.39 18.47 -15.44
C ILE E 287 -2.35 17.43 -14.33
N VAL E 288 -1.36 17.55 -13.45
CA VAL E 288 -1.19 16.64 -12.32
C VAL E 288 -1.36 17.43 -11.04
N THR E 289 -2.28 16.98 -10.18
CA THR E 289 -2.55 17.64 -8.91
C THR E 289 -2.29 16.73 -7.72
N GLU E 290 -1.61 15.61 -7.90
CA GLU E 290 -1.31 14.68 -6.82
C GLU E 290 0.15 14.81 -6.44
N GLY E 291 0.42 14.96 -5.15
CA GLY E 291 1.77 15.20 -4.68
C GLY E 291 2.21 16.63 -4.70
N ASN E 292 1.30 17.56 -4.99
CA ASN E 292 1.58 19.00 -4.99
C ASN E 292 0.80 19.62 -3.84
N SER E 293 1.48 19.85 -2.72
CA SER E 293 0.80 20.30 -1.51
C SER E 293 1.03 21.80 -1.30
N TRP E 294 -0.02 22.47 -0.81
CA TRP E 294 0.09 23.89 -0.49
C TRP E 294 0.82 24.12 0.83
N SER E 295 0.84 23.11 1.70
CA SER E 295 1.51 23.23 2.98
C SER E 295 3.01 23.45 2.85
N ASP E 296 3.58 23.08 1.70
CA ASP E 296 5.00 23.34 1.49
C ASP E 296 5.28 24.81 1.24
N TYR E 297 4.30 25.55 0.72
CA TYR E 297 4.49 26.94 0.35
C TYR E 297 3.77 27.91 1.28
N ILE E 298 2.96 27.41 2.21
CA ILE E 298 2.23 28.30 3.11
C ILE E 298 3.20 29.10 3.96
N SER E 299 4.14 28.41 4.61
CA SER E 299 5.07 29.09 5.52
C SER E 299 6.06 29.97 4.78
N GLN E 300 6.51 29.53 3.60
CA GLN E 300 7.44 30.34 2.82
C GLN E 300 6.79 31.61 2.29
N ILE E 301 5.50 31.55 1.99
CA ILE E 301 4.78 32.71 1.48
C ILE E 301 4.39 33.66 2.59
N ASP E 302 3.93 33.15 3.73
CA ASP E 302 3.53 34.02 4.83
C ASP E 302 4.68 34.79 5.45
N SER E 303 5.92 34.33 5.24
CA SER E 303 7.07 34.91 5.91
C SER E 303 7.73 36.04 5.14
N ILE E 304 7.35 36.28 3.88
CA ILE E 304 7.98 37.31 3.08
C ILE E 304 6.93 38.23 2.48
N SER E 305 5.72 38.21 3.02
CA SER E 305 4.60 38.94 2.44
C SER E 305 3.82 39.66 3.52
N ALA E 306 3.06 40.65 3.10
CA ALA E 306 2.12 41.37 3.95
C ALA E 306 0.70 41.05 3.51
N SER E 307 -0.20 40.88 4.48
CA SER E 307 -1.57 40.46 4.20
C SER E 307 -2.48 41.68 4.14
N ILE E 308 -3.28 41.76 3.08
CA ILE E 308 -4.23 42.86 2.88
C ILE E 308 -5.61 42.23 2.67
N ILE E 309 -6.60 42.71 3.41
CA ILE E 309 -7.96 42.19 3.36
C ILE E 309 -8.88 43.36 3.01
N LEU E 310 -9.53 43.27 1.85
CA LEU E 310 -10.54 44.25 1.45
C LEU E 310 -11.91 43.64 1.71
N ASP E 311 -12.72 44.32 2.52
CA ASP E 311 -14.00 43.80 2.98
C ASP E 311 -15.12 44.68 2.42
N THR E 312 -15.58 44.35 1.22
CA THR E 312 -16.73 45.02 0.65
C THR E 312 -18.01 44.37 1.16
N GLU E 313 -19.15 44.84 0.67
CA GLU E 313 -20.42 44.27 1.08
C GLU E 313 -20.63 42.91 0.42
N ASN E 314 -21.20 41.98 1.20
CA ASN E 314 -21.51 40.61 0.79
C ASN E 314 -20.39 39.93 -0.01
N GLU E 315 -19.13 40.27 0.30
CA GLU E 315 -17.99 39.66 -0.36
C GLU E 315 -16.73 40.09 0.39
N SER E 316 -15.73 39.21 0.40
CA SER E 316 -14.48 39.48 1.08
C SER E 316 -13.31 38.99 0.22
N TYR E 317 -12.19 39.69 0.32
CA TYR E 317 -10.99 39.36 -0.43
C TYR E 317 -9.79 39.40 0.52
N GLU E 318 -8.86 38.46 0.33
CA GLU E 318 -7.63 38.42 1.11
C GLU E 318 -6.47 38.15 0.16
N ARG E 319 -5.41 38.96 0.28
CA ARG E 319 -4.28 38.88 -0.64
C ARG E 319 -2.98 38.96 0.14
N ARG E 320 -1.90 38.48 -0.48
CA ARG E 320 -0.55 38.59 0.04
C ARG E 320 0.32 39.26 -1.01
N VAL E 321 1.05 40.29 -0.60
CA VAL E 321 1.92 41.07 -1.49
C VAL E 321 3.34 40.98 -0.97
N THR E 322 4.28 40.68 -1.86
CA THR E 322 5.68 40.49 -1.47
C THR E 322 6.28 41.80 -1.00
N ALA E 323 6.93 41.76 0.16
CA ALA E 323 7.60 42.91 0.72
C ALA E 323 9.10 42.83 0.45
N LYS E 324 9.84 43.78 1.00
CA LYS E 324 11.29 43.84 0.83
C LYS E 324 11.96 44.07 2.18
N ASN E 325 13.07 43.38 2.40
CA ASN E 325 13.86 43.54 3.62
C ASN E 325 15.02 44.50 3.33
N LEU E 326 15.06 45.60 4.08
CA LEU E 326 16.13 46.57 3.91
C LEU E 326 17.41 46.16 4.64
N GLN E 327 17.33 45.22 5.58
CA GLN E 327 18.52 44.76 6.27
C GLN E 327 19.43 43.95 5.35
N ASP E 328 18.84 43.09 4.52
CA ASP E 328 19.60 42.25 3.62
C ASP E 328 19.94 43.01 2.35
N PRO E 329 21.22 43.25 2.04
CA PRO E 329 21.56 43.97 0.81
C PRO E 329 21.38 43.13 -0.45
N GLU E 330 21.19 41.82 -0.32
CA GLU E 330 20.99 40.95 -1.47
C GLU E 330 19.52 40.64 -1.73
N ASP E 331 18.61 41.33 -1.06
CA ASP E 331 17.18 41.18 -1.31
C ASP E 331 16.81 42.19 -2.39
N LYS E 332 16.60 41.70 -3.61
CA LYS E 332 16.38 42.55 -4.77
C LYS E 332 14.92 42.67 -5.16
N THR E 333 14.00 42.27 -4.30
CA THR E 333 12.59 42.41 -4.60
C THR E 333 12.22 43.90 -4.71
N PRO E 334 11.36 44.27 -5.66
CA PRO E 334 11.05 45.69 -5.85
C PRO E 334 10.36 46.29 -4.63
N GLU E 335 10.62 47.57 -4.42
CA GLU E 335 10.02 48.29 -3.31
C GLU E 335 8.66 48.86 -3.70
N LEU E 336 7.68 48.67 -2.83
CA LEU E 336 6.32 49.10 -3.07
C LEU E 336 5.80 49.90 -1.87
N THR E 337 4.92 50.85 -2.16
CA THR E 337 4.16 51.55 -1.13
C THR E 337 2.79 50.90 -0.97
N ILE E 338 2.07 51.34 0.06
CA ILE E 338 0.76 50.74 0.35
C ILE E 338 -0.22 51.01 -0.79
N GLY E 339 -0.12 52.17 -1.42
CA GLY E 339 -1.00 52.46 -2.55
C GLY E 339 -0.79 51.50 -3.71
N GLU E 340 0.48 51.28 -4.07
CA GLU E 340 0.77 50.34 -5.15
C GLU E 340 0.41 48.91 -4.76
N ALA E 341 0.61 48.56 -3.50
CA ALA E 341 0.22 47.22 -3.04
C ALA E 341 -1.28 47.01 -3.16
N ILE E 342 -2.08 48.01 -2.78
CA ILE E 342 -3.53 47.90 -2.88
C ILE E 342 -3.95 47.88 -4.34
N GLU E 343 -3.28 48.66 -5.20
CA GLU E 343 -3.62 48.66 -6.61
C GLU E 343 -3.32 47.30 -7.25
N LYS E 344 -2.17 46.70 -6.90
CA LYS E 344 -1.78 45.44 -7.52
C LYS E 344 -2.60 44.27 -6.99
N ALA E 345 -2.83 44.22 -5.68
CA ALA E 345 -3.46 43.06 -5.08
C ALA E 345 -4.90 42.87 -5.56
N PHE E 346 -5.67 43.96 -5.64
CA PHE E 346 -7.08 43.88 -5.94
C PHE E 346 -7.42 44.31 -7.37
N GLY E 347 -6.42 44.61 -8.19
CA GLY E 347 -6.68 44.97 -9.57
C GLY E 347 -7.48 46.24 -9.74
N ALA E 348 -7.18 47.27 -8.95
CA ALA E 348 -7.86 48.54 -9.05
C ALA E 348 -7.18 49.42 -10.09
N THR E 349 -7.97 50.26 -10.75
CA THR E 349 -7.47 51.16 -11.78
C THR E 349 -7.72 52.60 -11.34
N LYS E 350 -6.69 53.43 -11.47
CA LYS E 350 -6.81 54.85 -11.13
C LYS E 350 -7.70 55.56 -12.13
N LYS E 351 -8.53 56.48 -11.62
CA LYS E 351 -9.37 57.32 -12.47
C LYS E 351 -8.76 58.71 -12.64
N ASP E 352 -8.57 59.43 -11.53
CA ASP E 352 -7.90 60.72 -11.51
C ASP E 352 -6.80 60.71 -10.47
N GLY E 353 -6.05 59.61 -10.39
CA GLY E 353 -5.10 59.40 -9.34
C GLY E 353 -5.65 58.72 -8.11
N LEU E 354 -6.94 58.41 -8.09
CA LEU E 354 -7.58 57.72 -6.98
C LEU E 354 -8.01 56.33 -7.42
N LEU E 355 -7.74 55.34 -6.59
CA LEU E 355 -8.02 53.95 -6.93
C LEU E 355 -9.50 53.64 -6.78
N TYR E 356 -10.04 52.92 -7.76
CA TYR E 356 -11.41 52.42 -7.74
C TYR E 356 -11.37 50.91 -7.96
N PHE E 357 -12.10 50.17 -7.12
CA PHE E 357 -12.04 48.71 -7.21
C PHE E 357 -12.79 48.23 -8.45
N ASN E 358 -14.10 48.44 -8.49
CA ASN E 358 -14.87 48.30 -9.72
C ASN E 358 -15.55 49.61 -10.09
N ASP E 359 -16.38 50.15 -9.19
CA ASP E 359 -16.91 51.50 -9.30
C ASP E 359 -16.88 52.25 -7.99
N ILE E 360 -16.68 51.59 -6.86
CA ILE E 360 -16.68 52.21 -5.54
C ILE E 360 -15.29 52.72 -5.22
N PRO E 361 -15.15 53.78 -4.43
CA PRO E 361 -13.81 54.28 -4.10
C PRO E 361 -13.18 53.50 -2.95
N ILE E 362 -11.88 53.29 -3.04
CA ILE E 362 -11.10 52.63 -2.00
C ILE E 362 -9.96 53.52 -1.51
N ASP E 363 -10.00 54.81 -1.84
CA ASP E 363 -8.96 55.73 -1.38
C ASP E 363 -9.00 55.87 0.14
N GLU E 364 -7.83 56.18 0.72
CA GLU E 364 -7.69 56.16 2.18
C GLU E 364 -8.64 57.10 2.88
N SER E 365 -9.12 58.15 2.19
CA SER E 365 -10.08 59.07 2.77
C SER E 365 -11.52 58.62 2.57
N CYS E 366 -11.75 57.54 1.83
CA CYS E 366 -13.09 57.04 1.58
C CYS E 366 -13.34 55.64 2.14
N VAL E 367 -12.37 55.04 2.80
CA VAL E 367 -12.55 53.73 3.43
C VAL E 367 -11.92 53.76 4.82
N GLU E 368 -12.33 52.81 5.65
CA GLU E 368 -11.83 52.70 7.01
C GLU E 368 -10.67 51.69 7.04
N LEU E 369 -9.49 52.16 7.45
CA LEU E 369 -8.31 51.32 7.54
C LEU E 369 -8.15 50.85 8.98
N ILE E 370 -8.05 49.53 9.16
CA ILE E 370 -7.89 48.92 10.47
C ILE E 370 -6.60 48.11 10.49
N PHE E 371 -5.73 48.42 11.44
CA PHE E 371 -4.47 47.71 11.63
C PHE E 371 -4.47 47.06 13.01
N ASP E 372 -3.41 46.29 13.29
CA ASP E 372 -3.15 45.82 14.64
C ASP E 372 -2.13 46.74 15.30
N ASP E 373 -1.73 46.39 16.52
CA ASP E 373 -0.81 47.23 17.27
C ASP E 373 0.53 47.35 16.57
N ASN E 374 1.05 46.23 16.06
CA ASN E 374 2.37 46.23 15.43
C ASN E 374 2.39 47.11 14.18
N THR E 375 1.40 46.93 13.30
CA THR E 375 1.35 47.72 12.08
C THR E 375 1.09 49.19 12.39
N ALA E 376 0.24 49.48 13.38
CA ALA E 376 -0.02 50.86 13.75
C ALA E 376 1.25 51.54 14.26
N ASN E 377 2.02 50.85 15.10
CA ASN E 377 3.27 51.43 15.58
C ASN E 377 4.29 51.57 14.46
N LYS E 378 4.33 50.61 13.54
CA LYS E 378 5.28 50.68 12.43
C LYS E 378 4.89 51.71 11.39
N ILE E 379 3.63 52.15 11.38
CA ILE E 379 3.17 53.12 10.40
C ILE E 379 3.02 54.52 10.97
N LYS E 380 2.93 54.67 12.29
CA LYS E 380 2.81 56.00 12.87
C LYS E 380 4.12 56.76 12.82
N ASP E 381 5.25 56.07 12.99
CA ASP E 381 6.55 56.75 12.98
C ASP E 381 6.98 57.14 11.57
N SER E 382 6.66 56.33 10.56
CA SER E 382 7.06 56.65 9.20
C SER E 382 6.23 57.77 8.58
N LEU E 383 5.11 58.15 9.21
CA LEU E 383 4.29 59.23 8.67
C LEU E 383 4.92 60.59 8.90
N LYS E 384 5.55 60.79 10.07
CA LYS E 384 6.11 62.10 10.38
C LYS E 384 7.30 62.43 9.48
N THR E 385 8.05 61.43 9.02
CA THR E 385 9.18 61.66 8.13
C THR E 385 8.74 61.50 6.67
N LEU E 386 7.76 62.31 6.29
CA LEU E 386 7.19 62.25 4.95
C LEU E 386 6.71 63.63 4.56
N SER E 387 6.53 63.84 3.25
CA SER E 387 6.12 65.14 2.73
C SER E 387 4.60 65.24 2.62
N ASP E 388 3.97 64.30 1.91
CA ASP E 388 2.52 64.33 1.73
C ASP E 388 1.78 63.81 2.95
N LYS E 389 2.45 63.10 3.85
CA LYS E 389 1.83 62.57 5.07
C LYS E 389 0.60 61.73 4.76
N LYS E 390 0.71 60.89 3.74
CA LYS E 390 -0.38 60.00 3.32
C LYS E 390 -0.08 58.57 3.76
N ILE E 391 -1.11 57.87 4.20
CA ILE E 391 -0.94 56.47 4.61
C ILE E 391 -0.55 55.62 3.41
N TYR E 392 -1.11 55.91 2.24
CA TYR E 392 -0.83 55.14 1.04
C TYR E 392 0.59 55.36 0.51
N ASN E 393 1.32 56.33 1.03
CA ASN E 393 2.68 56.61 0.59
C ASN E 393 3.75 55.97 1.46
N VAL E 394 3.35 55.17 2.45
CA VAL E 394 4.31 54.51 3.33
C VAL E 394 4.80 53.23 2.66
N LYS E 395 6.08 52.93 2.83
CA LYS E 395 6.65 51.74 2.22
C LYS E 395 6.10 50.48 2.88
N LEU E 396 5.77 49.48 2.05
CA LEU E 396 5.28 48.21 2.56
C LEU E 396 6.42 47.43 3.21
N GLU E 397 6.10 46.74 4.31
CA GLU E 397 7.07 45.93 5.02
C GLU E 397 6.41 44.61 5.43
N ARG E 398 7.26 43.62 5.69
CA ARG E 398 6.76 42.29 6.04
C ARG E 398 6.00 42.32 7.36
N GLY E 399 4.96 41.50 7.45
CA GLY E 399 4.20 41.35 8.66
C GLY E 399 3.05 42.32 8.86
N MET E 400 2.74 43.14 7.86
CA MET E 400 1.64 44.08 7.99
C MET E 400 0.30 43.37 7.88
N ASN E 401 -0.72 43.97 8.49
CA ASN E 401 -2.05 43.38 8.61
C ASN E 401 -3.13 44.39 8.26
N ILE E 402 -2.96 45.08 7.13
CA ILE E 402 -3.91 46.11 6.72
C ILE E 402 -5.25 45.48 6.36
N LEU E 403 -6.33 46.07 6.87
CA LEU E 403 -7.69 45.64 6.56
C LEU E 403 -8.49 46.86 6.10
N ILE E 404 -9.22 46.72 5.01
CA ILE E 404 -9.93 47.82 4.38
C ILE E 404 -11.43 47.54 4.46
N LYS E 405 -12.19 48.50 4.97
CA LYS E 405 -13.63 48.40 5.09
C LYS E 405 -14.28 49.52 4.27
N THR E 406 -15.14 49.14 3.34
CA THR E 406 -15.87 50.12 2.55
C THR E 406 -17.07 50.64 3.34
N PRO E 407 -17.49 51.88 3.11
CA PRO E 407 -18.63 52.43 3.85
C PRO E 407 -19.94 51.78 3.44
N THR E 408 -20.90 51.85 4.35
CA THR E 408 -22.23 51.29 4.11
C THR E 408 -22.95 52.05 3.01
N GLU F 8 42.91 29.70 -3.24
CA GLU F 8 42.85 30.23 -4.59
C GLU F 8 41.57 29.80 -5.29
N ASP F 9 41.62 28.67 -5.98
CA ASP F 9 40.45 28.12 -6.66
C ASP F 9 40.21 26.65 -6.31
N LEU F 10 40.99 26.08 -5.40
CA LEU F 10 40.79 24.70 -5.00
C LEU F 10 39.50 24.53 -4.22
N ASP F 11 38.83 23.40 -4.41
CA ASP F 11 37.62 23.06 -3.68
C ASP F 11 37.66 21.59 -3.32
N THR F 12 37.66 21.29 -2.02
CA THR F 12 37.80 19.92 -1.54
C THR F 12 36.47 19.31 -1.11
N ASP F 13 35.71 20.00 -0.25
CA ASP F 13 34.41 19.49 0.17
C ASP F 13 33.37 19.55 -0.94
N ASN F 14 33.70 20.19 -2.07
CA ASN F 14 32.85 20.23 -3.27
C ASN F 14 31.53 20.94 -3.04
N ASP F 15 31.52 21.97 -2.20
CA ASP F 15 30.48 22.98 -2.26
C ASP F 15 30.92 24.02 -3.30
N ASN F 16 30.26 25.17 -3.34
CA ASN F 16 30.60 26.20 -4.31
C ASN F 16 31.54 27.26 -3.73
N ILE F 17 32.10 27.01 -2.56
CA ILE F 17 33.00 27.96 -1.88
C ILE F 17 34.42 27.41 -1.98
N PRO F 18 35.40 28.21 -2.41
CA PRO F 18 36.76 27.69 -2.57
C PRO F 18 37.39 27.30 -1.23
N ASP F 19 38.55 26.67 -1.33
CA ASP F 19 39.22 26.13 -0.15
C ASP F 19 39.69 27.24 0.77
N SER F 20 40.40 28.23 0.24
CA SER F 20 41.03 29.26 1.06
C SER F 20 40.06 30.34 1.50
N TYR F 21 38.86 30.40 0.92
CA TYR F 21 37.88 31.39 1.36
C TYR F 21 37.31 31.04 2.72
N GLU F 22 36.97 29.76 2.93
CA GLU F 22 36.39 29.35 4.20
C GLU F 22 37.39 29.46 5.33
N ARG F 23 38.68 29.28 5.05
CA ARG F 23 39.69 29.37 6.09
C ARG F 23 39.80 30.79 6.64
N ASN F 24 39.79 31.80 5.77
CA ASN F 24 39.99 33.18 6.17
C ASN F 24 38.68 33.93 6.39
N GLY F 25 37.77 33.88 5.44
CA GLY F 25 36.50 34.56 5.54
C GLY F 25 35.96 34.87 4.16
N TYR F 26 34.64 34.85 4.04
CA TYR F 26 33.99 35.10 2.77
C TYR F 26 32.59 35.66 3.01
N THR F 27 32.03 36.27 1.98
CA THR F 27 30.65 36.73 1.99
C THR F 27 30.03 36.45 0.63
N ILE F 28 28.71 36.32 0.62
CA ILE F 28 27.97 35.96 -0.59
C ILE F 28 27.33 37.21 -1.17
N LYS F 29 27.61 37.48 -2.44
CA LYS F 29 26.98 38.58 -3.15
C LYS F 29 26.80 38.17 -4.61
N ASP F 30 25.61 38.47 -5.16
CA ASP F 30 25.23 38.05 -6.50
C ASP F 30 25.34 36.54 -6.66
N LEU F 31 24.96 35.81 -5.60
CA LEU F 31 24.94 34.35 -5.58
C LEU F 31 26.33 33.75 -5.80
N ILE F 32 27.40 34.51 -5.55
CA ILE F 32 28.76 34.05 -5.78
C ILE F 32 29.61 34.43 -4.56
N ALA F 33 30.37 33.48 -4.06
CA ALA F 33 31.23 33.71 -2.90
C ALA F 33 32.43 34.56 -3.28
N VAL F 34 32.72 35.58 -2.48
CA VAL F 34 33.85 36.46 -2.69
C VAL F 34 34.59 36.63 -1.38
N LYS F 35 35.83 37.12 -1.47
CA LYS F 35 36.64 37.35 -0.28
C LYS F 35 36.02 38.46 0.57
N TRP F 36 36.34 38.42 1.87
CA TRP F 36 35.78 39.38 2.82
C TRP F 36 36.73 40.55 3.02
N GLU F 37 36.20 41.76 2.88
CA GLU F 37 36.92 42.99 3.17
C GLU F 37 36.15 43.78 4.20
N ASP F 38 36.89 44.39 5.15
CA ASP F 38 36.24 45.08 6.26
C ASP F 38 35.37 46.25 5.81
N SER F 39 35.60 46.77 4.60
CA SER F 39 34.76 47.83 4.07
C SER F 39 33.37 47.34 3.70
N PHE F 40 33.15 46.03 3.63
CA PHE F 40 31.84 45.48 3.30
C PHE F 40 30.86 45.53 4.46
N ALA F 41 31.35 45.70 5.69
CA ALA F 41 30.48 45.61 6.86
C ALA F 41 29.45 46.73 6.88
N GLU F 42 29.84 47.94 6.50
CA GLU F 42 28.92 49.07 6.55
C GLU F 42 27.81 48.95 5.51
N GLN F 43 27.98 48.08 4.51
CA GLN F 43 26.92 47.83 3.54
C GLN F 43 25.86 46.87 4.06
N GLY F 44 26.09 46.24 5.22
CA GLY F 44 25.18 45.25 5.76
C GLY F 44 25.58 43.81 5.55
N TYR F 45 26.75 43.56 4.97
CA TYR F 45 27.21 42.20 4.73
C TYR F 45 27.76 41.60 6.01
N LYS F 46 27.92 40.27 6.00
CA LYS F 46 28.38 39.51 7.15
C LYS F 46 29.57 38.66 6.76
N LYS F 47 30.42 38.36 7.74
CA LYS F 47 31.60 37.53 7.54
C LYS F 47 31.30 36.10 7.94
N TYR F 48 31.62 35.16 7.06
CA TYR F 48 31.36 33.75 7.28
C TYR F 48 32.65 32.95 7.20
N VAL F 49 32.80 32.01 8.13
CA VAL F 49 33.89 31.05 8.12
C VAL F 49 33.29 29.66 8.28
N SER F 50 33.83 28.68 7.56
CA SER F 50 33.24 27.35 7.51
C SER F 50 34.35 26.32 7.63
N ASN F 51 33.98 25.06 7.42
CA ASN F 51 34.92 23.94 7.43
C ASN F 51 35.16 23.52 5.98
N TYR F 52 36.41 23.56 5.54
CA TYR F 52 36.75 23.30 4.15
C TYR F 52 36.94 21.82 3.86
N LEU F 53 36.76 20.95 4.85
CA LEU F 53 36.79 19.51 4.63
C LEU F 53 35.42 18.87 4.80
N GLU F 54 34.37 19.65 5.00
CA GLU F 54 33.03 19.14 5.19
C GLU F 54 32.05 19.99 4.39
N SER F 55 31.05 19.32 3.79
CA SER F 55 30.06 20.02 3.01
C SER F 55 28.90 20.55 3.85
N ASN F 56 28.76 20.05 5.08
CA ASN F 56 27.73 20.51 6.01
C ASN F 56 28.42 20.72 7.36
N THR F 57 28.86 21.95 7.60
CA THR F 57 29.63 22.25 8.81
C THR F 57 28.79 22.02 10.06
N ALA F 58 27.56 22.52 10.07
CA ALA F 58 26.71 22.40 11.25
C ALA F 58 26.12 21.00 11.38
N GLY F 59 25.93 20.29 10.28
CA GLY F 59 25.30 18.99 10.29
C GLY F 59 23.85 18.99 9.84
N ASP F 60 23.27 20.16 9.60
CA ASP F 60 21.91 20.24 9.12
C ASP F 60 21.86 19.84 7.64
N PRO F 61 20.67 19.55 7.10
CA PRO F 61 20.59 19.10 5.70
C PRO F 61 21.18 20.07 4.69
N TYR F 62 21.15 21.37 4.98
CA TYR F 62 21.59 22.38 4.01
C TYR F 62 23.10 22.57 4.09
N THR F 63 23.73 22.69 2.91
CA THR F 63 25.18 22.81 2.82
C THR F 63 25.62 24.22 3.18
N ASP F 64 26.94 24.44 3.16
CA ASP F 64 27.48 25.75 3.51
C ASP F 64 27.04 26.81 2.51
N TYR F 65 27.06 26.49 1.22
CA TYR F 65 26.68 27.48 0.20
C TYR F 65 25.21 27.85 0.33
N GLU F 66 24.33 26.86 0.52
CA GLU F 66 22.92 27.13 0.63
C GLU F 66 22.62 27.99 1.86
N LYS F 67 23.27 27.68 2.98
CA LYS F 67 23.05 28.48 4.19
C LYS F 67 23.58 29.90 4.02
N ALA F 68 24.79 30.04 3.47
CA ALA F 68 25.40 31.35 3.35
C ALA F 68 24.64 32.24 2.36
N SER F 69 24.21 31.68 1.23
CA SER F 69 23.54 32.47 0.21
C SER F 69 22.05 32.61 0.45
N GLY F 70 21.51 32.01 1.50
CA GLY F 70 20.08 32.09 1.75
C GLY F 70 19.25 31.45 0.65
N SER F 71 19.71 30.31 0.12
CA SER F 71 19.05 29.62 -0.97
C SER F 71 18.23 28.43 -0.49
N PHE F 72 17.59 28.56 0.67
CA PHE F 72 16.78 27.50 1.25
C PHE F 72 15.37 28.03 1.50
N ASP F 73 14.59 27.25 2.26
CA ASP F 73 13.27 27.66 2.70
C ASP F 73 13.31 29.06 3.31
N LYS F 74 12.52 29.97 2.76
CA LYS F 74 12.58 31.37 3.19
C LYS F 74 11.96 31.60 4.55
N ALA F 75 11.34 30.58 5.16
CA ALA F 75 10.80 30.71 6.50
C ALA F 75 11.84 30.50 7.59
N ILE F 76 13.04 30.06 7.23
CA ILE F 76 14.10 29.85 8.21
C ILE F 76 14.63 31.20 8.69
N LYS F 77 14.86 31.31 10.00
CA LYS F 77 15.34 32.56 10.57
C LYS F 77 16.68 32.95 9.99
N THR F 78 16.91 34.26 9.86
CA THR F 78 18.14 34.75 9.25
C THR F 78 19.36 34.49 10.13
N GLU F 79 19.16 34.19 11.42
CA GLU F 79 20.28 33.86 12.28
C GLU F 79 20.78 32.44 12.08
N ALA F 80 20.19 31.70 11.14
CA ALA F 80 20.67 30.37 10.77
C ALA F 80 21.32 30.37 9.39
N ARG F 81 21.81 31.53 8.93
CA ARG F 81 22.42 31.63 7.61
C ARG F 81 23.92 31.43 7.65
N ASP F 82 24.58 31.76 8.75
CA ASP F 82 26.01 31.47 8.82
C ASP F 82 26.23 29.96 8.95
N PRO F 83 27.26 29.43 8.29
CA PRO F 83 27.47 27.97 8.33
C PRO F 83 28.12 27.52 9.64
N LEU F 84 27.62 28.04 10.75
CA LEU F 84 28.04 27.60 12.07
C LEU F 84 26.88 27.46 13.05
N VAL F 85 25.67 27.84 12.65
CA VAL F 85 24.48 27.74 13.49
C VAL F 85 23.52 26.80 12.80
N ALA F 86 23.08 25.76 13.52
CA ALA F 86 22.23 24.76 12.92
C ALA F 86 20.82 25.28 12.69
N ALA F 87 20.23 24.91 11.56
CA ALA F 87 18.81 25.14 11.30
C ALA F 87 18.05 23.98 11.93
N TYR F 88 17.44 24.22 13.07
CA TYR F 88 16.98 23.12 13.91
C TYR F 88 15.77 23.54 14.72
N PRO F 89 14.63 22.89 14.56
CA PRO F 89 13.43 23.26 15.32
C PRO F 89 13.35 22.59 16.68
N ILE F 90 12.76 23.31 17.62
CA ILE F 90 12.55 22.84 18.98
C ILE F 90 11.04 22.87 19.24
N VAL F 91 10.39 21.73 19.09
CA VAL F 91 8.94 21.63 19.18
C VAL F 91 8.58 20.94 20.49
N GLY F 92 7.65 21.53 21.23
CA GLY F 92 7.17 20.94 22.47
C GLY F 92 5.66 21.04 22.56
N VAL F 93 5.10 20.30 23.50
CA VAL F 93 3.66 20.21 23.71
C VAL F 93 3.34 20.66 25.13
N GLY F 94 2.31 21.49 25.26
CA GLY F 94 1.86 21.93 26.56
C GLY F 94 0.36 21.76 26.73
N MET F 95 -0.05 21.17 27.84
CA MET F 95 -1.45 20.89 28.09
C MET F 95 -2.13 22.07 28.77
N GLU F 96 -3.42 22.24 28.49
CA GLU F 96 -4.20 23.31 29.08
C GLU F 96 -5.39 22.83 29.89
N LYS F 97 -5.97 21.67 29.57
CA LYS F 97 -7.11 21.16 30.32
C LYS F 97 -7.25 19.66 30.04
N LEU F 98 -7.86 18.96 30.99
CA LEU F 98 -8.17 17.55 30.85
C LEU F 98 -9.61 17.31 31.26
N ILE F 99 -10.32 16.48 30.51
CA ILE F 99 -11.75 16.22 30.68
C ILE F 99 -11.93 14.74 30.96
N ILE F 100 -12.77 14.42 31.95
CA ILE F 100 -13.03 13.05 32.35
C ILE F 100 -14.50 12.74 32.07
N SER F 101 -14.74 11.62 31.39
CA SER F 101 -16.09 11.14 31.09
C SER F 101 -16.29 9.81 31.79
N THR F 102 -17.02 9.82 32.91
CA THR F 102 -17.20 8.62 33.70
C THR F 102 -18.15 7.66 32.98
N ASN F 103 -17.77 6.39 32.93
CA ASN F 103 -18.40 5.39 32.07
C ASN F 103 -19.20 4.40 32.92
N GLU F 104 -20.46 4.74 33.19
CA GLU F 104 -21.37 3.84 33.89
C GLU F 104 -22.73 3.88 33.23
N HIS F 105 -23.50 2.82 33.46
CA HIS F 105 -24.86 2.70 32.95
C HIS F 105 -25.85 3.01 34.08
N ALA F 106 -26.79 3.91 33.82
CA ALA F 106 -27.82 4.29 34.77
C ALA F 106 -29.18 3.95 34.19
N SER F 107 -29.93 3.11 34.89
CA SER F 107 -31.24 2.65 34.42
C SER F 107 -32.29 2.92 35.48
N THR F 108 -33.47 3.34 35.03
CA THR F 108 -34.64 3.54 35.88
C THR F 108 -35.81 2.78 35.30
N ASP F 109 -36.48 1.98 36.13
CA ASP F 109 -37.60 1.17 35.69
C ASP F 109 -38.77 1.34 36.64
N GLN F 110 -39.98 1.15 36.11
CA GLN F 110 -41.19 1.25 36.91
C GLN F 110 -42.29 0.40 36.28
N GLY F 111 -43.22 -0.05 37.10
CA GLY F 111 -44.29 -0.91 36.65
C GLY F 111 -45.61 -0.55 37.32
N LYS F 112 -46.65 -1.29 36.95
CA LYS F 112 -47.98 -1.07 37.51
C LYS F 112 -48.73 -2.40 37.44
N THR F 113 -48.83 -3.09 38.57
CA THR F 113 -49.44 -4.40 38.66
C THR F 113 -50.90 -4.29 39.11
N VAL F 114 -51.75 -5.12 38.53
CA VAL F 114 -53.16 -5.14 38.89
C VAL F 114 -53.54 -6.48 39.49
N SER F 161 -56.06 -7.00 44.99
CA SER F 161 -55.00 -7.13 44.01
C SER F 161 -54.75 -5.80 43.31
N ASN F 162 -53.77 -5.05 43.83
CA ASN F 162 -53.39 -3.76 43.25
C ASN F 162 -52.03 -3.33 43.81
N GLY F 163 -51.14 -2.87 42.94
CA GLY F 163 -49.81 -2.48 43.40
C GLY F 163 -49.06 -1.72 42.33
N GLU F 164 -47.86 -1.30 42.69
CA GLU F 164 -46.94 -0.60 41.81
C GLU F 164 -45.52 -1.06 42.09
N SER F 165 -44.54 -0.43 41.45
CA SER F 165 -43.16 -0.82 41.63
C SER F 165 -42.24 0.32 41.21
N TRP F 166 -40.98 0.21 41.62
CA TRP F 166 -39.95 1.16 41.23
C TRP F 166 -38.61 0.43 41.26
N ASN F 167 -37.64 0.97 40.53
CA ASN F 167 -36.31 0.37 40.47
C ASN F 167 -35.33 1.33 39.84
N THR F 168 -34.13 1.41 40.42
CA THR F 168 -33.02 2.15 39.86
C THR F 168 -31.77 1.29 39.90
N GLY F 169 -30.82 1.58 39.03
CA GLY F 169 -29.59 0.81 38.98
C GLY F 169 -28.43 1.67 38.51
N LEU F 170 -27.22 1.17 38.77
CA LEU F 170 -25.99 1.84 38.32
C LEU F 170 -24.90 0.79 38.23
N SER F 171 -24.55 0.40 37.01
CA SER F 171 -23.50 -0.58 36.76
C SER F 171 -22.25 0.13 36.27
N ILE F 172 -21.12 -0.17 36.89
CA ILE F 172 -19.85 0.47 36.58
C ILE F 172 -18.81 -0.60 36.28
N ASN F 173 -18.07 -0.43 35.19
CA ASN F 173 -16.99 -1.34 34.84
C ASN F 173 -15.71 -0.89 35.53
N LYS F 174 -15.04 -1.81 36.21
CA LYS F 174 -13.86 -1.49 36.98
C LYS F 174 -12.57 -1.64 36.18
N GLY F 175 -12.66 -1.97 34.90
CA GLY F 175 -11.48 -2.05 34.05
C GLY F 175 -11.28 -0.78 33.25
N GLU F 176 -12.36 -0.25 32.68
CA GLU F 176 -12.36 1.01 31.96
C GLU F 176 -13.50 1.85 32.53
N SER F 177 -13.21 2.57 33.62
CA SER F 177 -14.25 3.30 34.34
C SER F 177 -14.39 4.75 33.91
N ALA F 178 -13.50 5.25 33.06
CA ALA F 178 -13.58 6.64 32.61
C ALA F 178 -12.72 6.80 31.37
N TYR F 179 -12.91 7.93 30.69
CA TYR F 179 -12.13 8.30 29.52
C TYR F 179 -11.59 9.71 29.71
N ILE F 180 -10.34 9.92 29.32
CA ILE F 180 -9.65 11.19 29.51
C ILE F 180 -9.46 11.85 28.15
N ASN F 181 -9.58 13.18 28.13
CA ASN F 181 -9.41 13.96 26.91
C ASN F 181 -8.54 15.16 27.26
N ALA F 182 -7.41 15.30 26.57
CA ALA F 182 -6.42 16.32 26.86
C ALA F 182 -6.41 17.39 25.78
N ASN F 183 -6.39 18.65 26.21
CA ASN F 183 -6.32 19.80 25.32
C ASN F 183 -4.87 20.27 25.27
N VAL F 184 -4.22 20.05 24.14
CA VAL F 184 -2.79 20.34 23.98
C VAL F 184 -2.61 21.50 23.01
N ARG F 185 -1.37 21.97 22.90
CA ARG F 185 -1.04 23.09 22.03
C ARG F 185 0.45 23.09 21.80
N TYR F 186 0.88 23.02 20.53
CA TYR F 186 2.29 22.92 20.20
C TYR F 186 2.92 24.31 20.16
N TYR F 187 4.26 24.33 20.15
CA TYR F 187 5.00 25.57 19.97
C TYR F 187 6.37 25.25 19.41
N ASN F 188 7.00 26.26 18.83
CA ASN F 188 8.33 26.14 18.22
C ASN F 188 9.21 27.27 18.73
N THR F 189 10.45 26.93 19.09
CA THR F 189 11.41 27.91 19.58
C THR F 189 12.75 27.80 18.87
N GLY F 190 12.81 27.15 17.72
CA GLY F 190 14.04 26.96 16.98
C GLY F 190 14.23 28.02 15.91
N THR F 191 15.01 27.66 14.90
CA THR F 191 15.31 28.56 13.78
C THR F 191 14.74 28.06 12.46
N ALA F 192 14.10 26.90 12.43
CA ALA F 192 13.54 26.36 11.21
C ALA F 192 12.14 25.84 11.46
N PRO F 193 11.29 25.83 10.44
CA PRO F 193 9.93 25.31 10.61
C PRO F 193 9.90 23.80 10.57
N MET F 194 8.80 23.25 11.04
CA MET F 194 8.57 21.80 11.02
C MET F 194 7.27 21.53 10.31
N TYR F 195 7.32 20.68 9.28
CA TYR F 195 6.13 20.28 8.54
C TYR F 195 5.69 18.90 8.99
N LYS F 196 4.37 18.72 9.11
CA LYS F 196 3.77 17.45 9.53
C LYS F 196 4.23 17.07 10.94
N VAL F 197 3.98 17.97 11.88
CA VAL F 197 4.38 17.77 13.27
C VAL F 197 3.59 16.60 13.85
N THR F 198 4.29 15.60 14.37
CA THR F 198 3.69 14.40 14.95
C THR F 198 4.34 14.10 16.29
N PRO F 199 3.97 14.82 17.33
CA PRO F 199 4.60 14.62 18.64
C PRO F 199 4.10 13.35 19.34
N THR F 200 4.90 12.91 20.31
CA THR F 200 4.57 11.76 21.15
C THR F 200 4.65 12.21 22.61
N THR F 201 3.61 11.91 23.38
CA THR F 201 3.50 12.39 24.76
C THR F 201 3.11 11.24 25.68
N ASN F 202 3.47 11.39 26.96
CA ASN F 202 3.04 10.49 28.01
C ASN F 202 2.11 11.20 28.98
N LEU F 203 1.22 10.45 29.61
CA LEU F 203 0.35 10.94 30.67
C LEU F 203 0.71 10.22 31.96
N VAL F 204 1.03 10.99 33.00
CA VAL F 204 1.43 10.45 34.29
C VAL F 204 0.50 10.99 35.36
N LEU F 205 -0.02 10.09 36.21
CA LEU F 205 -0.97 10.50 37.24
C LEU F 205 -0.26 10.78 38.57
N ASP F 206 0.37 9.77 39.15
CA ASP F 206 1.17 9.95 40.35
C ASP F 206 2.63 9.60 40.12
N GLY F 207 2.91 8.38 39.70
CA GLY F 207 4.23 7.97 39.24
C GLY F 207 4.04 6.98 38.11
N ASP F 208 2.80 6.85 37.67
CA ASP F 208 2.38 5.83 36.73
C ASP F 208 2.15 6.48 35.38
N THR F 209 2.82 5.96 34.34
CA THR F 209 2.61 6.45 32.98
C THR F 209 1.37 5.77 32.43
N LEU F 210 0.28 6.53 32.31
CA LEU F 210 -1.00 5.95 31.90
C LEU F 210 -0.94 5.43 30.47
N SER F 211 -0.34 6.19 29.55
CA SER F 211 -0.27 5.79 28.16
C SER F 211 0.64 6.76 27.41
N THR F 212 1.25 6.26 26.34
CA THR F 212 1.99 7.09 25.39
C THR F 212 1.29 7.04 24.05
N ILE F 213 0.94 8.20 23.51
CA ILE F 213 0.14 8.31 22.30
C ILE F 213 0.90 9.12 21.28
N LYS F 214 1.06 8.57 20.08
CA LYS F 214 1.59 9.31 18.94
C LYS F 214 0.45 10.04 18.24
N ALA F 215 0.77 11.17 17.63
CA ALA F 215 -0.26 11.99 17.00
C ALA F 215 -0.86 11.29 15.79
N GLN F 216 -2.18 11.27 15.72
CA GLN F 216 -2.90 10.67 14.60
C GLN F 216 -3.07 11.70 13.50
N GLU F 217 -3.88 11.38 12.50
CA GLU F 217 -4.15 12.34 11.43
C GLU F 217 -4.97 13.53 11.91
N ASN F 218 -5.72 13.37 12.99
CA ASN F 218 -6.51 14.48 13.51
C ASN F 218 -5.66 15.51 14.23
N GLN F 219 -4.52 15.11 14.78
CA GLN F 219 -3.68 15.97 15.60
C GLN F 219 -2.31 16.16 14.98
N ILE F 220 -2.25 16.36 13.67
CA ILE F 220 -1.00 16.67 12.96
C ILE F 220 -1.06 18.12 12.50
N GLY F 221 0.00 18.87 12.81
CA GLY F 221 0.10 20.24 12.36
C GLY F 221 0.93 20.31 11.10
N ASN F 222 0.31 20.81 10.02
CA ASN F 222 0.99 20.86 8.73
C ASN F 222 2.11 21.90 8.72
N ASN F 223 1.91 23.02 9.41
CA ASN F 223 2.89 24.10 9.42
C ASN F 223 3.16 24.54 10.85
N LEU F 224 4.43 24.80 11.16
CA LEU F 224 4.82 25.33 12.46
C LEU F 224 6.08 26.17 12.26
N SER F 225 5.90 27.47 12.12
CA SER F 225 7.03 28.37 11.93
C SER F 225 7.67 28.71 13.27
N PRO F 226 8.94 29.13 13.26
CA PRO F 226 9.58 29.55 14.52
C PRO F 226 8.82 30.69 15.16
N GLY F 227 8.64 30.59 16.47
CA GLY F 227 7.88 31.58 17.21
C GLY F 227 6.38 31.48 17.07
N ASP F 228 5.88 30.57 16.23
CA ASP F 228 4.45 30.41 16.03
C ASP F 228 3.92 29.34 16.99
N THR F 229 2.69 28.90 16.75
CA THR F 229 2.01 27.96 17.62
C THR F 229 0.89 27.30 16.84
N TYR F 230 0.70 26.00 17.03
CA TYR F 230 -0.40 25.28 16.41
C TYR F 230 -1.32 24.71 17.49
N PRO F 231 -2.61 25.08 17.53
CA PRO F 231 -3.30 26.04 16.66
C PRO F 231 -2.83 27.47 16.93
N LYS F 232 -2.95 28.36 15.95
CA LYS F 232 -2.38 29.69 16.07
C LYS F 232 -3.03 30.47 17.20
N LYS F 233 -2.34 31.52 17.64
CA LYS F 233 -2.84 32.36 18.72
C LYS F 233 -4.19 32.96 18.34
N GLY F 234 -5.14 32.88 19.27
CA GLY F 234 -6.50 33.29 19.02
C GLY F 234 -7.47 32.15 18.77
N LEU F 235 -6.96 30.97 18.45
CA LEU F 235 -7.78 29.78 18.26
C LEU F 235 -7.88 29.02 19.58
N SER F 236 -8.42 27.80 19.53
CA SER F 236 -8.59 26.98 20.72
C SER F 236 -7.66 25.78 20.66
N PRO F 237 -7.26 25.23 21.81
CA PRO F 237 -6.36 24.08 21.81
C PRO F 237 -7.03 22.86 21.19
N LEU F 238 -6.22 22.01 20.58
CA LEU F 238 -6.71 20.80 19.94
C LEU F 238 -6.87 19.68 20.97
N ALA F 239 -7.84 18.81 20.71
CA ALA F 239 -8.19 17.75 21.65
C ALA F 239 -7.51 16.44 21.25
N LEU F 240 -6.74 15.88 22.17
CA LEU F 240 -6.10 14.58 21.98
C LEU F 240 -6.88 13.56 22.81
N ASN F 241 -7.81 12.86 22.16
CA ASN F 241 -8.69 11.95 22.89
C ASN F 241 -8.81 10.58 22.23
N THR F 242 -7.80 10.17 21.46
CA THR F 242 -7.79 8.86 20.81
C THR F 242 -6.44 8.22 21.02
N MET F 243 -6.42 6.89 21.02
CA MET F 243 -5.25 6.11 21.39
C MET F 243 -4.76 5.18 20.29
N ASP F 244 -5.67 4.61 19.50
CA ASP F 244 -5.25 3.68 18.46
C ASP F 244 -4.79 4.43 17.22
N GLN F 245 -4.35 3.69 16.21
CA GLN F 245 -3.75 4.30 15.03
C GLN F 245 -4.77 5.03 14.17
N PHE F 246 -6.01 4.52 14.10
CA PHE F 246 -7.02 5.07 13.21
C PHE F 246 -8.04 5.92 13.93
N SER F 247 -7.78 6.32 15.16
CA SER F 247 -8.64 7.24 15.92
C SER F 247 -10.05 6.67 16.09
N SER F 248 -10.12 5.42 16.53
CA SER F 248 -11.41 4.77 16.77
C SER F 248 -11.42 4.05 18.12
N ARG F 249 -10.69 4.58 19.10
CA ARG F 249 -10.61 3.97 20.42
C ARG F 249 -10.21 5.04 21.41
N LEU F 250 -11.00 5.21 22.47
CA LEU F 250 -10.74 6.24 23.46
C LEU F 250 -9.70 5.77 24.47
N ILE F 251 -9.23 6.70 25.29
CA ILE F 251 -8.17 6.44 26.26
C ILE F 251 -8.84 6.04 27.58
N PRO F 252 -8.68 4.81 28.05
CA PRO F 252 -9.30 4.40 29.30
C PRO F 252 -8.37 4.57 30.50
N ILE F 253 -8.98 4.71 31.67
CA ILE F 253 -8.24 4.75 32.93
C ILE F 253 -8.91 3.79 33.91
N ASN F 254 -8.17 3.43 34.95
CA ASN F 254 -8.60 2.46 35.93
C ASN F 254 -9.56 3.08 36.94
N TYR F 255 -10.25 2.21 37.68
CA TYR F 255 -11.09 2.68 38.77
C TYR F 255 -10.25 3.25 39.91
N ASP F 256 -9.13 2.61 40.22
CA ASP F 256 -8.22 3.14 41.22
C ASP F 256 -7.51 4.40 40.76
N GLN F 257 -7.45 4.64 39.44
CA GLN F 257 -6.91 5.89 38.93
C GLN F 257 -7.98 6.98 38.93
N LEU F 258 -9.21 6.62 38.58
CA LEU F 258 -10.31 7.60 38.62
C LEU F 258 -10.58 8.06 40.04
N LYS F 259 -10.46 7.16 41.02
CA LYS F 259 -10.66 7.55 42.40
C LYS F 259 -9.64 8.60 42.83
N LYS F 260 -8.37 8.40 42.46
CA LYS F 260 -7.36 9.42 42.75
C LYS F 260 -7.65 10.70 41.99
N LEU F 261 -8.07 10.59 40.73
CA LEU F 261 -8.33 11.77 39.92
C LEU F 261 -9.44 12.64 40.53
N ASP F 262 -10.47 12.02 41.08
CA ASP F 262 -11.55 12.77 41.71
C ASP F 262 -11.31 13.07 43.17
N ALA F 263 -10.15 12.69 43.72
CA ALA F 263 -9.81 12.95 45.11
C ALA F 263 -8.89 14.15 45.29
N GLY F 264 -8.70 14.95 44.24
CA GLY F 264 -7.85 16.11 44.32
C GLY F 264 -6.47 15.96 43.72
N LYS F 265 -6.24 14.93 42.91
CA LYS F 265 -4.96 14.70 42.26
C LYS F 265 -5.06 15.07 40.78
N GLN F 266 -3.96 15.57 40.23
CA GLN F 266 -3.93 16.06 38.87
C GLN F 266 -3.01 15.18 38.02
N ILE F 267 -3.16 15.31 36.71
CA ILE F 267 -2.37 14.57 35.75
C ILE F 267 -1.34 15.52 35.14
N LYS F 268 -0.28 14.95 34.57
CA LYS F 268 0.77 15.72 33.95
C LYS F 268 1.07 15.15 32.57
N LEU F 269 1.47 16.03 31.65
CA LEU F 269 1.79 15.65 30.29
C LEU F 269 3.25 15.96 30.00
N GLU F 270 3.97 14.96 29.49
CA GLU F 270 5.38 15.10 29.14
C GLU F 270 5.57 14.65 27.70
N THR F 271 6.22 15.49 26.89
CA THR F 271 6.50 15.15 25.51
C THR F 271 7.86 14.47 25.42
N THR F 272 7.91 13.31 24.78
CA THR F 272 9.12 12.52 24.67
C THR F 272 9.89 12.78 23.38
N GLN F 273 9.20 12.90 22.26
CA GLN F 273 9.87 13.13 20.99
C GLN F 273 8.87 13.74 20.02
N VAL F 274 9.40 14.37 18.98
CA VAL F 274 8.59 14.99 17.92
C VAL F 274 9.24 14.65 16.59
N SER F 275 8.43 14.20 15.64
CA SER F 275 8.89 13.86 14.30
C SER F 275 8.23 14.76 13.28
N GLY F 276 9.02 15.34 12.39
CA GLY F 276 8.51 16.24 11.37
C GLY F 276 9.27 16.14 10.07
N ASN F 277 9.15 17.15 9.22
CA ASN F 277 9.82 17.15 7.92
C ASN F 277 10.50 18.49 7.69
N PHE F 278 11.21 18.59 6.58
CA PHE F 278 11.84 19.82 6.15
C PHE F 278 11.77 19.92 4.63
N GLY F 279 11.86 21.15 4.13
CA GLY F 279 11.63 21.43 2.72
C GLY F 279 12.92 21.55 1.94
N THR F 280 12.98 20.84 0.81
CA THR F 280 14.09 20.93 -0.13
C THR F 280 13.55 21.07 -1.54
N LYS F 281 14.39 21.58 -2.43
CA LYS F 281 14.02 21.75 -3.83
C LYS F 281 14.31 20.47 -4.60
N ASN F 282 13.29 19.98 -5.32
CA ASN F 282 13.44 18.74 -6.07
C ASN F 282 14.10 19.04 -7.41
N SER F 283 14.01 18.10 -8.35
CA SER F 283 14.78 18.17 -9.58
C SER F 283 14.50 19.47 -10.35
N SER F 284 13.23 19.81 -10.56
CA SER F 284 12.96 20.91 -11.47
C SER F 284 12.77 22.26 -10.79
N GLY F 285 11.67 22.45 -10.06
CA GLY F 285 11.43 23.75 -9.46
C GLY F 285 10.62 23.81 -8.17
N GLN F 286 10.26 22.67 -7.59
CA GLN F 286 9.27 22.64 -6.52
C GLN F 286 9.92 22.36 -5.17
N ILE F 287 9.11 22.47 -4.13
CA ILE F 287 9.52 22.15 -2.76
C ILE F 287 8.88 20.82 -2.38
N VAL F 288 9.71 19.88 -1.94
CA VAL F 288 9.25 18.55 -1.52
C VAL F 288 9.54 18.38 -0.05
N THR F 289 8.51 18.01 0.72
CA THR F 289 8.64 17.82 2.17
C THR F 289 8.29 16.41 2.59
N GLU F 290 8.23 15.46 1.66
CA GLU F 290 7.91 14.07 1.97
C GLU F 290 9.15 13.21 1.82
N GLY F 291 9.44 12.41 2.83
CA GLY F 291 10.65 11.62 2.85
C GLY F 291 11.87 12.34 3.37
N ASN F 292 11.69 13.54 3.92
CA ASN F 292 12.78 14.33 4.50
C ASN F 292 12.49 14.45 5.99
N SER F 293 13.16 13.62 6.79
CA SER F 293 12.88 13.55 8.22
C SER F 293 13.96 14.25 9.03
N TRP F 294 13.54 14.94 10.09
CA TRP F 294 14.49 15.58 10.99
C TRP F 294 15.18 14.56 11.90
N SER F 295 14.55 13.41 12.11
CA SER F 295 15.12 12.39 12.98
C SER F 295 16.44 11.86 12.45
N ASP F 296 16.69 11.97 11.14
CA ASP F 296 17.96 11.56 10.58
C ASP F 296 19.09 12.50 10.98
N TYR F 297 18.80 13.75 11.32
CA TYR F 297 19.80 14.75 11.62
C TYR F 297 19.84 15.16 13.08
N ILE F 298 18.84 14.78 13.87
CA ILE F 298 18.80 15.20 15.28
C ILE F 298 20.03 14.70 16.03
N SER F 299 20.34 13.41 15.90
CA SER F 299 21.47 12.85 16.64
C SER F 299 22.79 13.35 16.09
N GLN F 300 22.89 13.54 14.77
CA GLN F 300 24.12 14.04 14.18
C GLN F 300 24.38 15.50 14.54
N ILE F 301 23.33 16.28 14.79
CA ILE F 301 23.48 17.68 15.15
C ILE F 301 23.75 17.85 16.64
N ASP F 302 23.06 17.09 17.49
CA ASP F 302 23.27 17.23 18.93
C ASP F 302 24.64 16.72 19.39
N SER F 303 25.36 15.96 18.56
CA SER F 303 26.61 15.37 18.97
C SER F 303 27.84 16.23 18.67
N ILE F 304 27.68 17.32 17.92
CA ILE F 304 28.82 18.14 17.55
C ILE F 304 28.54 19.61 17.87
N SER F 305 27.51 19.86 18.68
CA SER F 305 27.06 21.21 18.94
C SER F 305 26.84 21.42 20.43
N ALA F 306 26.83 22.69 20.82
CA ALA F 306 26.51 23.10 22.18
C ALA F 306 25.20 23.88 22.17
N SER F 307 24.36 23.62 23.16
CA SER F 307 23.02 24.20 23.23
C SER F 307 23.04 25.45 24.08
N ILE F 308 22.47 26.53 23.56
CA ILE F 308 22.38 27.82 24.25
C ILE F 308 20.91 28.23 24.25
N ILE F 309 20.41 28.58 25.43
CA ILE F 309 19.00 28.95 25.60
C ILE F 309 18.96 30.35 26.20
N LEU F 310 18.40 31.30 25.45
CA LEU F 310 18.17 32.65 25.93
C LEU F 310 16.70 32.77 26.33
N ASP F 311 16.46 33.13 27.59
CA ASP F 311 15.12 33.14 28.16
C ASP F 311 14.76 34.58 28.54
N THR F 312 14.22 35.32 27.58
CA THR F 312 13.72 36.66 27.84
C THR F 312 12.31 36.57 28.42
N GLU F 313 11.65 37.71 28.58
CA GLU F 313 10.28 37.71 29.09
C GLU F 313 9.30 37.35 27.99
N ASN F 314 8.28 36.57 28.35
CA ASN F 314 7.19 36.15 27.46
C ASN F 314 7.71 35.64 26.11
N GLU F 315 8.91 35.06 26.10
CA GLU F 315 9.50 34.50 24.90
C GLU F 315 10.76 33.73 25.29
N SER F 316 11.07 32.69 24.53
CA SER F 316 12.24 31.86 24.79
C SER F 316 12.85 31.41 23.47
N TYR F 317 14.16 31.27 23.47
CA TYR F 317 14.91 30.86 22.29
C TYR F 317 15.87 29.74 22.65
N GLU F 318 16.05 28.79 21.74
CA GLU F 318 17.00 27.70 21.91
C GLU F 318 17.77 27.51 20.61
N ARG F 319 19.10 27.43 20.71
CA ARG F 319 19.96 27.39 19.54
C ARG F 319 21.05 26.34 19.72
N ARG F 320 21.58 25.86 18.60
CA ARG F 320 22.72 24.95 18.57
C ARG F 320 23.85 25.62 17.79
N VAL F 321 25.04 25.65 18.38
CA VAL F 321 26.21 26.25 17.76
C VAL F 321 27.29 25.18 17.64
N THR F 322 27.89 25.06 16.46
CA THR F 322 28.87 24.01 16.21
C THR F 322 30.15 24.28 17.00
N ALA F 323 30.64 23.25 17.68
CA ALA F 323 31.87 23.32 18.44
C ALA F 323 33.00 22.67 17.65
N LYS F 324 34.18 22.58 18.28
CA LYS F 324 35.35 22.00 17.64
C LYS F 324 36.02 21.03 18.61
N ASN F 325 36.47 19.89 18.08
CA ASN F 325 37.18 18.89 18.87
C ASN F 325 38.68 19.13 18.74
N LEU F 326 39.36 19.35 19.86
CA LEU F 326 40.79 19.57 19.84
C LEU F 326 41.59 18.28 19.80
N GLN F 327 40.96 17.15 20.10
CA GLN F 327 41.66 15.87 20.01
C GLN F 327 41.91 15.48 18.55
N ASP F 328 40.91 15.67 17.70
CA ASP F 328 41.03 15.31 16.29
C ASP F 328 41.82 16.39 15.54
N PRO F 329 42.96 16.06 14.94
CA PRO F 329 43.70 17.07 14.17
C PRO F 329 43.09 17.36 12.81
N GLU F 330 42.13 16.57 12.35
CA GLU F 330 41.48 16.78 11.06
C GLU F 330 40.12 17.45 11.20
N ASP F 331 39.79 17.97 12.37
CA ASP F 331 38.55 18.71 12.58
C ASP F 331 38.86 20.18 12.36
N LYS F 332 38.53 20.68 11.16
CA LYS F 332 38.85 22.04 10.76
C LYS F 332 37.73 23.02 11.07
N THR F 333 36.85 22.69 12.00
CA THR F 333 35.77 23.59 12.37
C THR F 333 36.34 24.85 13.03
N PRO F 334 35.88 26.04 12.66
CA PRO F 334 36.43 27.26 13.27
C PRO F 334 36.22 27.28 14.78
N GLU F 335 37.21 27.84 15.47
CA GLU F 335 37.15 27.94 16.93
C GLU F 335 36.39 29.19 17.34
N LEU F 336 35.48 29.03 18.30
CA LEU F 336 34.64 30.13 18.77
C LEU F 336 34.69 30.22 20.28
N THR F 337 34.59 31.44 20.78
CA THR F 337 34.38 31.66 22.21
C THR F 337 32.89 31.79 22.50
N ILE F 338 32.55 31.84 23.80
CA ILE F 338 31.15 31.93 24.19
C ILE F 338 30.56 33.26 23.74
N GLY F 339 31.34 34.33 23.74
CA GLY F 339 30.81 35.61 23.29
C GLY F 339 30.42 35.58 21.82
N GLU F 340 31.29 35.04 20.97
CA GLU F 340 30.96 34.94 19.55
C GLU F 340 29.82 33.95 19.30
N ALA F 341 29.76 32.87 20.09
CA ALA F 341 28.66 31.94 19.95
C ALA F 341 27.32 32.61 20.28
N ILE F 342 27.29 33.39 21.36
CA ILE F 342 26.06 34.10 21.72
C ILE F 342 25.72 35.15 20.67
N GLU F 343 26.74 35.82 20.13
CA GLU F 343 26.49 36.82 19.10
C GLU F 343 25.90 36.19 17.85
N LYS F 344 26.44 35.05 17.43
CA LYS F 344 25.99 34.43 16.18
C LYS F 344 24.64 33.76 16.36
N ALA F 345 24.42 33.08 17.48
CA ALA F 345 23.21 32.28 17.65
C ALA F 345 21.96 33.15 17.67
N PHE F 346 21.99 34.27 18.38
CA PHE F 346 20.81 35.09 18.58
C PHE F 346 20.82 36.36 17.74
N GLY F 347 21.80 36.56 16.88
CA GLY F 347 21.84 37.72 16.03
C GLY F 347 21.96 39.03 16.78
N ALA F 348 22.80 39.08 17.80
CA ALA F 348 23.03 40.30 18.56
C ALA F 348 24.12 41.13 17.91
N THR F 349 23.99 42.45 18.04
CA THR F 349 24.94 43.40 17.47
C THR F 349 25.62 44.17 18.59
N LYS F 350 26.94 44.28 18.53
CA LYS F 350 27.69 45.03 19.52
C LYS F 350 27.43 46.52 19.38
N LYS F 351 27.29 47.20 20.52
CA LYS F 351 27.15 48.64 20.55
C LYS F 351 28.47 49.33 20.87
N ASP F 352 29.07 48.99 22.01
CA ASP F 352 30.38 49.50 22.41
C ASP F 352 31.24 48.36 22.96
N GLY F 353 31.21 47.22 22.28
CA GLY F 353 31.84 46.02 22.78
C GLY F 353 30.95 45.13 23.61
N LEU F 354 29.71 45.55 23.86
CA LEU F 354 28.74 44.76 24.62
C LEU F 354 27.58 44.39 23.72
N LEU F 355 27.17 43.13 23.77
CA LEU F 355 26.12 42.63 22.90
C LEU F 355 24.74 43.04 23.39
N TYR F 356 23.88 43.42 22.46
CA TYR F 356 22.49 43.75 22.73
C TYR F 356 21.62 42.89 21.81
N PHE F 357 20.59 42.24 22.37
CA PHE F 357 19.75 41.37 21.56
C PHE F 357 18.93 42.20 20.58
N ASN F 358 18.01 43.00 21.09
CA ASN F 358 17.41 44.10 20.35
C ASN F 358 17.63 45.43 21.06
N ASP F 359 17.21 45.52 22.33
CA ASP F 359 17.60 46.59 23.21
C ASP F 359 18.02 46.10 24.59
N ILE F 360 17.65 44.89 24.98
CA ILE F 360 18.00 44.34 26.30
C ILE F 360 19.49 44.00 26.31
N PRO F 361 20.24 44.39 27.33
CA PRO F 361 21.64 43.97 27.43
C PRO F 361 21.73 42.49 27.77
N ILE F 362 22.65 41.79 27.08
CA ILE F 362 22.88 40.38 27.32
C ILE F 362 24.33 40.11 27.72
N ASP F 363 25.06 41.16 28.10
CA ASP F 363 26.43 40.97 28.58
C ASP F 363 26.41 40.19 29.89
N GLU F 364 27.50 39.45 30.13
CA GLU F 364 27.53 38.50 31.25
C GLU F 364 27.31 39.18 32.60
N SER F 365 27.63 40.47 32.70
CA SER F 365 27.39 41.21 33.92
C SER F 365 25.96 41.72 34.03
N CYS F 366 25.18 41.65 32.95
CA CYS F 366 23.81 42.14 32.95
C CYS F 366 22.77 41.03 32.86
N VAL F 367 23.19 39.77 32.80
CA VAL F 367 22.28 38.63 32.75
C VAL F 367 22.79 37.56 33.71
N GLU F 368 21.91 36.61 34.01
CA GLU F 368 22.23 35.50 34.90
C GLU F 368 22.50 34.25 34.07
N LEU F 369 23.68 33.67 34.24
CA LEU F 369 24.10 32.48 33.51
C LEU F 369 23.89 31.26 34.40
N ILE F 370 23.27 30.22 33.84
CA ILE F 370 23.01 28.98 34.55
C ILE F 370 23.58 27.83 33.74
N PHE F 371 24.44 27.04 34.36
CA PHE F 371 25.02 25.85 33.73
C PHE F 371 24.68 24.62 34.56
N ASP F 372 24.90 23.45 33.97
CA ASP F 372 24.83 22.21 34.72
C ASP F 372 26.18 21.93 35.36
N ASP F 373 26.27 20.80 36.08
CA ASP F 373 27.51 20.49 36.78
C ASP F 373 28.67 20.29 35.82
N ASN F 374 28.42 19.61 34.69
CA ASN F 374 29.49 19.34 33.74
C ASN F 374 30.05 20.63 33.15
N THR F 375 29.16 21.51 32.69
CA THR F 375 29.61 22.78 32.11
C THR F 375 30.27 23.65 33.16
N ALA F 376 29.75 23.65 34.39
CA ALA F 376 30.37 24.43 35.45
C ALA F 376 31.79 23.96 35.74
N ASN F 377 32.00 22.65 35.79
CA ASN F 377 33.34 22.14 36.03
C ASN F 377 34.26 22.39 34.84
N LYS F 378 33.72 22.32 33.62
CA LYS F 378 34.52 22.57 32.44
C LYS F 378 34.84 24.05 32.24
N ILE F 379 34.08 24.93 32.88
CA ILE F 379 34.29 26.37 32.72
C ILE F 379 35.01 27.00 33.91
N LYS F 380 35.01 26.34 35.07
CA LYS F 380 35.70 26.89 36.24
C LYS F 380 37.20 26.63 36.22
N ASP F 381 37.67 25.76 35.33
CA ASP F 381 39.10 25.46 35.25
C ASP F 381 39.81 26.19 34.11
N SER F 382 39.07 26.65 33.10
CA SER F 382 39.66 27.45 32.04
C SER F 382 39.63 28.95 32.33
N LEU F 383 38.93 29.36 33.40
CA LEU F 383 38.89 30.78 33.74
C LEU F 383 40.19 31.23 34.40
N LYS F 384 40.80 30.36 35.22
CA LYS F 384 42.03 30.74 35.90
C LYS F 384 43.17 31.00 34.92
N THR F 385 43.26 30.19 33.86
CA THR F 385 44.31 30.34 32.86
C THR F 385 43.87 31.32 31.76
N LEU F 386 43.57 32.54 32.17
CA LEU F 386 43.15 33.58 31.25
C LEU F 386 43.65 34.93 31.74
N SER F 387 43.78 35.87 30.82
CA SER F 387 44.26 37.21 31.15
C SER F 387 43.13 38.16 31.55
N ASP F 388 41.92 37.94 31.03
CA ASP F 388 40.79 38.79 31.35
C ASP F 388 39.83 38.16 32.36
N LYS F 389 39.90 36.84 32.54
CA LYS F 389 39.05 36.12 33.49
C LYS F 389 37.57 36.40 33.26
N LYS F 390 37.16 36.36 32.00
CA LYS F 390 35.79 36.62 31.60
C LYS F 390 35.15 35.33 31.08
N ILE F 391 33.87 35.13 31.42
CA ILE F 391 33.17 33.93 30.99
C ILE F 391 33.00 33.90 29.48
N TYR F 392 32.74 35.07 28.88
CA TYR F 392 32.53 35.14 27.44
C TYR F 392 33.80 34.91 26.63
N ASN F 393 34.97 34.86 27.27
CA ASN F 393 36.23 34.63 26.58
C ASN F 393 36.68 33.18 26.64
N VAL F 394 35.86 32.29 27.18
CA VAL F 394 36.20 30.88 27.28
C VAL F 394 35.85 30.20 25.95
N LYS F 395 36.68 29.25 25.53
CA LYS F 395 36.43 28.53 24.30
C LYS F 395 35.21 27.64 24.42
N LEU F 396 34.40 27.61 23.37
CA LEU F 396 33.19 26.80 23.35
C LEU F 396 33.54 25.35 23.00
N GLU F 397 32.91 24.42 23.71
CA GLU F 397 33.16 23.00 23.52
C GLU F 397 31.84 22.24 23.45
N ARG F 398 31.92 21.04 22.89
CA ARG F 398 30.73 20.21 22.72
C ARG F 398 30.13 19.82 24.07
N GLY F 399 28.80 19.72 24.09
CA GLY F 399 28.08 19.29 25.27
C GLY F 399 27.77 20.37 26.28
N MET F 400 28.01 21.63 25.97
CA MET F 400 27.71 22.71 26.91
C MET F 400 26.21 22.96 26.97
N ASN F 401 25.77 23.50 28.10
CA ASN F 401 24.36 23.70 28.40
C ASN F 401 24.11 25.09 28.97
N ILE F 402 24.66 26.11 28.31
CA ILE F 402 24.53 27.48 28.80
C ILE F 402 23.08 27.93 28.69
N LEU F 403 22.59 28.59 29.74
CA LEU F 403 21.26 29.17 29.78
C LEU F 403 21.37 30.60 30.27
N ILE F 404 20.72 31.52 29.55
CA ILE F 404 20.82 32.95 29.82
C ILE F 404 19.46 33.46 30.26
N LYS F 405 19.41 34.14 31.39
CA LYS F 405 18.19 34.72 31.93
C LYS F 405 18.35 36.23 32.04
N THR F 406 17.44 36.95 31.41
CA THR F 406 17.45 38.40 31.51
C THR F 406 16.77 38.87 32.80
N PRO F 407 17.20 39.99 33.35
CA PRO F 407 16.60 40.45 34.61
C PRO F 407 15.18 40.99 34.40
N THR F 408 14.42 40.98 35.49
CA THR F 408 13.04 41.47 35.47
C THR F 408 12.99 42.98 35.25
N GLU G 8 52.32 -0.49 -3.61
CA GLU G 8 52.61 0.79 -4.23
C GLU G 8 51.33 1.61 -4.46
N ASP G 9 50.70 1.43 -5.61
CA ASP G 9 49.42 2.06 -5.92
C ASP G 9 48.34 1.05 -6.25
N LEU G 10 48.61 -0.25 -6.11
CA LEU G 10 47.61 -1.27 -6.37
C LEU G 10 46.51 -1.22 -5.33
N ASP G 11 45.30 -1.53 -5.76
CA ASP G 11 44.13 -1.55 -4.88
C ASP G 11 43.20 -2.66 -5.35
N THR G 12 42.96 -3.64 -4.48
CA THR G 12 42.20 -4.83 -4.84
C THR G 12 40.76 -4.79 -4.34
N ASP G 13 40.55 -4.51 -3.05
CA ASP G 13 39.21 -4.48 -2.49
C ASP G 13 38.40 -3.27 -2.97
N ASN G 14 39.04 -2.33 -3.67
CA ASN G 14 38.37 -1.20 -4.32
C ASN G 14 37.75 -0.24 -3.30
N ASP G 15 38.41 -0.06 -2.17
CA ASP G 15 38.21 1.13 -1.37
C ASP G 15 39.21 2.19 -1.85
N ASN G 16 39.39 3.27 -1.09
CA ASN G 16 40.31 4.32 -1.47
C ASN G 16 41.66 4.20 -0.78
N ILE G 17 42.00 3.03 -0.26
CA ILE G 17 43.25 2.79 0.44
C ILE G 17 44.06 1.78 -0.36
N PRO G 18 45.32 2.07 -0.69
CA PRO G 18 46.11 1.16 -1.52
C PRO G 18 46.35 -0.17 -0.84
N ASP G 19 46.93 -1.09 -1.62
CA ASP G 19 47.11 -2.47 -1.17
C ASP G 19 48.09 -2.56 0.00
N SER G 20 49.29 -1.96 -0.16
CA SER G 20 50.33 -2.12 0.84
C SER G 20 50.10 -1.23 2.06
N TYR G 21 49.32 -0.16 1.93
CA TYR G 21 49.06 0.71 3.08
C TYR G 21 48.30 -0.03 4.17
N GLU G 22 47.28 -0.82 3.78
CA GLU G 22 46.55 -1.60 4.76
C GLU G 22 47.42 -2.69 5.38
N ARG G 23 48.35 -3.26 4.59
CA ARG G 23 49.24 -4.29 5.12
C ARG G 23 50.19 -3.71 6.16
N ASN G 24 50.81 -2.58 5.86
CA ASN G 24 51.83 -2.02 6.73
C ASN G 24 51.23 -1.06 7.77
N GLY G 25 50.55 -0.02 7.31
CA GLY G 25 49.95 0.95 8.21
C GLY G 25 49.68 2.27 7.51
N TYR G 26 48.56 2.90 7.83
CA TYR G 26 48.18 4.14 7.16
C TYR G 26 47.42 5.02 8.13
N THR G 27 47.36 6.31 7.79
CA THR G 27 46.54 7.27 8.51
C THR G 27 45.89 8.21 7.49
N ILE G 28 44.76 8.78 7.88
CA ILE G 28 43.96 9.62 7.00
C ILE G 28 44.19 11.08 7.37
N LYS G 29 44.64 11.86 6.38
CA LYS G 29 44.78 13.31 6.56
C LYS G 29 44.41 14.00 5.25
N ASP G 30 43.62 15.06 5.36
CA ASP G 30 43.09 15.78 4.20
C ASP G 30 42.29 14.84 3.30
N LEU G 31 41.57 13.91 3.93
CA LEU G 31 40.72 12.93 3.25
C LEU G 31 41.50 12.02 2.31
N ILE G 32 42.81 11.92 2.49
CA ILE G 32 43.67 11.08 1.64
C ILE G 32 44.49 10.17 2.53
N ALA G 33 44.52 8.88 2.19
CA ALA G 33 45.29 7.91 2.94
C ALA G 33 46.77 8.04 2.61
N VAL G 34 47.61 8.09 3.65
CA VAL G 34 49.05 8.23 3.50
C VAL G 34 49.74 7.21 4.39
N LYS G 35 51.01 6.95 4.07
CA LYS G 35 51.80 6.01 4.86
C LYS G 35 51.98 6.52 6.29
N TRP G 36 51.99 5.58 7.23
CA TRP G 36 52.14 5.93 8.64
C TRP G 36 53.60 6.10 9.00
N GLU G 37 53.93 7.25 9.58
CA GLU G 37 55.24 7.53 10.12
C GLU G 37 55.13 7.76 11.61
N ASP G 38 56.09 7.22 12.38
CA ASP G 38 55.99 7.25 13.83
C ASP G 38 56.02 8.66 14.39
N SER G 39 56.50 9.63 13.63
CA SER G 39 56.48 11.02 14.08
C SER G 39 55.09 11.63 14.06
N PHE G 40 54.12 10.96 13.44
CA PHE G 40 52.76 11.48 13.36
C PHE G 40 51.98 11.31 14.66
N ALA G 41 52.45 10.44 15.56
CA ALA G 41 51.68 10.11 16.75
C ALA G 41 51.50 11.31 17.67
N GLU G 42 52.53 12.12 17.83
CA GLU G 42 52.46 13.25 18.75
C GLU G 42 51.54 14.36 18.27
N GLN G 43 51.12 14.35 17.00
CA GLN G 43 50.14 15.29 16.49
C GLN G 43 48.71 14.85 16.78
N GLY G 44 48.51 13.64 17.31
CA GLY G 44 47.19 13.12 17.57
C GLY G 44 46.66 12.14 16.56
N TYR G 45 47.46 11.77 15.56
CA TYR G 45 47.03 10.82 14.55
C TYR G 45 47.10 9.40 15.11
N LYS G 46 46.45 8.47 14.41
CA LYS G 46 46.35 7.08 14.82
C LYS G 46 46.80 6.18 13.69
N LYS G 47 47.28 4.99 14.06
CA LYS G 47 47.73 3.99 13.10
C LYS G 47 46.61 3.00 12.83
N TYR G 48 46.30 2.80 11.55
CA TYR G 48 45.22 1.91 11.13
C TYR G 48 45.76 0.80 10.24
N VAL G 49 45.32 -0.41 10.49
CA VAL G 49 45.61 -1.57 9.65
C VAL G 49 44.29 -2.26 9.33
N SER G 50 44.13 -2.69 8.08
CA SER G 50 42.87 -3.22 7.61
C SER G 50 43.14 -4.51 6.84
N ASN G 51 42.09 -5.04 6.21
CA ASN G 51 42.17 -6.22 5.36
C ASN G 51 42.16 -5.75 3.92
N TYR G 52 43.23 -6.06 3.18
CA TYR G 52 43.37 -5.59 1.82
C TYR G 52 42.62 -6.43 0.80
N LEU G 53 41.99 -7.52 1.23
CA LEU G 53 41.15 -8.33 0.36
C LEU G 53 39.66 -8.14 0.64
N GLU G 54 39.30 -7.25 1.56
CA GLU G 54 37.92 -7.03 1.94
C GLU G 54 37.65 -5.53 2.00
N SER G 55 36.45 -5.13 1.58
CA SER G 55 36.05 -3.74 1.63
C SER G 55 35.44 -3.34 2.96
N ASN G 56 34.90 -4.29 3.72
CA ASN G 56 34.34 -4.05 5.04
C ASN G 56 35.01 -5.04 5.99
N THR G 57 36.12 -4.60 6.61
CA THR G 57 36.89 -5.50 7.47
C THR G 57 36.08 -5.96 8.67
N ALA G 58 35.40 -5.03 9.34
CA ALA G 58 34.64 -5.39 10.53
C ALA G 58 33.33 -6.08 10.19
N GLY G 59 32.76 -5.81 9.01
CA GLY G 59 31.47 -6.34 8.64
C GLY G 59 30.32 -5.35 8.80
N ASP G 60 30.57 -4.18 9.36
CA ASP G 60 29.55 -3.17 9.51
C ASP G 60 29.27 -2.52 8.15
N PRO G 61 28.17 -1.77 8.03
CA PRO G 61 27.82 -1.20 6.72
C PRO G 61 28.89 -0.30 6.11
N TYR G 62 29.73 0.34 6.93
CA TYR G 62 30.69 1.31 6.43
C TYR G 62 32.00 0.64 6.06
N THR G 63 32.59 1.08 4.95
CA THR G 63 33.83 0.51 4.44
C THR G 63 35.01 1.01 5.25
N ASP G 64 36.21 0.50 4.92
CA ASP G 64 37.41 0.90 5.65
C ASP G 64 37.71 2.38 5.48
N TYR G 65 37.55 2.90 4.27
CA TYR G 65 37.84 4.31 4.03
C TYR G 65 36.90 5.22 4.82
N GLU G 66 35.60 4.89 4.82
CA GLU G 66 34.63 5.72 5.55
C GLU G 66 34.92 5.70 7.05
N LYS G 67 35.23 4.52 7.60
CA LYS G 67 35.51 4.43 9.03
C LYS G 67 36.79 5.16 9.40
N ALA G 68 37.86 4.93 8.65
CA ALA G 68 39.14 5.56 8.96
C ALA G 68 39.07 7.07 8.79
N SER G 69 38.40 7.55 7.74
CA SER G 69 38.32 8.97 7.46
C SER G 69 37.26 9.68 8.28
N GLY G 70 36.46 8.96 9.05
CA GLY G 70 35.40 9.59 9.82
C GLY G 70 34.34 10.24 8.95
N SER G 71 33.99 9.61 7.84
CA SER G 71 33.04 10.16 6.88
C SER G 71 31.64 9.59 7.05
N PHE G 72 31.39 8.85 8.13
CA PHE G 72 30.08 8.28 8.38
C PHE G 72 29.25 9.25 9.21
N ASP G 73 28.14 8.75 9.77
CA ASP G 73 27.31 9.55 10.66
C ASP G 73 28.15 10.08 11.83
N LYS G 74 28.01 11.38 12.11
CA LYS G 74 28.88 12.01 13.10
C LYS G 74 28.49 11.67 14.54
N ALA G 75 27.39 10.95 14.74
CA ALA G 75 27.00 10.55 16.09
C ALA G 75 27.69 9.26 16.54
N ILE G 76 28.40 8.58 15.64
CA ILE G 76 29.11 7.36 16.00
C ILE G 76 30.34 7.71 16.82
N LYS G 77 30.58 6.94 17.88
CA LYS G 77 31.70 7.20 18.77
C LYS G 77 33.03 7.09 18.02
N THR G 78 34.01 7.87 18.48
CA THR G 78 35.30 7.92 17.79
C THR G 78 36.09 6.64 17.97
N GLU G 79 35.72 5.79 18.93
CA GLU G 79 36.41 4.52 19.08
C GLU G 79 35.96 3.49 18.06
N ALA G 80 35.01 3.83 17.20
CA ALA G 80 34.61 2.98 16.08
C ALA G 80 35.20 3.44 14.76
N ARG G 81 36.18 4.35 14.79
CA ARG G 81 36.79 4.84 13.56
C ARG G 81 37.86 3.91 13.03
N ASP G 82 38.41 3.04 13.86
CA ASP G 82 39.37 2.14 13.23
C ASP G 82 38.66 0.96 12.58
N PRO G 83 39.19 0.46 11.47
CA PRO G 83 38.49 -0.60 10.74
C PRO G 83 38.28 -1.88 11.54
N LEU G 84 39.12 -2.15 12.54
CA LEU G 84 39.03 -3.40 13.27
C LEU G 84 37.95 -3.41 14.35
N VAL G 85 37.32 -2.27 14.62
CA VAL G 85 36.26 -2.17 15.62
C VAL G 85 34.95 -1.86 14.92
N ALA G 86 33.93 -2.66 15.21
CA ALA G 86 32.66 -2.55 14.51
C ALA G 86 31.79 -1.46 15.13
N ALA G 87 31.06 -0.75 14.27
CA ALA G 87 30.04 0.20 14.71
C ALA G 87 28.73 -0.57 14.87
N TYR G 88 28.33 -0.78 16.11
CA TYR G 88 27.29 -1.75 16.39
C TYR G 88 26.56 -1.42 17.69
N PRO G 89 25.25 -1.21 17.65
CA PRO G 89 24.50 -0.87 18.86
C PRO G 89 24.05 -2.09 19.65
N ILE G 90 23.91 -1.89 20.96
CA ILE G 90 23.58 -2.96 21.90
C ILE G 90 22.29 -2.62 22.63
N VAL G 91 21.34 -1.99 21.91
CA VAL G 91 20.10 -1.54 22.50
C VAL G 91 19.44 -2.66 23.31
N GLY G 92 18.91 -2.31 24.48
CA GLY G 92 18.19 -3.24 25.32
C GLY G 92 17.05 -2.54 26.04
N VAL G 93 16.21 -3.33 26.69
CA VAL G 93 14.99 -2.85 27.32
C VAL G 93 15.00 -3.26 28.79
N GLY G 94 14.65 -2.31 29.65
CA GLY G 94 14.48 -2.61 31.07
C GLY G 94 13.16 -2.07 31.57
N MET G 95 12.54 -2.81 32.48
CA MET G 95 11.22 -2.49 32.99
C MET G 95 11.32 -1.86 34.38
N GLU G 96 10.44 -0.90 34.65
CA GLU G 96 10.43 -0.18 35.92
C GLU G 96 9.30 -0.62 36.84
N LYS G 97 8.06 -0.67 36.33
CA LYS G 97 6.94 -1.08 37.17
C LYS G 97 5.81 -1.59 36.29
N LEU G 98 4.93 -2.39 36.91
CA LEU G 98 3.81 -3.01 36.22
C LEU G 98 2.51 -2.63 36.91
N ILE G 99 1.45 -2.46 36.12
CA ILE G 99 0.16 -1.98 36.60
C ILE G 99 -0.90 -2.99 36.22
N ILE G 100 -1.82 -3.27 37.14
CA ILE G 100 -2.90 -4.25 36.95
C ILE G 100 -4.22 -3.50 36.98
N SER G 101 -5.11 -3.85 36.05
CA SER G 101 -6.46 -3.28 35.98
C SER G 101 -7.46 -4.43 36.01
N THR G 102 -8.04 -4.68 37.17
CA THR G 102 -8.91 -5.83 37.35
C THR G 102 -10.24 -5.59 36.64
N ASN G 103 -10.72 -6.60 35.92
CA ASN G 103 -11.81 -6.46 34.95
C ASN G 103 -13.05 -7.18 35.46
N GLU G 104 -13.91 -6.47 36.18
CA GLU G 104 -15.20 -7.01 36.60
C GLU G 104 -16.24 -5.89 36.61
N HIS G 105 -17.50 -6.30 36.54
CA HIS G 105 -18.61 -5.38 36.67
C HIS G 105 -19.05 -5.28 38.12
N ALA G 106 -19.81 -4.23 38.42
CA ALA G 106 -20.28 -3.99 39.78
C ALA G 106 -21.58 -3.19 39.70
N SER G 107 -22.70 -3.86 39.93
CA SER G 107 -24.01 -3.24 39.83
C SER G 107 -24.68 -3.16 41.19
N THR G 108 -25.28 -2.01 41.48
CA THR G 108 -26.06 -1.80 42.70
C THR G 108 -27.45 -1.32 42.30
N ASP G 109 -28.48 -2.00 42.81
CA ASP G 109 -29.86 -1.68 42.46
C ASP G 109 -30.70 -1.58 43.73
N GLN G 110 -31.74 -0.75 43.66
CA GLN G 110 -32.66 -0.57 44.77
C GLN G 110 -34.03 -0.20 44.23
N GLY G 111 -35.06 -0.67 44.92
CA GLY G 111 -36.43 -0.42 44.52
C GLY G 111 -37.27 0.09 45.67
N LYS G 112 -38.55 0.33 45.37
CA LYS G 112 -39.49 0.82 46.38
C LYS G 112 -40.89 0.38 45.95
N THR G 113 -41.39 -0.68 46.57
CA THR G 113 -42.68 -1.26 46.22
C THR G 113 -43.77 -0.70 47.12
N VAL G 114 -44.98 -0.59 46.58
CA VAL G 114 -46.13 -0.09 47.35
C VAL G 114 -47.25 -1.12 47.34
N SER G 161 -50.10 -2.77 51.96
CA SER G 161 -48.92 -3.17 51.21
C SER G 161 -47.87 -2.07 51.21
N ASN G 162 -46.65 -2.43 51.59
CA ASN G 162 -45.52 -1.50 51.62
C ASN G 162 -44.25 -2.30 51.77
N GLY G 163 -43.21 -1.89 51.05
CA GLY G 163 -41.95 -2.60 51.10
C GLY G 163 -40.87 -1.86 50.35
N GLU G 164 -39.66 -2.43 50.40
CA GLU G 164 -38.50 -1.91 49.70
C GLU G 164 -37.65 -3.09 49.22
N SER G 165 -36.48 -2.79 48.67
CA SER G 165 -35.61 -3.83 48.15
C SER G 165 -34.19 -3.30 48.05
N TRP G 166 -33.24 -4.22 47.90
CA TRP G 166 -31.84 -3.88 47.70
C TRP G 166 -31.18 -5.01 46.92
N ASN G 167 -30.06 -4.69 46.28
CA ASN G 167 -29.33 -5.68 45.51
C ASN G 167 -27.92 -5.16 45.24
N THR G 168 -26.97 -6.09 45.12
CA THR G 168 -25.59 -5.76 44.78
C THR G 168 -24.92 -7.00 44.23
N GLY G 169 -24.34 -6.88 43.03
CA GLY G 169 -23.72 -8.00 42.38
C GLY G 169 -22.36 -7.64 41.82
N LEU G 170 -21.62 -8.67 41.43
CA LEU G 170 -20.30 -8.48 40.83
C LEU G 170 -19.99 -9.71 39.97
N SER G 171 -19.89 -9.50 38.66
CA SER G 171 -19.59 -10.57 37.72
C SER G 171 -18.22 -10.34 37.09
N ILE G 172 -17.46 -11.42 36.97
CA ILE G 172 -16.12 -11.35 36.40
C ILE G 172 -15.99 -12.40 35.31
N ASN G 173 -15.11 -12.14 34.35
CA ASN G 173 -14.82 -13.08 33.28
C ASN G 173 -13.53 -13.82 33.60
N LYS G 174 -13.57 -15.14 33.54
CA LYS G 174 -12.44 -15.96 33.93
C LYS G 174 -11.47 -16.23 32.77
N GLY G 175 -11.73 -15.65 31.60
CA GLY G 175 -10.81 -15.79 30.48
C GLY G 175 -9.89 -14.58 30.37
N GLU G 176 -10.45 -13.39 30.53
CA GLU G 176 -9.69 -12.14 30.53
C GLU G 176 -10.10 -11.38 31.79
N SER G 177 -9.46 -11.68 32.91
CA SER G 177 -9.85 -11.13 34.20
C SER G 177 -9.13 -9.84 34.55
N ALA G 178 -8.12 -9.43 33.78
CA ALA G 178 -7.39 -8.22 34.08
C ALA G 178 -6.57 -7.81 32.86
N TYR G 179 -5.97 -6.63 32.96
CA TYR G 179 -5.10 -6.09 31.93
C TYR G 179 -3.81 -5.60 32.59
N ILE G 180 -2.69 -5.83 31.92
CA ILE G 180 -1.38 -5.49 32.47
C ILE G 180 -0.78 -4.34 31.69
N ASN G 181 -0.07 -3.46 32.38
CA ASN G 181 0.57 -2.30 31.80
C ASN G 181 2.02 -2.29 32.28
N ALA G 182 2.96 -2.16 31.34
CA ALA G 182 4.38 -2.20 31.65
C ALA G 182 5.04 -0.87 31.32
N ASN G 183 5.82 -0.35 32.27
CA ASN G 183 6.58 0.87 32.08
C ASN G 183 8.02 0.49 31.77
N VAL G 184 8.43 0.70 30.52
CA VAL G 184 9.74 0.30 30.05
C VAL G 184 10.56 1.53 29.74
N ARG G 185 11.84 1.30 29.46
CA ARG G 185 12.78 2.38 29.14
C ARG G 185 13.99 1.78 28.45
N TYR G 186 14.28 2.23 27.24
CA TYR G 186 15.36 1.65 26.46
C TYR G 186 16.71 2.24 26.87
N TYR G 187 17.79 1.61 26.42
CA TYR G 187 19.12 2.14 26.62
C TYR G 187 20.04 1.59 25.53
N ASN G 188 21.16 2.27 25.33
CA ASN G 188 22.14 1.91 24.32
C ASN G 188 23.52 1.87 24.95
N THR G 189 24.28 0.81 24.68
CA THR G 189 25.63 0.67 25.21
C THR G 189 26.64 0.39 24.10
N GLY G 190 26.28 0.61 22.85
CA GLY G 190 27.16 0.37 21.72
C GLY G 190 27.94 1.60 21.32
N THR G 191 28.42 1.58 20.08
CA THR G 191 29.20 2.68 19.53
C THR G 191 28.48 3.41 18.40
N ALA G 192 27.27 2.99 18.03
CA ALA G 192 26.53 3.61 16.96
C ALA G 192 25.08 3.80 17.40
N PRO G 193 24.40 4.81 16.87
CA PRO G 193 23.00 5.03 17.24
C PRO G 193 22.06 4.12 16.47
N MET G 194 20.86 3.98 17.01
CA MET G 194 19.79 3.21 16.38
C MET G 194 18.61 4.14 16.09
N TYR G 195 18.15 4.14 14.85
CA TYR G 195 16.99 4.91 14.44
C TYR G 195 15.79 3.98 14.30
N LYS G 196 14.63 4.45 14.75
CA LYS G 196 13.38 3.69 14.69
C LYS G 196 13.50 2.40 15.51
N VAL G 197 13.83 2.57 16.79
CA VAL G 197 14.01 1.44 17.69
C VAL G 197 12.67 0.74 17.90
N THR G 198 12.61 -0.55 17.57
CA THR G 198 11.39 -1.35 17.66
C THR G 198 11.71 -2.67 18.36
N PRO G 199 11.86 -2.65 19.69
CA PRO G 199 12.23 -3.87 20.39
C PRO G 199 11.06 -4.84 20.54
N THR G 200 11.40 -6.10 20.81
CA THR G 200 10.44 -7.15 21.09
C THR G 200 10.74 -7.72 22.47
N THR G 201 9.72 -7.81 23.32
CA THR G 201 9.89 -8.17 24.72
C THR G 201 9.03 -9.37 25.08
N ASN G 202 9.42 -10.04 26.16
CA ASN G 202 8.68 -11.19 26.70
C ASN G 202 8.19 -10.85 28.11
N LEU G 203 7.04 -11.40 28.48
CA LEU G 203 6.50 -11.27 29.82
C LEU G 203 6.28 -12.65 30.40
N VAL G 204 7.00 -12.98 31.48
CA VAL G 204 6.91 -14.28 32.12
C VAL G 204 6.44 -14.09 33.56
N LEU G 205 5.46 -14.88 33.98
CA LEU G 205 4.94 -14.76 35.34
C LEU G 205 5.69 -15.67 36.31
N ASP G 206 5.62 -16.98 36.10
CA ASP G 206 6.38 -17.94 36.90
C ASP G 206 7.37 -18.71 36.04
N GLY G 207 6.90 -19.41 35.01
CA GLY G 207 7.75 -20.03 34.02
C GLY G 207 7.05 -19.97 32.68
N ASP G 208 5.97 -19.19 32.63
CA ASP G 208 5.06 -19.15 31.50
C ASP G 208 5.18 -17.79 30.82
N THR G 209 5.49 -17.79 29.54
CA THR G 209 5.57 -16.55 28.77
C THR G 209 4.16 -16.07 28.47
N LEU G 210 3.75 -14.97 29.11
CA LEU G 210 2.38 -14.49 28.95
C LEU G 210 2.13 -14.02 27.52
N SER G 211 3.06 -13.27 26.94
CA SER G 211 2.90 -12.74 25.60
C SER G 211 4.21 -12.12 25.14
N THR G 212 4.41 -12.09 23.83
CA THR G 212 5.52 -11.38 23.21
C THR G 212 4.94 -10.27 22.36
N ILE G 213 5.39 -9.04 22.59
CA ILE G 213 4.82 -7.86 21.94
C ILE G 213 5.94 -7.11 21.24
N LYS G 214 5.76 -6.86 19.95
CA LYS G 214 6.64 -5.99 19.18
C LYS G 214 6.17 -4.54 19.33
N ALA G 215 7.12 -3.62 19.31
CA ALA G 215 6.80 -2.23 19.57
C ALA G 215 5.93 -1.66 18.46
N GLN G 216 4.86 -0.97 18.85
CA GLN G 216 3.94 -0.34 17.91
C GLN G 216 4.45 1.05 17.56
N GLU G 217 3.62 1.84 16.87
CA GLU G 217 4.00 3.21 16.57
C GLU G 217 4.02 4.10 17.81
N ASN G 218 3.31 3.71 18.87
CA ASN G 218 3.32 4.49 20.10
C ASN G 218 4.61 4.32 20.89
N GLN G 219 5.28 3.17 20.75
CA GLN G 219 6.47 2.86 21.53
C GLN G 219 7.70 2.68 20.65
N ILE G 220 7.83 3.50 19.62
CA ILE G 220 9.00 3.50 18.75
C ILE G 220 9.83 4.74 19.09
N GLY G 221 11.14 4.53 19.30
CA GLY G 221 12.04 5.62 19.57
C GLY G 221 12.78 6.01 18.31
N ASN G 222 12.62 7.28 17.91
CA ASN G 222 13.22 7.73 16.66
C ASN G 222 14.74 7.83 16.77
N ASN G 223 15.25 8.26 17.92
CA ASN G 223 16.68 8.47 18.11
C ASN G 223 17.14 7.79 19.38
N LEU G 224 18.30 7.14 19.32
CA LEU G 224 18.91 6.54 20.50
C LEU G 224 20.43 6.56 20.30
N SER G 225 21.07 7.58 20.84
CA SER G 225 22.52 7.70 20.76
C SER G 225 23.19 6.85 21.84
N PRO G 226 24.45 6.47 21.64
CA PRO G 226 25.14 5.72 22.68
C PRO G 226 25.21 6.49 23.98
N GLY G 227 24.98 5.78 25.09
CA GLY G 227 24.97 6.39 26.39
C GLY G 227 23.66 7.04 26.79
N ASP G 228 22.73 7.20 25.87
CA ASP G 228 21.44 7.81 26.15
C ASP G 228 20.39 6.74 26.39
N THR G 229 19.18 7.20 26.71
CA THR G 229 18.02 6.33 26.89
C THR G 229 16.85 6.90 26.12
N TYR G 230 15.75 6.14 26.08
CA TYR G 230 14.51 6.65 25.55
C TYR G 230 13.35 6.17 26.42
N PRO G 231 12.61 7.08 27.06
CA PRO G 231 12.75 8.54 27.06
C PRO G 231 14.03 9.00 27.75
N LYS G 232 14.53 10.19 27.43
CA LYS G 232 15.80 10.64 27.97
C LYS G 232 15.73 10.79 29.48
N LYS G 233 16.90 10.90 30.10
CA LYS G 233 16.99 11.04 31.54
C LYS G 233 16.26 12.32 31.98
N GLY G 234 15.44 12.20 33.02
CA GLY G 234 14.61 13.28 33.49
C GLY G 234 13.16 13.18 33.08
N LEU G 235 12.84 12.34 32.09
CA LEU G 235 11.47 12.11 31.68
C LEU G 235 10.91 10.91 32.42
N SER G 236 9.74 10.44 32.01
CA SER G 236 9.09 9.30 32.63
C SER G 236 9.08 8.11 31.67
N PRO G 237 9.09 6.88 32.19
CA PRO G 237 9.11 5.70 31.32
C PRO G 237 7.85 5.61 30.49
N LEU G 238 7.99 5.05 29.28
CA LEU G 238 6.86 4.88 28.38
C LEU G 238 6.06 3.65 28.75
N ALA G 239 4.78 3.67 28.39
CA ALA G 239 3.84 2.63 28.76
C ALA G 239 3.61 1.69 27.58
N LEU G 240 3.82 0.40 27.81
CA LEU G 240 3.55 -0.64 26.82
C LEU G 240 2.31 -1.40 27.26
N ASN G 241 1.16 -1.07 26.68
CA ASN G 241 -0.09 -1.65 27.14
C ASN G 241 -1.02 -2.06 26.00
N THR G 242 -0.46 -2.40 24.84
CA THR G 242 -1.26 -2.87 23.71
C THR G 242 -0.56 -4.05 23.06
N MET G 243 -1.37 -4.98 22.54
CA MET G 243 -0.86 -6.22 21.98
C MET G 243 -0.94 -6.28 20.46
N ASP G 244 -2.02 -5.77 19.86
CA ASP G 244 -2.23 -5.93 18.43
C ASP G 244 -1.37 -4.92 17.66
N GLN G 245 -1.43 -5.02 16.33
CA GLN G 245 -0.56 -4.22 15.49
C GLN G 245 -0.95 -2.75 15.48
N PHE G 246 -2.23 -2.45 15.62
CA PHE G 246 -2.73 -1.07 15.51
C PHE G 246 -3.03 -0.43 16.85
N SER G 247 -2.59 -1.04 17.96
CA SER G 247 -2.72 -0.47 19.29
C SER G 247 -4.18 -0.21 19.66
N SER G 248 -5.02 -1.23 19.49
CA SER G 248 -6.44 -1.12 19.82
C SER G 248 -6.94 -2.36 20.54
N ARG G 249 -6.08 -3.00 21.33
CA ARG G 249 -6.45 -4.23 22.02
C ARG G 249 -5.48 -4.43 23.16
N LEU G 250 -5.99 -4.52 24.39
CA LEU G 250 -5.15 -4.55 25.57
C LEU G 250 -4.62 -5.97 25.84
N ILE G 251 -3.69 -6.06 26.78
CA ILE G 251 -3.02 -7.31 27.10
C ILE G 251 -3.80 -7.99 28.23
N PRO G 252 -4.43 -9.14 27.98
CA PRO G 252 -5.18 -9.83 29.03
C PRO G 252 -4.34 -10.88 29.75
N ILE G 253 -4.79 -11.21 30.96
CA ILE G 253 -4.21 -12.29 31.75
C ILE G 253 -5.34 -13.17 32.28
N ASN G 254 -4.96 -14.39 32.64
CA ASN G 254 -5.93 -15.38 33.11
C ASN G 254 -6.34 -15.10 34.56
N TYR G 255 -7.42 -15.76 34.97
CA TYR G 255 -7.83 -15.68 36.37
C TYR G 255 -6.85 -16.41 37.28
N ASP G 256 -6.35 -17.56 36.83
CA ASP G 256 -5.31 -18.25 37.58
C ASP G 256 -3.98 -17.52 37.54
N GLN G 257 -3.82 -16.55 36.66
CA GLN G 257 -2.62 -15.71 36.64
C GLN G 257 -2.79 -14.48 37.51
N LEU G 258 -3.96 -13.85 37.50
CA LEU G 258 -4.22 -12.74 38.42
C LEU G 258 -4.23 -13.20 39.87
N LYS G 259 -4.86 -14.34 40.14
CA LYS G 259 -4.93 -14.83 41.52
C LYS G 259 -3.55 -15.19 42.06
N LYS G 260 -2.59 -15.44 41.17
CA LYS G 260 -1.20 -15.65 41.56
C LYS G 260 -0.41 -14.35 41.64
N LEU G 261 -0.71 -13.39 40.75
CA LEU G 261 -0.06 -12.09 40.80
C LEU G 261 -0.39 -11.36 42.09
N ASP G 262 -1.63 -11.46 42.55
CA ASP G 262 -2.04 -10.77 43.77
C ASP G 262 -1.68 -11.54 45.03
N ALA G 263 -1.08 -12.72 44.90
CA ALA G 263 -0.66 -13.52 46.05
C ALA G 263 0.78 -13.25 46.47
N GLY G 264 1.46 -12.29 45.83
CA GLY G 264 2.82 -11.98 46.18
C GLY G 264 3.84 -12.50 45.19
N LYS G 265 3.51 -12.43 43.90
CA LYS G 265 4.39 -12.87 42.84
C LYS G 265 4.60 -11.73 41.85
N GLN G 266 5.80 -11.67 41.28
CA GLN G 266 6.18 -10.61 40.37
C GLN G 266 6.23 -11.13 38.94
N ILE G 267 6.14 -10.19 38.00
CA ILE G 267 6.28 -10.48 36.58
C ILE G 267 7.67 -10.03 36.15
N LYS G 268 8.23 -10.71 35.15
CA LYS G 268 9.57 -10.45 34.66
C LYS G 268 9.53 -10.12 33.17
N LEU G 269 10.38 -9.20 32.75
CA LEU G 269 10.45 -8.78 31.36
C LEU G 269 11.86 -8.99 30.84
N GLU G 270 11.96 -9.57 29.64
CA GLU G 270 13.25 -9.75 28.97
C GLU G 270 13.06 -9.49 27.48
N THR G 271 14.03 -8.80 26.89
CA THR G 271 13.97 -8.47 25.47
C THR G 271 14.65 -9.56 24.65
N THR G 272 14.00 -9.96 23.56
CA THR G 272 14.52 -11.03 22.71
C THR G 272 15.24 -10.51 21.48
N GLN G 273 14.80 -9.38 20.92
CA GLN G 273 15.43 -8.81 19.75
C GLN G 273 15.05 -7.35 19.65
N VAL G 274 15.83 -6.60 18.87
CA VAL G 274 15.58 -5.18 18.62
C VAL G 274 15.82 -4.91 17.15
N SER G 275 14.91 -4.15 16.53
CA SER G 275 15.03 -3.76 15.13
C SER G 275 15.25 -2.26 15.03
N GLY G 276 16.14 -1.87 14.13
CA GLY G 276 16.46 -0.47 13.99
C GLY G 276 17.03 -0.18 12.61
N ASN G 277 17.51 1.06 12.44
CA ASN G 277 18.05 1.51 11.18
C ASN G 277 19.40 2.18 11.39
N PHE G 278 20.08 2.48 10.28
CA PHE G 278 21.32 3.24 10.29
C PHE G 278 21.32 4.21 9.12
N GLY G 279 22.08 5.30 9.26
CA GLY G 279 22.05 6.39 8.31
C GLY G 279 23.20 6.32 7.32
N THR G 280 22.87 6.49 6.04
CA THR G 280 23.85 6.56 4.97
C THR G 280 23.55 7.77 4.10
N LYS G 281 24.45 8.05 3.16
CA LYS G 281 24.33 9.20 2.28
C LYS G 281 23.91 8.74 0.89
N ASN G 282 22.91 9.40 0.33
CA ASN G 282 22.42 9.05 -1.00
C ASN G 282 23.18 9.88 -2.05
N SER G 283 22.69 9.85 -3.30
CA SER G 283 23.40 10.46 -4.40
C SER G 283 23.45 11.99 -4.32
N SER G 284 22.57 12.60 -3.52
CA SER G 284 22.54 14.06 -3.43
C SER G 284 23.44 14.59 -2.31
N GLY G 285 23.43 13.93 -1.16
CA GLY G 285 24.22 14.40 -0.02
C GLY G 285 23.40 14.44 1.25
N GLN G 286 22.21 13.86 1.22
CA GLN G 286 21.34 13.79 2.38
C GLN G 286 21.55 12.47 3.13
N ILE G 287 20.90 12.36 4.28
CA ILE G 287 20.97 11.17 5.11
C ILE G 287 19.66 10.40 4.94
N VAL G 288 19.76 9.13 4.55
CA VAL G 288 18.61 8.27 4.38
C VAL G 288 18.73 7.11 5.35
N THR G 289 17.73 6.93 6.20
CA THR G 289 17.74 5.86 7.20
C THR G 289 16.55 4.92 7.04
N GLU G 290 15.91 4.91 5.87
CA GLU G 290 14.79 4.02 5.61
C GLU G 290 15.24 2.91 4.66
N GLY G 291 14.97 1.67 5.03
CA GLY G 291 15.44 0.53 4.27
C GLY G 291 16.84 0.08 4.60
N ASN G 292 17.43 0.58 5.67
CA ASN G 292 18.78 0.21 6.10
C ASN G 292 18.65 -0.48 7.45
N SER G 293 18.51 -1.80 7.43
CA SER G 293 18.25 -2.56 8.64
C SER G 293 19.53 -3.10 9.26
N TRP G 294 19.60 -3.07 10.59
CA TRP G 294 20.74 -3.63 11.29
C TRP G 294 20.69 -5.16 11.32
N SER G 295 19.51 -5.73 11.13
CA SER G 295 19.35 -7.18 11.16
C SER G 295 20.11 -7.86 10.03
N ASP G 296 20.43 -7.13 8.96
CA ASP G 296 21.23 -7.70 7.89
C ASP G 296 22.69 -7.82 8.26
N TYR G 297 23.15 -7.09 9.28
CA TYR G 297 24.55 -7.09 9.67
C TYR G 297 24.78 -7.67 11.05
N ILE G 298 23.72 -7.97 11.79
CA ILE G 298 23.90 -8.53 13.14
C ILE G 298 24.61 -9.87 13.07
N SER G 299 24.12 -10.78 12.23
CA SER G 299 24.70 -12.12 12.16
C SER G 299 26.06 -12.12 11.48
N GLN G 300 26.24 -11.28 10.46
CA GLN G 300 27.51 -11.19 9.77
C GLN G 300 28.60 -10.58 10.63
N ILE G 301 28.24 -9.83 11.66
CA ILE G 301 29.20 -9.22 12.57
C ILE G 301 29.47 -10.11 13.77
N ASP G 302 28.44 -10.75 14.31
CA ASP G 302 28.63 -11.61 15.47
C ASP G 302 29.47 -12.84 15.18
N SER G 303 29.61 -13.21 13.90
CA SER G 303 30.28 -14.46 13.54
C SER G 303 31.77 -14.31 13.28
N ILE G 304 32.29 -13.09 13.22
CA ILE G 304 33.71 -12.88 12.92
C ILE G 304 34.34 -11.97 13.97
N SER G 305 33.71 -11.86 15.14
CA SER G 305 34.14 -10.91 16.14
C SER G 305 34.10 -11.54 17.52
N ALA G 306 34.83 -10.94 18.45
CA ALA G 306 34.80 -11.30 19.86
C ALA G 306 34.15 -10.19 20.66
N SER G 307 33.56 -10.55 21.79
CA SER G 307 32.80 -9.62 22.61
C SER G 307 33.61 -9.20 23.82
N ILE G 308 33.75 -7.89 24.02
CA ILE G 308 34.43 -7.32 25.18
C ILE G 308 33.45 -6.40 25.87
N ILE G 309 33.25 -6.61 27.18
CA ILE G 309 32.31 -5.84 27.96
C ILE G 309 33.05 -5.26 29.15
N LEU G 310 33.30 -3.96 29.13
CA LEU G 310 33.90 -3.25 30.26
C LEU G 310 32.78 -2.70 31.12
N ASP G 311 32.70 -3.17 32.36
CA ASP G 311 31.62 -2.83 33.28
C ASP G 311 32.18 -1.96 34.40
N THR G 312 32.23 -0.65 34.16
CA THR G 312 32.60 0.29 35.20
C THR G 312 31.40 0.58 36.08
N GLU G 313 31.52 1.57 36.96
CA GLU G 313 30.43 1.88 37.87
C GLU G 313 29.49 2.92 37.26
N ASN G 314 28.19 2.71 37.46
CA ASN G 314 27.08 3.50 36.91
C ASN G 314 27.11 3.58 35.39
N GLU G 315 27.90 2.75 34.73
CA GLU G 315 27.98 2.78 33.27
C GLU G 315 28.53 1.45 32.78
N SER G 316 28.10 1.05 31.58
CA SER G 316 28.53 -0.20 30.98
C SER G 316 28.80 0.01 29.50
N TYR G 317 29.76 -0.74 28.97
CA TYR G 317 30.15 -0.69 27.58
C TYR G 317 30.23 -2.09 27.00
N GLU G 318 29.86 -2.24 25.74
CA GLU G 318 29.96 -3.51 25.05
C GLU G 318 30.50 -3.27 23.65
N ARG G 319 31.49 -4.06 23.23
CA ARG G 319 32.18 -3.83 21.98
C ARG G 319 32.39 -5.16 21.24
N ARG G 320 32.60 -5.05 19.93
CA ARG G 320 32.94 -6.18 19.08
C ARG G 320 34.23 -5.86 18.33
N VAL G 321 35.20 -6.76 18.43
CA VAL G 321 36.51 -6.58 17.78
C VAL G 321 36.72 -7.72 16.81
N THR G 322 37.12 -7.40 15.58
CA THR G 322 37.28 -8.41 14.55
C THR G 322 38.46 -9.32 14.86
N ALA G 323 38.23 -10.62 14.76
CA ALA G 323 39.26 -11.62 15.00
C ALA G 323 39.78 -12.14 13.66
N LYS G 324 40.65 -13.15 13.72
CA LYS G 324 41.26 -13.73 12.54
C LYS G 324 41.17 -15.25 12.62
N ASN G 325 40.84 -15.88 11.49
CA ASN G 325 40.79 -17.34 11.40
C ASN G 325 42.14 -17.85 10.90
N LEU G 326 42.79 -18.69 11.70
CA LEU G 326 44.08 -19.23 11.30
C LEU G 326 43.96 -20.43 10.38
N GLN G 327 42.77 -21.03 10.28
CA GLN G 327 42.57 -22.14 9.35
C GLN G 327 42.55 -21.65 7.91
N ASP G 328 41.87 -20.55 7.64
CA ASP G 328 41.77 -20.02 6.28
C ASP G 328 43.04 -19.27 5.92
N PRO G 329 43.77 -19.70 4.87
CA PRO G 329 44.98 -18.96 4.47
C PRO G 329 44.69 -17.66 3.74
N GLU G 330 43.45 -17.43 3.31
CA GLU G 330 43.08 -16.21 2.61
C GLU G 330 42.39 -15.19 3.50
N ASP G 331 42.41 -15.40 4.82
CA ASP G 331 41.87 -14.43 5.77
C ASP G 331 43.00 -13.51 6.17
N LYS G 332 43.02 -12.32 5.57
CA LYS G 332 44.10 -11.36 5.78
C LYS G 332 43.79 -10.36 6.88
N THR G 333 42.87 -10.69 7.78
CA THR G 333 42.56 -9.79 8.90
C THR G 333 43.76 -9.70 9.83
N PRO G 334 44.16 -8.50 10.25
CA PRO G 334 45.34 -8.36 11.10
C PRO G 334 45.17 -9.10 12.42
N GLU G 335 46.29 -9.69 12.88
CA GLU G 335 46.28 -10.37 14.17
C GLU G 335 46.26 -9.35 15.30
N LEU G 336 45.68 -9.75 16.43
CA LEU G 336 45.58 -8.89 17.59
C LEU G 336 45.62 -9.74 18.85
N THR G 337 46.23 -9.19 19.90
CA THR G 337 46.18 -9.78 21.22
C THR G 337 45.09 -9.10 22.04
N ILE G 338 44.82 -9.67 23.22
CA ILE G 338 43.74 -9.15 24.05
C ILE G 338 44.04 -7.74 24.53
N GLY G 339 45.31 -7.43 24.79
CA GLY G 339 45.67 -6.08 25.21
C GLY G 339 45.37 -5.06 24.14
N GLU G 340 45.74 -5.36 22.89
CA GLU G 340 45.46 -4.44 21.80
C GLU G 340 43.96 -4.35 21.52
N ALA G 341 43.24 -5.47 21.68
CA ALA G 341 41.79 -5.42 21.51
C ALA G 341 41.13 -4.52 22.55
N ILE G 342 41.58 -4.62 23.81
CA ILE G 342 41.02 -3.77 24.85
C ILE G 342 41.40 -2.31 24.62
N GLU G 343 42.62 -2.07 24.16
CA GLU G 343 43.04 -0.70 23.87
C GLU G 343 42.21 -0.09 22.74
N LYS G 344 41.96 -0.86 21.68
CA LYS G 344 41.25 -0.32 20.52
C LYS G 344 39.77 -0.16 20.79
N ALA G 345 39.15 -1.15 21.46
CA ALA G 345 37.70 -1.14 21.63
C ALA G 345 37.24 0.02 22.49
N PHE G 346 37.93 0.30 23.59
CA PHE G 346 37.48 1.29 24.55
C PHE G 346 38.26 2.60 24.48
N GLY G 347 39.18 2.73 23.53
CA GLY G 347 39.93 3.97 23.39
C GLY G 347 40.79 4.31 24.58
N ALA G 348 41.48 3.31 25.14
CA ALA G 348 42.38 3.54 26.26
C ALA G 348 43.76 3.93 25.77
N THR G 349 44.43 4.77 26.54
CA THR G 349 45.76 5.27 26.22
C THR G 349 46.77 4.76 27.24
N LYS G 350 47.90 4.27 26.75
CA LYS G 350 48.95 3.79 27.65
C LYS G 350 49.62 4.94 28.37
N LYS G 351 49.98 4.71 29.63
CA LYS G 351 50.72 5.69 30.42
C LYS G 351 52.18 5.27 30.59
N ASP G 352 52.42 4.06 31.10
CA ASP G 352 53.76 3.50 31.22
C ASP G 352 53.74 2.05 30.79
N GLY G 353 53.06 1.76 29.68
CA GLY G 353 52.81 0.39 29.27
C GLY G 353 51.56 -0.22 29.87
N LEU G 354 50.83 0.52 30.69
CA LEU G 354 49.60 0.04 31.32
C LEU G 354 48.43 0.87 30.80
N LEU G 355 47.36 0.19 30.38
CA LEU G 355 46.21 0.86 29.81
C LEU G 355 45.38 1.54 30.88
N TYR G 356 44.96 2.78 30.60
CA TYR G 356 44.06 3.53 31.46
C TYR G 356 42.87 3.98 30.64
N PHE G 357 41.66 3.75 31.16
CA PHE G 357 40.46 4.09 30.41
C PHE G 357 40.30 5.61 30.33
N ASN G 358 40.04 6.25 31.47
CA ASN G 358 40.19 7.69 31.60
C ASN G 358 41.18 8.05 32.71
N ASP G 359 40.93 7.56 33.93
CA ASP G 359 41.93 7.57 35.00
C ASP G 359 42.00 6.26 35.76
N ILE G 360 40.95 5.44 35.76
CA ILE G 360 40.93 4.17 36.47
C ILE G 360 41.76 3.15 35.68
N PRO G 361 42.59 2.36 36.35
CA PRO G 361 43.39 1.36 35.63
C PRO G 361 42.53 0.20 35.15
N ILE G 362 42.83 -0.28 33.94
CA ILE G 362 42.17 -1.45 33.38
C ILE G 362 43.17 -2.56 33.05
N ASP G 363 44.36 -2.50 33.66
CA ASP G 363 45.35 -3.55 33.45
C ASP G 363 44.85 -4.86 34.05
N GLU G 364 45.35 -5.97 33.50
CA GLU G 364 44.84 -7.29 33.85
C GLU G 364 44.97 -7.61 35.34
N SER G 365 45.88 -6.94 36.04
CA SER G 365 46.04 -7.16 37.47
C SER G 365 45.23 -6.20 38.32
N CYS G 366 44.79 -5.07 37.76
CA CYS G 366 44.00 -4.09 38.48
C CYS G 366 42.50 -4.24 38.27
N VAL G 367 42.07 -5.23 37.49
CA VAL G 367 40.65 -5.49 37.25
C VAL G 367 40.41 -6.98 37.33
N GLU G 368 39.13 -7.35 37.34
CA GLU G 368 38.71 -8.75 37.41
C GLU G 368 38.14 -9.16 36.06
N LEU G 369 38.74 -10.18 35.46
CA LEU G 369 38.30 -10.70 34.17
C LEU G 369 37.42 -11.93 34.40
N ILE G 370 36.29 -11.99 33.70
CA ILE G 370 35.36 -13.10 33.79
C ILE G 370 35.12 -13.64 32.39
N PHE G 371 35.35 -14.94 32.21
CA PHE G 371 35.10 -15.62 30.94
C PHE G 371 34.07 -16.72 31.16
N ASP G 372 33.56 -17.26 30.06
CA ASP G 372 32.74 -18.45 30.11
C ASP G 372 33.64 -19.68 30.00
N ASP G 373 33.03 -20.86 30.01
CA ASP G 373 33.80 -22.10 29.98
C ASP G 373 34.63 -22.22 28.71
N ASN G 374 34.03 -21.89 27.56
CA ASN G 374 34.72 -22.05 26.29
C ASN G 374 35.96 -21.14 26.22
N THR G 375 35.78 -19.85 26.55
CA THR G 375 36.91 -18.93 26.50
C THR G 375 37.97 -19.30 27.54
N ALA G 376 37.54 -19.73 28.73
CA ALA G 376 38.50 -20.13 29.75
C ALA G 376 39.34 -21.31 29.29
N ASN G 377 38.70 -22.31 28.67
CA ASN G 377 39.45 -23.45 28.15
C ASN G 377 40.37 -23.04 26.99
N LYS G 378 39.89 -22.14 26.13
CA LYS G 378 40.69 -21.69 25.00
C LYS G 378 41.84 -20.78 25.43
N ILE G 379 41.77 -20.21 26.63
CA ILE G 379 42.83 -19.31 27.09
C ILE G 379 43.76 -19.98 28.11
N LYS G 380 43.36 -21.07 28.74
CA LYS G 380 44.22 -21.75 29.69
C LYS G 380 45.29 -22.61 29.04
N ASP G 381 45.17 -22.89 27.73
CA ASP G 381 46.16 -23.69 27.03
C ASP G 381 47.16 -22.85 26.24
N SER G 382 46.83 -21.61 25.91
CA SER G 382 47.77 -20.72 25.26
C SER G 382 48.66 -19.98 26.25
N LEU G 383 48.34 -20.02 27.54
CA LEU G 383 49.16 -19.33 28.53
C LEU G 383 50.46 -20.07 28.79
N LYS G 384 50.42 -21.40 28.80
CA LYS G 384 51.62 -22.18 29.09
C LYS G 384 52.68 -21.99 28.01
N THR G 385 52.27 -21.89 26.76
CA THR G 385 53.20 -21.71 25.65
C THR G 385 53.44 -20.22 25.39
N LEU G 386 53.93 -19.54 26.42
CA LEU G 386 54.22 -18.12 26.32
C LEU G 386 55.41 -17.80 27.21
N SER G 387 56.08 -16.68 26.91
CA SER G 387 57.26 -16.26 27.66
C SER G 387 56.90 -15.37 28.85
N ASP G 388 55.92 -14.49 28.69
CA ASP G 388 55.50 -13.61 29.76
C ASP G 388 54.33 -14.16 30.58
N LYS G 389 53.61 -15.13 30.05
CA LYS G 389 52.48 -15.74 30.74
C LYS G 389 51.45 -14.70 31.17
N LYS G 390 51.18 -13.74 30.29
CA LYS G 390 50.22 -12.68 30.54
C LYS G 390 48.92 -12.97 29.79
N ILE G 391 47.80 -12.67 30.44
CA ILE G 391 46.49 -12.86 29.80
C ILE G 391 46.35 -11.91 28.62
N TYR G 392 46.85 -10.68 28.76
CA TYR G 392 46.72 -9.68 27.71
C TYR G 392 47.61 -9.97 26.51
N ASN G 393 48.51 -10.94 26.60
CA ASN G 393 49.39 -11.30 25.49
C ASN G 393 48.89 -12.48 24.69
N VAL G 394 47.68 -12.97 24.97
CA VAL G 394 47.11 -14.10 24.25
C VAL G 394 46.44 -13.60 22.97
N LYS G 395 46.58 -14.38 21.90
CA LYS G 395 45.97 -14.00 20.63
C LYS G 395 44.45 -14.04 20.71
N LEU G 396 43.81 -13.06 20.11
CA LEU G 396 42.36 -12.98 20.08
C LEU G 396 41.80 -13.93 19.02
N GLU G 397 40.71 -14.62 19.37
CA GLU G 397 40.06 -15.54 18.46
C GLU G 397 38.55 -15.31 18.51
N ARG G 398 37.88 -15.76 17.45
CA ARG G 398 36.43 -15.59 17.36
C ARG G 398 35.71 -16.38 18.45
N GLY G 399 34.69 -15.76 19.03
CA GLY G 399 33.85 -16.41 20.01
C GLY G 399 34.20 -16.13 21.46
N MET G 400 35.15 -15.26 21.74
CA MET G 400 35.50 -14.95 23.11
C MET G 400 34.44 -14.06 23.75
N ASN G 401 34.35 -14.15 25.07
CA ASN G 401 33.33 -13.44 25.85
C ASN G 401 33.95 -12.78 27.07
N ILE G 402 35.05 -12.06 26.86
CA ILE G 402 35.76 -11.42 27.97
C ILE G 402 34.88 -10.32 28.57
N LEU G 403 34.78 -10.31 29.90
CA LEU G 403 34.04 -9.30 30.63
C LEU G 403 34.96 -8.71 31.68
N ILE G 404 35.11 -7.38 31.68
CA ILE G 404 36.03 -6.67 32.56
C ILE G 404 35.22 -5.94 33.62
N LYS G 405 35.62 -6.12 34.88
CA LYS G 405 34.96 -5.46 36.01
C LYS G 405 35.99 -4.70 36.82
N THR G 406 35.74 -3.41 37.02
CA THR G 406 36.66 -2.57 37.80
C THR G 406 36.38 -2.70 39.29
N PRO G 407 37.39 -2.50 40.13
CA PRO G 407 37.18 -2.62 41.57
C PRO G 407 36.28 -1.52 42.11
N THR G 408 35.63 -1.82 43.23
CA THR G 408 34.75 -0.86 43.90
C THR G 408 35.53 0.34 44.40
CA CA H . 33.18 -21.62 -16.06
CA CA I . 29.95 -23.53 -12.90
CA CA J . 13.91 -20.70 -34.45
CA CA K . 9.95 -22.16 -31.99
CA CA L . -1.00 0.29 -42.45
CA CA M . -4.93 -0.34 -40.06
CA CA N . -0.09 25.60 -33.72
CA CA O . -3.57 25.80 -30.78
CA CA P . 15.95 36.48 -15.00
CA CA Q . 13.11 36.47 -11.36
CA CA R . 34.83 24.37 -0.31
CA CA S . 32.54 23.54 3.77
CA CA T . 42.49 -1.35 -0.61
CA CA U . 40.19 -3.12 3.02
#